data_3COS
#
_entry.id   3COS
#
_cell.length_a   67.299
_cell.length_b   160.919
_cell.length_c   88.739
_cell.angle_alpha   90.00
_cell.angle_beta   111.64
_cell.angle_gamma   90.00
#
_symmetry.space_group_name_H-M   'P 1 21 1'
#
loop_
_entity.id
_entity.type
_entity.pdbx_description
1 polymer 'Alcohol dehydrogenase 4'
2 non-polymer 'ZINC ION'
3 non-polymer NICOTINAMIDE-ADENINE-DINUCLEOTIDE
4 non-polymer 1,2-ETHANEDIOL
5 non-polymer 'ACETIC ACID'
6 water water
#
_entity_poly.entity_id   1
_entity_poly.type   'polypeptide(L)'
_entity_poly.pdbx_seq_one_letter_code
;SMGTKGKVIKCKAAIAWEAGKPLCIEEVEVAPPKAHEVRIQIIATSLCHTDATVIDSKFEGLAFPVIVGHEAAGIVESIG
PGVTNVKPGDKVIPLYAPLCRKCKFCLSPLTNLCGKISNLKSPASDQQLMEDKTSRFTCKGKPVYHFFGTSTFSQYTVVS
DINLAKIDDDANLERVCLLGCGFSTGYGAAINNAKVTPGSTCAVFGLGGVGLSAVMGCKAAGASRIIGIDINSEKFVKAK
ALGATDCLNPRDLHKPIQEVIIELTKGGVDFALDCAGGSETMKAALDCTTAGWGSCTFIGVAAGSKGLTVFPEELIIGRT
INGTFFGGWKSVDSIPKLVTDYKNKKFNLDALVTHTLPFDKISEAFDLMNQGKSIRTILIF
;
_entity_poly.pdbx_strand_id   A,B,C,D
#
# COMPACT_ATOMS: atom_id res chain seq x y z
N GLY A 3 -31.77 -14.93 46.63
CA GLY A 3 -30.75 -13.92 46.22
C GLY A 3 -29.59 -14.52 45.43
N THR A 4 -29.24 -13.87 44.32
CA THR A 4 -28.07 -14.29 43.54
C THR A 4 -26.80 -13.56 43.96
N LYS A 5 -26.92 -12.59 44.87
CA LYS A 5 -25.78 -11.83 45.35
C LYS A 5 -24.71 -12.74 45.98
N GLY A 6 -23.48 -12.63 45.47
CA GLY A 6 -22.37 -13.45 45.93
C GLY A 6 -22.35 -14.86 45.35
N LYS A 7 -23.33 -15.19 44.51
CA LYS A 7 -23.48 -16.54 43.98
C LYS A 7 -23.11 -16.58 42.50
N VAL A 8 -22.65 -17.73 42.03
CA VAL A 8 -22.52 -18.00 40.60
C VAL A 8 -23.91 -18.03 39.98
N ILE A 9 -24.07 -17.36 38.84
CA ILE A 9 -25.32 -17.39 38.07
C ILE A 9 -25.14 -18.27 36.84
N LYS A 10 -26.09 -19.19 36.63
CA LYS A 10 -26.17 -19.99 35.41
C LYS A 10 -27.20 -19.33 34.49
N CYS A 11 -26.79 -19.08 33.24
CA CYS A 11 -27.64 -18.42 32.26
C CYS A 11 -27.23 -18.79 30.85
N LYS A 12 -27.97 -18.27 29.86
CA LYS A 12 -27.65 -18.49 28.45
C LYS A 12 -26.71 -17.39 27.95
N ALA A 13 -25.80 -17.79 27.07
CA ALA A 13 -24.95 -16.87 26.32
C ALA A 13 -24.70 -17.43 24.93
N ALA A 14 -24.44 -16.55 23.97
CA ALA A 14 -23.97 -16.92 22.64
C ALA A 14 -22.43 -16.92 22.60
N ILE A 15 -21.84 -18.09 22.37
CA ILE A 15 -20.38 -18.27 22.39
C ILE A 15 -19.84 -18.51 20.98
N ALA A 16 -18.76 -17.80 20.65
CA ALA A 16 -17.94 -18.12 19.50
C ALA A 16 -16.83 -19.05 19.98
N TRP A 17 -16.91 -20.31 19.57
CA TRP A 17 -15.94 -21.34 19.96
C TRP A 17 -14.63 -21.22 19.17
N GLU A 18 -14.73 -20.76 17.93
CA GLU A 18 -13.57 -20.53 17.07
C GLU A 18 -13.94 -19.53 15.98
N ALA A 19 -12.92 -18.98 15.31
CA ALA A 19 -13.12 -17.98 14.26
C ALA A 19 -13.84 -18.60 13.05
N GLY A 20 -14.67 -17.80 12.41
CA GLY A 20 -15.30 -18.17 11.14
C GLY A 20 -16.47 -19.14 11.25
N LYS A 21 -16.99 -19.36 12.46
CA LYS A 21 -18.14 -20.24 12.67
C LYS A 21 -19.30 -19.46 13.28
N PRO A 22 -20.56 -19.89 13.02
CA PRO A 22 -21.67 -19.25 13.70
C PRO A 22 -21.62 -19.38 15.23
N LEU A 23 -22.26 -18.44 15.93
CA LEU A 23 -22.33 -18.48 17.39
C LEU A 23 -23.22 -19.63 17.85
N CYS A 24 -22.94 -20.13 19.05
CA CYS A 24 -23.72 -21.21 19.65
C CYS A 24 -24.29 -20.77 20.98
N ILE A 25 -25.59 -20.95 21.17
CA ILE A 25 -26.24 -20.71 22.45
C ILE A 25 -25.81 -21.80 23.43
N GLU A 26 -25.22 -21.39 24.55
CA GLU A 26 -24.72 -22.33 25.54
C GLU A 26 -25.18 -21.89 26.92
N GLU A 27 -25.16 -22.80 27.87
CA GLU A 27 -25.31 -22.44 29.27
C GLU A 27 -23.94 -22.11 29.82
N VAL A 28 -23.82 -20.95 30.44
CA VAL A 28 -22.58 -20.50 31.03
C VAL A 28 -22.76 -20.22 32.52
N GLU A 29 -21.65 -20.25 33.25
CA GLU A 29 -21.62 -19.81 34.64
C GLU A 29 -20.96 -18.44 34.69
N VAL A 30 -21.66 -17.47 35.31
CA VAL A 30 -21.15 -16.13 35.50
C VAL A 30 -20.82 -15.92 36.99
N ALA A 31 -19.52 -15.71 37.27
CA ALA A 31 -19.00 -15.55 38.62
C ALA A 31 -19.42 -14.21 39.22
N PRO A 32 -19.48 -14.12 40.57
CA PRO A 32 -19.84 -12.85 41.16
C PRO A 32 -18.77 -11.77 40.87
N PRO A 33 -19.16 -10.48 40.93
CA PRO A 33 -18.20 -9.42 40.66
C PRO A 33 -17.16 -9.28 41.79
N LYS A 34 -15.91 -9.05 41.42
CA LYS A 34 -14.85 -8.82 42.41
C LYS A 34 -14.74 -7.32 42.65
N ALA A 35 -13.69 -6.88 43.34
CA ALA A 35 -13.49 -5.46 43.63
C ALA A 35 -13.60 -4.61 42.36
N HIS A 36 -14.34 -3.51 42.44
CA HIS A 36 -14.50 -2.57 41.32
C HIS A 36 -15.13 -3.21 40.09
N GLU A 37 -16.03 -4.16 40.29
CA GLU A 37 -16.80 -4.78 39.21
C GLU A 37 -18.30 -4.79 39.51
N VAL A 38 -19.08 -4.88 38.43
CA VAL A 38 -20.54 -4.83 38.47
C VAL A 38 -21.10 -5.96 37.61
N ARG A 39 -21.97 -6.77 38.19
CA ARG A 39 -22.68 -7.78 37.42
C ARG A 39 -24.02 -7.22 36.95
N ILE A 40 -24.25 -7.28 35.64
CA ILE A 40 -25.38 -6.65 35.00
C ILE A 40 -26.26 -7.70 34.36
N GLN A 41 -27.56 -7.60 34.58
CA GLN A 41 -28.54 -8.36 33.82
C GLN A 41 -28.85 -7.60 32.54
N ILE A 42 -28.44 -8.16 31.40
CA ILE A 42 -28.70 -7.56 30.10
C ILE A 42 -30.19 -7.76 29.78
N ILE A 43 -30.87 -6.66 29.43
CA ILE A 43 -32.29 -6.71 29.06
C ILE A 43 -32.44 -6.72 27.52
N ALA A 44 -31.71 -5.84 26.84
CA ALA A 44 -31.76 -5.77 25.39
C ALA A 44 -30.35 -5.50 24.88
N THR A 45 -30.00 -6.16 23.78
CA THR A 45 -28.71 -5.97 23.14
C THR A 45 -28.89 -6.00 21.61
N SER A 46 -28.10 -5.22 20.89
CA SER A 46 -28.16 -5.20 19.43
C SER A 46 -26.84 -5.60 18.83
N LEU A 47 -26.87 -5.89 17.53
CA LEU A 47 -25.71 -6.35 16.80
C LEU A 47 -25.07 -5.19 16.02
N CYS A 48 -23.79 -4.96 16.29
CA CYS A 48 -22.94 -4.05 15.51
C CYS A 48 -22.06 -4.90 14.58
N HIS A 49 -21.68 -4.35 13.42
CA HIS A 49 -20.86 -5.09 12.46
C HIS A 49 -19.52 -5.53 13.07
N THR A 50 -19.00 -4.75 14.02
CA THR A 50 -17.77 -5.09 14.72
C THR A 50 -17.84 -6.47 15.38
N ASP A 51 -19.01 -6.86 15.91
CA ASP A 51 -19.19 -8.18 16.52
C ASP A 51 -18.93 -9.31 15.52
N ALA A 52 -19.34 -9.11 14.27
CA ALA A 52 -19.09 -10.05 13.18
C ALA A 52 -17.63 -9.99 12.70
N THR A 53 -17.08 -8.80 12.59
CA THR A 53 -15.70 -8.62 12.13
C THR A 53 -14.66 -9.35 12.99
N VAL A 54 -14.78 -9.22 14.31
CA VAL A 54 -13.75 -9.75 15.22
C VAL A 54 -13.72 -11.29 15.29
N ILE A 55 -14.81 -11.93 14.89
CA ILE A 55 -14.87 -13.39 14.86
C ILE A 55 -14.64 -13.99 13.45
N ASP A 56 -14.37 -13.13 12.47
CA ASP A 56 -14.03 -13.53 11.11
C ASP A 56 -12.65 -14.20 11.16
N SER A 57 -12.44 -15.18 10.28
CA SER A 57 -11.17 -15.90 10.20
C SER A 57 -9.99 -15.02 9.77
N LYS A 58 -10.30 -13.91 9.08
CA LYS A 58 -9.30 -12.96 8.62
C LYS A 58 -8.87 -11.96 9.71
N PHE A 59 -9.67 -11.81 10.77
CA PHE A 59 -9.29 -10.96 11.90
C PHE A 59 -8.20 -11.67 12.73
N GLU A 60 -7.19 -10.93 13.17
CA GLU A 60 -6.11 -11.49 13.98
C GLU A 60 -6.06 -10.88 15.38
N GLY A 61 -5.73 -11.71 16.38
CA GLY A 61 -5.53 -11.24 17.75
C GLY A 61 -6.66 -11.44 18.74
N LEU A 62 -7.78 -12.04 18.33
CA LEU A 62 -8.86 -12.35 19.28
C LEU A 62 -8.69 -13.75 19.87
N ALA A 63 -8.83 -13.84 21.19
CA ALA A 63 -8.77 -15.11 21.90
C ALA A 63 -10.15 -15.75 21.95
N PHE A 64 -10.18 -17.05 21.68
CA PHE A 64 -11.40 -17.88 21.72
C PHE A 64 -11.26 -18.93 22.82
N PRO A 65 -12.40 -19.46 23.34
CA PRO A 65 -13.77 -19.07 23.06
C PRO A 65 -14.12 -17.71 23.67
N VAL A 66 -15.10 -17.04 23.08
CA VAL A 66 -15.42 -15.67 23.46
C VAL A 66 -16.92 -15.36 23.37
N ILE A 67 -17.37 -14.51 24.28
CA ILE A 67 -18.72 -13.95 24.21
C ILE A 67 -18.60 -12.49 23.76
N VAL A 68 -19.10 -12.21 22.56
CA VAL A 68 -19.02 -10.88 21.99
C VAL A 68 -20.27 -10.11 22.38
N GLY A 69 -20.57 -9.02 21.67
CA GLY A 69 -21.65 -8.13 22.03
C GLY A 69 -21.14 -6.95 22.84
N HIS A 70 -21.44 -5.74 22.39
CA HIS A 70 -21.01 -4.53 23.09
C HIS A 70 -22.03 -3.38 23.07
N GLU A 71 -23.22 -3.64 22.55
CA GLU A 71 -24.25 -2.63 22.36
C GLU A 71 -25.49 -3.13 23.11
N ALA A 72 -25.67 -2.66 24.35
CA ALA A 72 -26.72 -3.17 25.24
C ALA A 72 -27.19 -2.17 26.30
N ALA A 73 -28.28 -2.53 26.95
CA ALA A 73 -28.75 -1.83 28.14
C ALA A 73 -29.30 -2.87 29.13
N GLY A 74 -29.09 -2.60 30.41
CA GLY A 74 -29.49 -3.55 31.44
C GLY A 74 -29.75 -2.95 32.81
N ILE A 75 -29.83 -3.85 33.77
CA ILE A 75 -30.10 -3.51 35.16
C ILE A 75 -28.99 -4.11 36.03
N VAL A 76 -28.48 -3.34 36.98
CA VAL A 76 -27.45 -3.87 37.88
C VAL A 76 -28.02 -4.94 38.80
N GLU A 77 -27.41 -6.13 38.75
CA GLU A 77 -27.79 -7.23 39.61
C GLU A 77 -27.02 -7.17 40.95
N SER A 78 -25.72 -6.90 40.87
CA SER A 78 -24.87 -6.78 42.07
C SER A 78 -23.59 -6.03 41.80
N ILE A 79 -22.98 -5.54 42.88
CA ILE A 79 -21.76 -4.75 42.82
C ILE A 79 -20.67 -5.39 43.69
N GLY A 80 -19.43 -5.26 43.26
CA GLY A 80 -18.30 -5.76 44.03
C GLY A 80 -17.83 -4.75 45.06
N PRO A 81 -16.87 -5.15 45.92
CA PRO A 81 -16.22 -4.27 46.91
C PRO A 81 -15.67 -2.97 46.33
N GLY A 82 -15.94 -1.85 47.01
CA GLY A 82 -15.40 -0.54 46.59
C GLY A 82 -16.21 0.21 45.54
N VAL A 83 -17.24 -0.43 44.97
CA VAL A 83 -18.08 0.18 43.93
C VAL A 83 -19.01 1.19 44.60
N THR A 84 -18.99 2.44 44.13
CA THR A 84 -19.86 3.48 44.66
C THR A 84 -20.73 4.20 43.60
N ASN A 85 -20.54 3.90 42.32
CA ASN A 85 -21.16 4.67 41.22
C ASN A 85 -22.54 4.13 40.77
N VAL A 86 -22.81 2.87 41.13
CA VAL A 86 -24.10 2.24 40.86
C VAL A 86 -24.49 1.34 42.04
N LYS A 87 -25.75 0.96 42.09
CA LYS A 87 -26.25 0.01 43.08
C LYS A 87 -27.21 -0.97 42.39
N PRO A 88 -27.52 -2.10 43.05
CA PRO A 88 -28.52 -3.01 42.48
C PRO A 88 -29.83 -2.33 42.05
N GLY A 89 -30.32 -2.65 40.86
CA GLY A 89 -31.56 -2.06 40.36
C GLY A 89 -31.37 -0.88 39.41
N ASP A 90 -30.20 -0.25 39.43
CA ASP A 90 -29.93 0.89 38.54
C ASP A 90 -29.97 0.43 37.09
N LYS A 91 -30.54 1.26 36.22
CA LYS A 91 -30.41 1.04 34.78
C LYS A 91 -29.05 1.51 34.32
N VAL A 92 -28.40 0.69 33.50
CA VAL A 92 -27.02 0.95 33.02
C VAL A 92 -26.82 0.59 31.55
N ILE A 93 -25.84 1.25 30.94
CA ILE A 93 -25.35 0.93 29.63
C ILE A 93 -23.88 0.52 29.78
N PRO A 94 -23.56 -0.73 29.45
CA PRO A 94 -22.16 -1.17 29.46
C PRO A 94 -21.36 -0.39 28.39
N LEU A 95 -20.12 -0.07 28.71
CA LEU A 95 -19.27 0.78 27.87
C LEU A 95 -17.96 0.08 27.53
N TYR A 96 -17.68 -0.07 26.24
CA TYR A 96 -16.40 -0.62 25.79
C TYR A 96 -15.28 0.40 25.87
N ALA A 97 -15.67 1.68 25.86
CA ALA A 97 -14.74 2.78 25.99
C ALA A 97 -14.76 3.17 27.46
N PRO A 98 -13.70 2.82 28.22
CA PRO A 98 -13.70 3.17 29.64
C PRO A 98 -13.38 4.65 29.90
N LEU A 99 -13.67 5.08 31.11
CA LEU A 99 -13.29 6.41 31.58
C LEU A 99 -12.75 6.30 32.99
N CYS A 100 -11.44 6.12 33.14
CA CYS A 100 -10.82 5.98 34.46
C CYS A 100 -10.67 7.34 35.17
N ARG A 101 -10.79 8.42 34.40
CA ARG A 101 -10.74 9.81 34.89
C ARG A 101 -9.38 10.29 35.36
N LYS A 102 -8.39 9.41 35.44
CA LYS A 102 -7.13 9.74 36.08
C LYS A 102 -5.93 9.77 35.13
N CYS A 103 -6.03 9.13 33.97
CA CYS A 103 -4.91 9.02 33.05
C CYS A 103 -4.82 10.27 32.21
N LYS A 104 -3.71 10.42 31.49
CA LYS A 104 -3.48 11.61 30.68
C LYS A 104 -4.51 11.77 29.57
N PHE A 105 -4.99 10.66 28.99
CA PHE A 105 -6.03 10.72 27.97
C PHE A 105 -7.35 11.18 28.58
N CYS A 106 -7.74 10.57 29.70
CA CYS A 106 -8.98 10.97 30.37
C CYS A 106 -8.96 12.42 30.83
N LEU A 107 -7.78 12.93 31.20
CA LEU A 107 -7.65 14.30 31.65
C LEU A 107 -7.62 15.33 30.51
N SER A 108 -7.49 14.88 29.26
CA SER A 108 -7.47 15.78 28.12
C SER A 108 -8.86 15.98 27.50
N PRO A 109 -9.22 17.23 27.18
CA PRO A 109 -10.44 17.43 26.40
C PRO A 109 -10.33 17.04 24.92
N LEU A 110 -9.14 16.67 24.45
CA LEU A 110 -8.92 16.40 23.02
C LEU A 110 -9.26 14.96 22.59
N THR A 111 -9.54 14.08 23.54
CA THR A 111 -9.80 12.67 23.24
C THR A 111 -10.74 12.03 24.24
N ASN A 112 -11.39 10.95 23.81
CA ASN A 112 -12.16 10.07 24.70
C ASN A 112 -11.51 8.71 24.92
N LEU A 113 -10.27 8.58 24.49
CA LEU A 113 -9.47 7.38 24.74
C LEU A 113 -9.09 7.34 26.22
N CYS A 114 -8.88 6.13 26.73
CA CYS A 114 -8.43 5.91 28.09
C CYS A 114 -7.26 4.93 28.01
N GLY A 115 -6.24 5.19 28.83
CA GLY A 115 -5.05 4.35 28.95
C GLY A 115 -5.28 2.92 29.40
N LYS A 116 -6.47 2.61 29.90
CA LYS A 116 -6.81 1.22 30.18
C LYS A 116 -6.66 0.34 28.93
N ILE A 117 -7.03 0.89 27.77
CA ILE A 117 -6.80 0.21 26.49
C ILE A 117 -5.34 0.37 26.07
N SER A 118 -4.54 -0.67 26.26
CA SER A 118 -3.12 -0.66 25.93
C SER A 118 -2.83 -1.19 24.53
N ASN A 119 -3.71 -2.03 23.98
CA ASN A 119 -3.53 -2.53 22.60
C ASN A 119 -4.04 -1.51 21.58
N LEU A 120 -3.18 -0.56 21.26
CA LEU A 120 -3.57 0.54 20.39
C LEU A 120 -3.59 0.16 18.91
N LYS A 121 -2.83 -0.87 18.53
CA LYS A 121 -2.90 -1.37 17.16
C LYS A 121 -4.23 -2.08 16.87
N SER A 122 -4.87 -2.64 17.90
CA SER A 122 -6.18 -3.26 17.74
C SER A 122 -7.00 -3.21 19.04
N PRO A 123 -7.65 -2.06 19.29
CA PRO A 123 -8.45 -1.84 20.50
C PRO A 123 -9.50 -2.93 20.72
N ALA A 124 -10.12 -3.40 19.65
CA ALA A 124 -11.18 -4.42 19.74
C ALA A 124 -10.71 -5.79 20.27
N SER A 125 -9.39 -6.02 20.36
CA SER A 125 -8.88 -7.26 20.93
C SER A 125 -8.37 -7.11 22.37
N ASP A 126 -8.55 -5.93 22.96
CA ASP A 126 -8.16 -5.65 24.34
C ASP A 126 -9.40 -5.88 25.23
N GLN A 127 -9.20 -5.93 26.55
CA GLN A 127 -10.27 -6.15 27.53
C GLN A 127 -11.00 -7.49 27.36
N GLN A 128 -10.26 -8.55 27.03
CA GLN A 128 -10.83 -9.89 27.00
C GLN A 128 -10.76 -10.55 28.37
N LEU A 129 -10.04 -9.92 29.29
CA LEU A 129 -9.97 -10.35 30.67
C LEU A 129 -10.29 -9.14 31.58
N MET A 130 -10.70 -9.42 32.81
CA MET A 130 -10.95 -8.38 33.79
C MET A 130 -9.60 -7.81 34.25
N GLU A 131 -9.66 -6.79 35.10
CA GLU A 131 -8.43 -6.11 35.54
C GLU A 131 -7.45 -7.04 36.24
N ASP A 132 -7.94 -8.04 36.99
CA ASP A 132 -7.06 -9.03 37.64
C ASP A 132 -6.62 -10.18 36.70
N LYS A 133 -6.84 -10.02 35.39
CA LYS A 133 -6.36 -10.95 34.34
C LYS A 133 -7.00 -12.35 34.43
N THR A 134 -8.24 -12.39 34.88
CA THR A 134 -9.05 -13.60 34.84
C THR A 134 -10.41 -13.26 34.20
N SER A 135 -11.17 -14.30 33.92
CA SER A 135 -12.47 -14.17 33.27
C SER A 135 -13.57 -14.58 34.25
N ARG A 136 -14.74 -13.97 34.11
CA ARG A 136 -15.91 -14.28 34.95
C ARG A 136 -16.82 -15.33 34.32
N PHE A 137 -16.43 -15.85 33.15
CA PHE A 137 -17.26 -16.79 32.41
C PHE A 137 -16.65 -18.18 32.37
N THR A 138 -17.49 -19.18 32.52
CA THR A 138 -17.10 -20.58 32.42
C THR A 138 -18.12 -21.31 31.56
N CYS A 139 -17.64 -22.22 30.71
CA CYS A 139 -18.52 -23.07 29.91
C CYS A 139 -17.85 -24.40 29.66
N LYS A 140 -18.56 -25.47 29.98
CA LYS A 140 -18.06 -26.82 29.84
C LYS A 140 -16.72 -26.99 30.58
N GLY A 141 -16.66 -26.44 31.80
CA GLY A 141 -15.50 -26.54 32.66
C GLY A 141 -14.27 -25.74 32.25
N LYS A 142 -14.41 -24.89 31.23
CA LYS A 142 -13.28 -24.08 30.78
C LYS A 142 -13.63 -22.58 30.74
N PRO A 143 -12.62 -21.71 30.88
CA PRO A 143 -12.86 -20.27 30.78
C PRO A 143 -13.35 -19.81 29.40
N VAL A 144 -14.17 -18.78 29.40
CA VAL A 144 -14.62 -18.14 28.17
C VAL A 144 -14.21 -16.67 28.28
N TYR A 145 -13.54 -16.17 27.23
CA TYR A 145 -13.05 -14.81 27.25
C TYR A 145 -14.16 -13.76 27.09
N HIS A 146 -13.91 -12.58 27.64
CA HIS A 146 -14.76 -11.42 27.43
C HIS A 146 -14.44 -10.78 26.08
N PHE A 147 -15.26 -9.81 25.71
CA PHE A 147 -15.03 -9.03 24.50
C PHE A 147 -15.28 -7.57 24.79
N PHE A 148 -14.27 -6.75 24.51
CA PHE A 148 -14.38 -5.28 24.56
C PHE A 148 -14.83 -4.78 25.94
N GLY A 149 -14.53 -5.58 26.98
CA GLY A 149 -14.90 -5.26 28.36
C GLY A 149 -16.38 -5.34 28.67
N THR A 150 -17.19 -5.85 27.73
CA THR A 150 -18.67 -5.78 27.84
C THR A 150 -19.39 -7.12 27.73
N SER A 151 -19.10 -7.91 26.69
CA SER A 151 -19.69 -9.26 26.48
C SER A 151 -21.21 -9.28 26.72
N THR A 152 -21.95 -8.54 25.91
CA THR A 152 -23.39 -8.35 26.15
C THR A 152 -24.27 -9.44 25.57
N PHE A 153 -23.67 -10.43 24.88
CA PHE A 153 -24.43 -11.58 24.38
C PHE A 153 -24.49 -12.72 25.40
N SER A 154 -24.48 -12.35 26.68
CA SER A 154 -24.76 -13.22 27.81
C SER A 154 -25.85 -12.53 28.60
N GLN A 155 -26.78 -13.28 29.19
CA GLN A 155 -27.87 -12.65 29.93
C GLN A 155 -27.37 -11.90 31.15
N TYR A 156 -26.30 -12.41 31.74
CA TYR A 156 -25.58 -11.71 32.78
C TYR A 156 -24.15 -11.53 32.31
N THR A 157 -23.61 -10.35 32.54
CA THR A 157 -22.20 -10.06 32.27
C THR A 157 -21.60 -9.31 33.46
N VAL A 158 -20.28 -9.30 33.52
CA VAL A 158 -19.55 -8.56 34.57
C VAL A 158 -18.60 -7.58 33.89
N VAL A 159 -18.67 -6.32 34.30
CA VAL A 159 -17.84 -5.24 33.74
C VAL A 159 -17.17 -4.48 34.87
N SER A 160 -16.06 -3.80 34.58
CA SER A 160 -15.44 -2.93 35.57
C SER A 160 -16.35 -1.71 35.83
N ASP A 161 -16.18 -1.09 37.00
CA ASP A 161 -17.01 0.07 37.37
C ASP A 161 -16.67 1.35 36.59
N ILE A 162 -15.65 1.29 35.74
CA ILE A 162 -15.37 2.40 34.80
C ILE A 162 -15.78 2.04 33.36
N ASN A 163 -16.48 0.92 33.21
CA ASN A 163 -17.00 0.44 31.92
C ASN A 163 -18.54 0.34 31.92
N LEU A 164 -19.19 1.30 32.58
CA LEU A 164 -20.64 1.43 32.48
C LEU A 164 -21.05 2.82 32.88
N ALA A 165 -22.24 3.21 32.43
CA ALA A 165 -22.86 4.47 32.82
C ALA A 165 -24.22 4.18 33.41
N LYS A 166 -24.50 4.77 34.57
CA LYS A 166 -25.82 4.78 35.17
C LYS A 166 -26.68 5.79 34.40
N ILE A 167 -27.90 5.39 34.05
CA ILE A 167 -28.76 6.20 33.21
C ILE A 167 -30.11 6.41 33.89
N ASP A 168 -30.94 7.26 33.29
CA ASP A 168 -32.27 7.61 33.83
C ASP A 168 -33.10 6.36 34.14
N ASP A 169 -33.75 6.37 35.31
CA ASP A 169 -34.60 5.25 35.75
C ASP A 169 -35.78 5.00 34.81
N ASP A 170 -36.22 6.02 34.07
CA ASP A 170 -37.33 5.87 33.13
C ASP A 170 -36.90 5.52 31.70
N ALA A 171 -35.61 5.23 31.48
CA ALA A 171 -35.08 4.92 30.15
C ALA A 171 -35.68 3.64 29.53
N ASN A 172 -35.98 3.71 28.23
CA ASN A 172 -36.42 2.56 27.46
C ASN A 172 -35.20 1.73 27.02
N LEU A 173 -35.03 0.60 27.71
CA LEU A 173 -33.86 -0.26 27.55
C LEU A 173 -33.79 -0.92 26.16
N GLU A 174 -34.96 -1.06 25.51
CA GLU A 174 -35.08 -1.59 24.16
C GLU A 174 -34.67 -0.61 23.06
N ARG A 175 -34.42 0.65 23.42
CA ARG A 175 -33.92 1.65 22.47
C ARG A 175 -32.59 2.30 22.86
N VAL A 176 -32.36 2.57 24.15
CA VAL A 176 -31.09 3.21 24.57
C VAL A 176 -29.86 2.30 24.45
N CYS A 177 -30.10 0.99 24.28
CA CYS A 177 -29.01 0.07 23.97
C CYS A 177 -28.21 0.46 22.72
N LEU A 178 -28.85 1.16 21.80
CA LEU A 178 -28.22 1.65 20.57
C LEU A 178 -27.15 2.71 20.84
N LEU A 179 -27.27 3.41 21.97
CA LEU A 179 -26.26 4.38 22.40
C LEU A 179 -24.96 3.71 22.89
N GLY A 180 -25.01 2.39 23.09
CA GLY A 180 -23.85 1.62 23.49
C GLY A 180 -22.77 1.50 22.42
N CYS A 181 -23.13 1.76 21.16
CA CYS A 181 -22.11 1.88 20.12
C CYS A 181 -22.54 2.65 18.89
N GLY A 182 -23.43 2.06 18.11
CA GLY A 182 -23.71 2.52 16.76
C GLY A 182 -24.17 3.94 16.61
N PHE A 183 -25.24 4.31 17.31
CA PHE A 183 -25.72 5.68 17.24
C PHE A 183 -24.70 6.69 17.72
N SER A 184 -24.16 6.45 18.90
CA SER A 184 -23.23 7.36 19.53
C SER A 184 -21.99 7.57 18.67
N THR A 185 -21.52 6.50 18.04
CA THR A 185 -20.36 6.56 17.16
C THR A 185 -20.59 7.44 15.91
N GLY A 186 -21.66 7.16 15.18
CA GLY A 186 -21.97 7.92 13.97
C GLY A 186 -22.30 9.37 14.24
N TYR A 187 -23.19 9.59 15.20
CA TYR A 187 -23.64 10.92 15.59
C TYR A 187 -22.46 11.75 16.12
N GLY A 188 -21.68 11.15 17.01
CA GLY A 188 -20.49 11.80 17.54
C GLY A 188 -19.36 12.00 16.55
N ALA A 189 -19.18 11.08 15.61
CA ALA A 189 -18.16 11.23 14.58
C ALA A 189 -18.35 12.54 13.79
N ALA A 190 -19.59 12.83 13.45
CA ALA A 190 -19.93 14.06 12.73
C ALA A 190 -19.71 15.31 13.58
N ILE A 191 -20.17 15.26 14.83
CA ILE A 191 -20.12 16.42 15.71
C ILE A 191 -18.74 16.63 16.36
N ASN A 192 -18.12 15.56 16.84
CA ASN A 192 -16.89 15.68 17.64
C ASN A 192 -15.60 15.47 16.86
N ASN A 193 -15.57 14.49 15.97
CA ASN A 193 -14.33 14.11 15.29
C ASN A 193 -14.18 14.89 13.98
N ALA A 194 -15.17 14.75 13.11
CA ALA A 194 -15.20 15.47 11.85
C ALA A 194 -15.34 16.99 12.09
N LYS A 195 -16.14 17.34 13.09
CA LYS A 195 -16.45 18.73 13.45
C LYS A 195 -17.14 19.44 12.28
N VAL A 196 -18.18 18.80 11.76
CA VAL A 196 -19.02 19.33 10.68
C VAL A 196 -19.55 20.72 11.08
N THR A 197 -19.43 21.67 10.15
CA THR A 197 -19.76 23.07 10.38
C THR A 197 -21.07 23.44 9.68
N PRO A 198 -21.75 24.48 10.18
CA PRO A 198 -22.97 24.98 9.53
C PRO A 198 -22.77 25.39 8.07
N GLY A 199 -23.68 24.96 7.21
CA GLY A 199 -23.63 25.30 5.79
C GLY A 199 -22.75 24.41 4.94
N SER A 200 -22.11 23.42 5.55
CA SER A 200 -21.14 22.58 4.83
C SER A 200 -21.81 21.49 4.01
N THR A 201 -21.01 20.86 3.15
CA THR A 201 -21.42 19.67 2.40
C THR A 201 -20.70 18.43 2.94
N CYS A 202 -21.45 17.34 3.06
CA CYS A 202 -20.97 16.10 3.66
C CYS A 202 -21.26 14.90 2.78
N ALA A 203 -20.37 13.91 2.83
CA ALA A 203 -20.61 12.58 2.23
C ALA A 203 -20.48 11.53 3.33
N VAL A 204 -21.47 10.65 3.40
CA VAL A 204 -21.48 9.55 4.36
C VAL A 204 -21.50 8.25 3.57
N PHE A 205 -20.42 7.47 3.69
CA PHE A 205 -20.28 6.19 2.99
C PHE A 205 -20.72 5.06 3.91
N GLY A 206 -21.74 4.32 3.51
CA GLY A 206 -22.32 3.27 4.35
C GLY A 206 -23.48 3.85 5.12
N LEU A 207 -24.68 3.35 4.85
CA LEU A 207 -25.90 3.85 5.47
C LEU A 207 -26.55 2.77 6.34
N GLY A 208 -25.75 2.19 7.24
CA GLY A 208 -26.23 1.28 8.26
C GLY A 208 -26.44 2.02 9.57
N GLY A 209 -26.30 1.32 10.68
CA GLY A 209 -26.52 1.92 12.00
C GLY A 209 -25.65 3.14 12.26
N VAL A 210 -24.35 2.98 12.00
CA VAL A 210 -23.39 4.08 12.18
C VAL A 210 -23.61 5.22 11.18
N GLY A 211 -23.77 4.86 9.90
CA GLY A 211 -23.90 5.84 8.84
C GLY A 211 -25.18 6.67 8.91
N LEU A 212 -26.29 6.04 9.22
CA LEU A 212 -27.54 6.78 9.39
C LEU A 212 -27.45 7.74 10.59
N SER A 213 -26.69 7.35 11.61
CA SER A 213 -26.45 8.18 12.77
C SER A 213 -25.51 9.36 12.43
N ALA A 214 -24.54 9.12 11.55
CA ALA A 214 -23.71 10.19 10.98
C ALA A 214 -24.52 11.18 10.13
N VAL A 215 -25.49 10.68 9.36
CA VAL A 215 -26.43 11.58 8.66
C VAL A 215 -27.19 12.49 9.64
N MET A 216 -27.74 11.90 10.70
CA MET A 216 -28.38 12.67 11.78
C MET A 216 -27.41 13.67 12.44
N GLY A 217 -26.15 13.27 12.61
CA GLY A 217 -25.13 14.14 13.20
C GLY A 217 -24.79 15.32 12.31
N CYS A 218 -24.56 15.03 11.02
CA CYS A 218 -24.31 16.08 10.04
C CYS A 218 -25.44 17.09 10.00
N LYS A 219 -26.67 16.60 10.03
CA LYS A 219 -27.85 17.48 9.99
C LYS A 219 -27.91 18.35 11.26
N ALA A 220 -27.72 17.75 12.43
CA ALA A 220 -27.70 18.49 13.69
C ALA A 220 -26.59 19.55 13.73
N ALA A 221 -25.46 19.27 13.08
CA ALA A 221 -24.34 20.22 13.01
C ALA A 221 -24.58 21.40 12.04
N GLY A 222 -25.60 21.30 11.20
CA GLY A 222 -26.00 22.40 10.31
C GLY A 222 -25.58 22.24 8.86
N ALA A 223 -25.18 21.02 8.48
CA ALA A 223 -24.82 20.73 7.09
C ALA A 223 -25.97 21.12 6.16
N SER A 224 -25.63 21.76 5.04
CA SER A 224 -26.62 22.17 4.06
C SER A 224 -26.82 21.10 2.97
N ARG A 225 -25.83 20.22 2.81
CA ARG A 225 -25.93 19.13 1.84
C ARG A 225 -25.31 17.88 2.43
N ILE A 226 -26.07 16.77 2.38
CA ILE A 226 -25.62 15.51 2.93
C ILE A 226 -25.85 14.43 1.89
N ILE A 227 -24.76 13.90 1.34
CA ILE A 227 -24.81 12.85 0.32
C ILE A 227 -24.60 11.50 0.98
N GLY A 228 -25.59 10.63 0.89
CA GLY A 228 -25.48 9.25 1.38
C GLY A 228 -25.04 8.30 0.27
N ILE A 229 -24.05 7.47 0.55
CA ILE A 229 -23.54 6.49 -0.41
C ILE A 229 -23.67 5.07 0.14
N ASP A 230 -24.34 4.20 -0.61
CA ASP A 230 -24.42 2.80 -0.28
C ASP A 230 -24.53 1.95 -1.54
N ILE A 231 -23.93 0.76 -1.49
CA ILE A 231 -24.09 -0.24 -2.56
C ILE A 231 -25.44 -0.93 -2.52
N ASN A 232 -26.18 -0.71 -1.43
CA ASN A 232 -27.55 -1.17 -1.26
C ASN A 232 -28.49 0.04 -1.32
N SER A 233 -29.13 0.22 -2.48
CA SER A 233 -30.01 1.36 -2.71
C SER A 233 -31.30 1.34 -1.86
N GLU A 234 -31.57 0.20 -1.21
CA GLU A 234 -32.68 0.08 -0.26
C GLU A 234 -32.51 0.93 1.01
N LYS A 235 -31.28 1.35 1.30
CA LYS A 235 -30.98 2.19 2.46
C LYS A 235 -31.32 3.67 2.24
N PHE A 236 -31.68 4.03 1.00
CA PHE A 236 -31.82 5.43 0.60
C PHE A 236 -33.04 6.17 1.14
N VAL A 237 -34.16 5.49 1.27
CA VAL A 237 -35.39 6.10 1.80
C VAL A 237 -35.20 6.49 3.27
N LYS A 238 -34.65 5.60 4.09
CA LYS A 238 -34.31 5.93 5.47
C LYS A 238 -33.33 7.11 5.53
N ALA A 239 -32.26 7.05 4.73
CA ALA A 239 -31.25 8.11 4.75
C ALA A 239 -31.83 9.50 4.45
N LYS A 240 -32.62 9.60 3.38
CA LYS A 240 -33.28 10.86 3.05
C LYS A 240 -34.24 11.34 4.15
N ALA A 241 -34.99 10.42 4.75
CA ALA A 241 -35.87 10.74 5.88
C ALA A 241 -35.13 11.32 7.09
N LEU A 242 -33.89 10.87 7.32
CA LEU A 242 -33.08 11.32 8.46
C LEU A 242 -32.16 12.51 8.14
N GLY A 243 -32.22 13.01 6.90
CA GLY A 243 -31.55 14.25 6.54
C GLY A 243 -30.68 14.25 5.29
N ALA A 244 -30.49 13.10 4.65
CA ALA A 244 -29.72 13.03 3.40
C ALA A 244 -30.44 13.83 2.31
N THR A 245 -29.72 14.72 1.64
CA THR A 245 -30.26 15.52 0.54
C THR A 245 -30.07 14.81 -0.81
N ASP A 246 -29.09 13.91 -0.88
CA ASP A 246 -28.77 13.17 -2.09
C ASP A 246 -28.35 11.76 -1.70
N CYS A 247 -28.66 10.79 -2.54
CA CYS A 247 -28.18 9.42 -2.33
C CYS A 247 -27.67 8.80 -3.63
N LEU A 248 -26.53 8.12 -3.54
CA LEU A 248 -25.83 7.57 -4.69
C LEU A 248 -25.38 6.13 -4.43
N ASN A 249 -25.62 5.27 -5.42
CA ASN A 249 -25.07 3.91 -5.44
C ASN A 249 -23.89 3.86 -6.40
N PRO A 250 -22.69 3.50 -5.89
CA PRO A 250 -21.48 3.42 -6.76
C PRO A 250 -21.63 2.46 -7.95
N ARG A 251 -22.46 1.44 -7.79
CA ARG A 251 -22.67 0.45 -8.82
C ARG A 251 -23.48 0.97 -10.00
N ASP A 252 -24.15 2.11 -9.84
CA ASP A 252 -25.04 2.63 -10.89
C ASP A 252 -24.30 3.23 -12.10
N LEU A 253 -23.04 3.62 -11.93
CA LEU A 253 -22.26 4.18 -13.04
C LEU A 253 -20.87 3.56 -13.09
N HIS A 254 -20.30 3.51 -14.29
CA HIS A 254 -18.91 3.10 -14.47
C HIS A 254 -17.92 4.13 -13.90
N LYS A 255 -18.31 5.41 -13.94
CA LYS A 255 -17.53 6.48 -13.32
C LYS A 255 -17.38 6.25 -11.81
N PRO A 256 -16.14 6.23 -11.31
CA PRO A 256 -15.94 6.04 -9.88
C PRO A 256 -16.74 7.04 -9.03
N ILE A 257 -17.31 6.55 -7.93
CA ILE A 257 -18.20 7.35 -7.06
C ILE A 257 -17.58 8.67 -6.62
N GLN A 258 -16.29 8.66 -6.27
CA GLN A 258 -15.61 9.90 -5.86
C GLN A 258 -15.66 10.98 -6.94
N GLU A 259 -15.56 10.57 -8.21
CA GLU A 259 -15.64 11.49 -9.35
C GLU A 259 -17.07 11.99 -9.59
N VAL A 260 -18.07 11.14 -9.32
CA VAL A 260 -19.48 11.53 -9.39
C VAL A 260 -19.74 12.61 -8.33
N ILE A 261 -19.20 12.40 -7.13
CA ILE A 261 -19.37 13.34 -6.02
C ILE A 261 -18.68 14.69 -6.29
N ILE A 262 -17.46 14.63 -6.82
CA ILE A 262 -16.69 15.83 -7.20
C ILE A 262 -17.41 16.67 -8.26
N GLU A 263 -17.98 16.00 -9.27
CA GLU A 263 -18.74 16.69 -10.31
C GLU A 263 -20.02 17.31 -9.76
N LEU A 264 -20.74 16.55 -8.94
CA LEU A 264 -21.98 16.99 -8.34
C LEU A 264 -21.81 18.22 -7.43
N THR A 265 -20.71 18.24 -6.66
CA THR A 265 -20.38 19.31 -5.71
C THR A 265 -19.45 20.39 -6.30
N LYS A 266 -19.05 20.21 -7.56
CA LYS A 266 -18.07 21.07 -8.22
C LYS A 266 -16.77 21.25 -7.43
N GLY A 267 -16.15 20.13 -7.09
CA GLY A 267 -14.82 20.14 -6.49
C GLY A 267 -14.65 19.24 -5.28
N GLY A 268 -15.74 18.68 -4.76
CA GLY A 268 -15.67 17.76 -3.65
C GLY A 268 -16.39 18.31 -2.44
N VAL A 269 -16.62 17.43 -1.46
CA VAL A 269 -17.32 17.77 -0.21
C VAL A 269 -16.37 18.32 0.85
N ASP A 270 -16.93 19.04 1.82
CA ASP A 270 -16.16 19.57 2.94
C ASP A 270 -15.75 18.48 3.93
N PHE A 271 -16.68 17.56 4.20
CA PHE A 271 -16.48 16.46 5.17
C PHE A 271 -16.95 15.12 4.59
N ALA A 272 -16.04 14.14 4.50
CA ALA A 272 -16.41 12.76 4.18
C ALA A 272 -16.24 11.88 5.41
N LEU A 273 -17.19 10.97 5.61
CA LEU A 273 -17.17 10.02 6.72
C LEU A 273 -17.36 8.61 6.17
N ASP A 274 -16.35 7.75 6.39
CA ASP A 274 -16.42 6.34 5.97
C ASP A 274 -17.00 5.48 7.09
N CYS A 275 -18.29 5.16 6.97
CA CYS A 275 -19.04 4.36 7.94
C CYS A 275 -19.36 2.96 7.43
N ALA A 276 -18.54 2.48 6.49
CA ALA A 276 -18.67 1.15 5.89
C ALA A 276 -17.41 0.37 6.22
N GLY A 277 -16.27 0.81 5.67
CA GLY A 277 -14.99 0.20 6.00
C GLY A 277 -14.39 -0.58 4.86
N GLY A 278 -13.05 -0.65 4.83
CA GLY A 278 -12.32 -1.33 3.77
C GLY A 278 -11.58 -0.36 2.87
N SER A 279 -10.74 -0.89 2.01
CA SER A 279 -9.86 -0.11 1.15
C SER A 279 -10.60 0.79 0.16
N GLU A 280 -11.68 0.28 -0.42
CA GLU A 280 -12.40 1.01 -1.46
C GLU A 280 -13.17 2.18 -0.91
N THR A 281 -13.81 2.00 0.24
CA THR A 281 -14.54 3.10 0.87
C THR A 281 -13.59 4.15 1.44
N MET A 282 -12.45 3.73 1.99
CA MET A 282 -11.42 4.66 2.49
C MET A 282 -10.90 5.56 1.37
N LYS A 283 -10.59 4.94 0.23
CA LYS A 283 -10.10 5.65 -0.94
C LYS A 283 -11.13 6.64 -1.50
N ALA A 284 -12.38 6.19 -1.64
CA ALA A 284 -13.45 7.02 -2.17
C ALA A 284 -13.73 8.21 -1.24
N ALA A 285 -13.74 7.95 0.07
CA ALA A 285 -13.95 8.98 1.10
C ALA A 285 -12.86 10.07 1.05
N LEU A 286 -11.60 9.68 0.97
CA LEU A 286 -10.51 10.66 0.85
C LEU A 286 -10.58 11.42 -0.49
N ASP A 287 -10.78 10.68 -1.59
CA ASP A 287 -10.77 11.25 -2.94
C ASP A 287 -11.87 12.28 -3.18
N CYS A 288 -13.04 12.06 -2.59
CA CYS A 288 -14.21 12.91 -2.83
C CYS A 288 -14.20 14.23 -2.06
N THR A 289 -13.23 14.41 -1.17
CA THR A 289 -13.14 15.65 -0.39
C THR A 289 -12.49 16.74 -1.22
N THR A 290 -12.91 17.97 -0.98
CA THR A 290 -12.33 19.13 -1.62
C THR A 290 -10.85 19.30 -1.26
N ALA A 291 -10.09 19.85 -2.19
CA ALA A 291 -8.79 20.41 -1.90
C ALA A 291 -9.01 21.67 -1.03
N GLY A 292 -7.92 22.20 -0.49
CA GLY A 292 -7.99 23.38 0.37
C GLY A 292 -8.23 23.02 1.83
N TRP A 293 -9.42 22.48 2.13
CA TRP A 293 -9.82 22.22 3.51
C TRP A 293 -10.64 20.92 3.69
N GLY A 294 -10.58 20.01 2.73
CA GLY A 294 -11.30 18.73 2.83
C GLY A 294 -10.94 17.91 4.06
N SER A 295 -11.96 17.31 4.68
CA SER A 295 -11.77 16.48 5.88
C SER A 295 -12.34 15.10 5.62
N CYS A 296 -11.54 14.08 5.92
CA CYS A 296 -11.92 12.69 5.78
C CYS A 296 -11.79 11.99 7.13
N THR A 297 -12.90 11.47 7.65
CA THR A 297 -12.95 10.78 8.94
C THR A 297 -13.21 9.29 8.73
N PHE A 298 -12.27 8.46 9.17
CA PHE A 298 -12.41 7.01 9.11
C PHE A 298 -13.14 6.45 10.34
N ILE A 299 -14.16 5.63 10.10
CA ILE A 299 -14.92 4.99 11.17
C ILE A 299 -14.92 3.47 10.97
N GLY A 300 -15.32 3.04 9.78
CA GLY A 300 -15.43 1.63 9.44
C GLY A 300 -14.10 0.91 9.34
N VAL A 301 -14.14 -0.38 9.66
CA VAL A 301 -13.01 -1.29 9.57
C VAL A 301 -13.48 -2.56 8.85
N ALA A 302 -12.57 -3.27 8.20
CA ALA A 302 -12.92 -4.52 7.51
C ALA A 302 -11.88 -5.58 7.86
N ALA A 303 -12.33 -6.80 8.22
CA ALA A 303 -11.42 -7.89 8.55
C ALA A 303 -10.48 -8.21 7.36
N GLY A 304 -9.19 -8.27 7.62
CA GLY A 304 -8.19 -8.55 6.60
C GLY A 304 -7.93 -7.43 5.59
N SER A 305 -8.45 -6.23 5.82
CA SER A 305 -8.21 -5.12 4.90
C SER A 305 -6.74 -4.70 4.93
N LYS A 306 -6.22 -4.27 3.80
CA LYS A 306 -4.87 -3.72 3.75
C LYS A 306 -4.92 -2.20 3.89
N GLY A 307 -6.07 -1.67 4.26
CA GLY A 307 -6.22 -0.23 4.45
C GLY A 307 -6.07 0.57 3.18
N LEU A 308 -5.46 1.75 3.29
CA LEU A 308 -5.36 2.73 2.22
C LEU A 308 -3.91 3.19 2.04
N THR A 309 -3.41 3.13 0.82
CA THR A 309 -2.13 3.76 0.50
C THR A 309 -2.37 5.24 0.24
N VAL A 310 -1.67 6.09 1.00
CA VAL A 310 -1.80 7.54 0.91
C VAL A 310 -0.49 8.19 0.43
N PHE A 311 -0.63 9.13 -0.47
CA PHE A 311 0.51 9.90 -0.95
C PHE A 311 0.51 11.27 -0.35
N PRO A 312 1.70 11.82 -0.14
CA PRO A 312 1.78 13.13 0.51
C PRO A 312 1.06 14.24 -0.26
N GLU A 313 1.07 14.17 -1.59
CA GLU A 313 0.36 15.14 -2.44
C GLU A 313 -1.13 15.26 -2.10
N GLU A 314 -1.74 14.14 -1.73
CA GLU A 314 -3.14 14.11 -1.32
C GLU A 314 -3.43 14.95 -0.06
N LEU A 315 -2.42 15.14 0.79
CA LEU A 315 -2.52 15.97 2.00
C LEU A 315 -2.01 17.39 1.76
N ILE A 316 -0.96 17.51 0.96
CA ILE A 316 -0.36 18.80 0.56
C ILE A 316 -1.36 19.76 -0.10
N ILE A 317 -2.32 19.22 -0.86
CA ILE A 317 -3.37 20.05 -1.48
C ILE A 317 -4.45 20.52 -0.50
N GLY A 318 -4.36 20.07 0.76
CA GLY A 318 -5.12 20.63 1.87
C GLY A 318 -6.19 19.70 2.41
N ARG A 319 -5.86 18.44 2.57
CA ARG A 319 -6.75 17.50 3.25
C ARG A 319 -6.31 17.29 4.68
N THR A 320 -7.30 16.95 5.52
CA THR A 320 -7.06 16.45 6.87
C THR A 320 -7.71 15.07 6.95
N ILE A 321 -7.00 14.12 7.56
CA ILE A 321 -7.54 12.78 7.82
C ILE A 321 -7.55 12.54 9.32
N ASN A 322 -8.68 12.05 9.83
CA ASN A 322 -8.79 11.66 11.24
C ASN A 322 -9.70 10.44 11.38
N GLY A 323 -10.02 10.08 12.61
CA GLY A 323 -10.86 8.92 12.88
C GLY A 323 -11.68 9.10 14.13
N THR A 324 -12.54 8.12 14.43
CA THR A 324 -13.36 8.18 15.64
C THR A 324 -13.19 6.89 16.43
N PHE A 325 -13.31 7.02 17.75
CA PHE A 325 -13.50 5.89 18.65
C PHE A 325 -14.74 6.22 19.47
N PHE A 326 -15.82 5.46 19.30
CA PHE A 326 -17.08 5.69 20.04
C PHE A 326 -17.57 7.16 19.93
N GLY A 327 -17.43 7.72 18.73
CA GLY A 327 -17.93 9.06 18.40
C GLY A 327 -17.31 10.23 19.14
N GLY A 328 -16.16 10.02 19.78
CA GLY A 328 -15.47 11.06 20.54
C GLY A 328 -16.08 11.42 21.89
N TRP A 329 -17.05 10.64 22.35
CA TRP A 329 -17.73 10.95 23.63
C TRP A 329 -16.92 10.43 24.82
N LYS A 330 -16.71 11.27 25.83
CA LYS A 330 -16.24 10.84 27.16
C LYS A 330 -17.34 9.95 27.72
N SER A 331 -17.11 8.65 27.69
CA SER A 331 -18.19 7.67 27.71
C SER A 331 -19.15 7.79 28.92
N VAL A 332 -18.58 7.71 30.12
CA VAL A 332 -19.36 7.66 31.37
C VAL A 332 -20.15 8.96 31.61
N ASP A 333 -19.58 10.10 31.21
CA ASP A 333 -20.23 11.42 31.38
C ASP A 333 -21.26 11.73 30.30
N SER A 334 -20.97 11.33 29.07
CA SER A 334 -21.78 11.72 27.91
C SER A 334 -23.02 10.86 27.67
N ILE A 335 -22.89 9.56 27.94
CA ILE A 335 -23.98 8.63 27.64
C ILE A 335 -25.30 8.95 28.39
N PRO A 336 -25.22 9.26 29.70
CA PRO A 336 -26.43 9.67 30.42
C PRO A 336 -27.09 10.94 29.84
N LYS A 337 -26.28 11.86 29.34
CA LYS A 337 -26.76 13.07 28.64
C LYS A 337 -27.42 12.72 27.30
N LEU A 338 -26.87 11.76 26.58
CA LEU A 338 -27.48 11.28 25.33
C LEU A 338 -28.81 10.58 25.60
N VAL A 339 -28.89 9.85 26.72
CA VAL A 339 -30.14 9.22 27.15
C VAL A 339 -31.21 10.29 27.38
N THR A 340 -30.84 11.37 28.06
CA THR A 340 -31.74 12.49 28.29
C THR A 340 -32.16 13.21 26.99
N ASP A 341 -31.20 13.40 26.08
CA ASP A 341 -31.48 13.96 24.76
C ASP A 341 -32.54 13.16 24.00
N TYR A 342 -32.43 11.84 24.07
CA TYR A 342 -33.37 10.93 23.43
C TYR A 342 -34.77 11.05 24.01
N LYS A 343 -34.85 11.15 25.34
CA LYS A 343 -36.11 11.42 26.06
C LYS A 343 -36.74 12.72 25.57
N ASN A 344 -35.89 13.72 25.31
CA ASN A 344 -36.33 15.02 24.83
C ASN A 344 -36.46 15.12 23.31
N LYS A 345 -36.43 13.96 22.63
CA LYS A 345 -36.67 13.86 21.19
C LYS A 345 -35.67 14.63 20.34
N LYS A 346 -34.40 14.69 20.77
CA LYS A 346 -33.36 15.42 20.03
C LYS A 346 -32.97 14.72 18.74
N PHE A 347 -33.11 13.40 18.72
CA PHE A 347 -32.77 12.58 17.55
C PHE A 347 -33.64 11.33 17.50
N ASN A 348 -33.71 10.73 16.31
CA ASN A 348 -34.60 9.60 16.02
C ASN A 348 -33.90 8.23 16.10
N LEU A 349 -33.87 7.63 17.30
CA LEU A 349 -33.30 6.29 17.49
C LEU A 349 -34.16 5.17 16.91
N ASP A 350 -35.47 5.35 16.98
CA ASP A 350 -36.42 4.34 16.55
C ASP A 350 -36.26 4.01 15.06
N ALA A 351 -35.86 5.00 14.26
CA ALA A 351 -35.62 4.80 12.82
C ALA A 351 -34.50 3.78 12.55
N LEU A 352 -33.57 3.61 13.50
CA LEU A 352 -32.49 2.61 13.36
C LEU A 352 -32.97 1.17 13.52
N VAL A 353 -34.08 0.96 14.22
CA VAL A 353 -34.57 -0.38 14.53
C VAL A 353 -35.49 -0.90 13.41
N THR A 354 -35.04 -1.94 12.72
CA THR A 354 -35.80 -2.57 11.64
C THR A 354 -36.34 -3.95 12.04
N HIS A 355 -35.74 -4.56 13.07
CA HIS A 355 -36.10 -5.92 13.49
C HIS A 355 -35.95 -6.07 14.99
N THR A 356 -36.77 -6.92 15.58
CA THR A 356 -36.69 -7.24 17.00
C THR A 356 -36.89 -8.73 17.14
N LEU A 357 -35.93 -9.40 17.75
CA LEU A 357 -35.98 -10.85 17.90
C LEU A 357 -35.75 -11.24 19.35
N PRO A 358 -36.17 -12.46 19.72
CA PRO A 358 -35.74 -13.04 20.98
C PRO A 358 -34.27 -13.38 20.87
N PHE A 359 -33.55 -13.36 21.98
CA PHE A 359 -32.11 -13.54 21.95
C PHE A 359 -31.72 -14.90 21.32
N ASP A 360 -32.55 -15.91 21.52
CA ASP A 360 -32.38 -17.23 20.88
C ASP A 360 -32.15 -17.20 19.38
N LYS A 361 -32.74 -16.21 18.71
CA LYS A 361 -32.60 -16.08 17.25
C LYS A 361 -31.44 -15.17 16.85
N ILE A 362 -30.37 -15.17 17.66
CA ILE A 362 -29.23 -14.30 17.40
C ILE A 362 -28.58 -14.56 16.02
N SER A 363 -28.59 -15.81 15.55
CA SER A 363 -28.02 -16.12 14.23
C SER A 363 -28.77 -15.46 13.08
N GLU A 364 -30.09 -15.33 13.21
CA GLU A 364 -30.90 -14.56 12.26
C GLU A 364 -30.49 -13.09 12.16
N ALA A 365 -30.13 -12.50 13.29
CA ALA A 365 -29.66 -11.11 13.31
C ALA A 365 -28.37 -10.95 12.48
N PHE A 366 -27.48 -11.93 12.60
CA PHE A 366 -26.26 -11.98 11.78
C PHE A 366 -26.60 -12.13 10.29
N ASP A 367 -27.54 -13.03 9.98
CA ASP A 367 -28.00 -13.24 8.60
C ASP A 367 -28.60 -11.97 8.02
N LEU A 368 -29.48 -11.31 8.78
CA LEU A 368 -30.11 -10.07 8.34
C LEU A 368 -29.06 -9.01 8.00
N MET A 369 -28.04 -8.90 8.85
CA MET A 369 -26.97 -7.94 8.65
C MET A 369 -26.11 -8.28 7.44
N ASN A 370 -25.61 -9.51 7.39
CA ASN A 370 -24.77 -9.96 6.28
C ASN A 370 -25.52 -9.95 4.94
N GLN A 371 -26.81 -10.25 4.97
CA GLN A 371 -27.66 -10.13 3.78
C GLN A 371 -28.15 -8.70 3.49
N GLY A 372 -27.74 -7.72 4.31
CA GLY A 372 -28.10 -6.32 4.09
C GLY A 372 -29.56 -5.96 4.29
N LYS A 373 -30.27 -6.74 5.09
CA LYS A 373 -31.73 -6.58 5.24
C LYS A 373 -32.16 -5.74 6.43
N SER A 374 -31.25 -5.54 7.38
CA SER A 374 -31.54 -4.80 8.60
C SER A 374 -30.70 -3.53 8.69
N ILE A 375 -31.07 -2.67 9.64
CA ILE A 375 -30.18 -1.63 10.12
C ILE A 375 -29.71 -2.10 11.49
N ARG A 376 -30.57 -1.98 12.51
CA ARG A 376 -30.29 -2.59 13.81
C ARG A 376 -31.39 -3.55 14.18
N THR A 377 -30.99 -4.74 14.62
CA THR A 377 -31.87 -5.74 15.21
C THR A 377 -31.70 -5.70 16.73
N ILE A 378 -32.81 -5.51 17.45
CA ILE A 378 -32.82 -5.57 18.90
C ILE A 378 -33.09 -7.00 19.35
N LEU A 379 -32.17 -7.57 20.12
CA LEU A 379 -32.30 -8.91 20.68
C LEU A 379 -32.76 -8.81 22.14
N ILE A 380 -33.85 -9.51 22.46
CA ILE A 380 -34.46 -9.46 23.78
C ILE A 380 -34.26 -10.76 24.56
N PHE A 381 -33.60 -10.67 25.71
CA PHE A 381 -33.39 -11.85 26.57
C PHE A 381 -34.68 -12.30 27.24
N GLY B 3 18.36 49.95 -22.28
CA GLY B 3 16.95 49.72 -22.70
C GLY B 3 16.70 48.31 -23.19
N THR B 4 16.27 47.43 -22.28
CA THR B 4 15.80 46.09 -22.63
C THR B 4 14.27 46.01 -22.69
N LYS B 5 13.58 47.08 -22.30
CA LYS B 5 12.11 47.08 -22.27
C LYS B 5 11.52 46.84 -23.66
N GLY B 6 10.66 45.82 -23.76
CA GLY B 6 10.04 45.43 -25.03
C GLY B 6 10.93 44.58 -25.93
N LYS B 7 12.14 44.29 -25.47
CA LYS B 7 13.14 43.57 -26.27
C LYS B 7 13.36 42.16 -25.74
N VAL B 8 13.70 41.23 -26.62
CA VAL B 8 14.18 39.91 -26.20
C VAL B 8 15.52 40.09 -25.48
N ILE B 9 15.67 39.42 -24.33
CA ILE B 9 16.93 39.41 -23.57
C ILE B 9 17.65 38.08 -23.77
N LYS B 10 18.92 38.14 -24.14
CA LYS B 10 19.78 36.95 -24.18
C LYS B 10 20.55 36.88 -22.87
N CYS B 11 20.49 35.72 -22.22
CA CYS B 11 21.15 35.52 -20.94
C CYS B 11 21.51 34.05 -20.74
N LYS B 12 22.13 33.73 -19.60
CA LYS B 12 22.41 32.35 -19.21
C LYS B 12 21.29 31.74 -18.38
N ALA B 13 21.03 30.46 -18.61
CA ALA B 13 20.13 29.65 -17.77
C ALA B 13 20.67 28.24 -17.68
N ALA B 14 20.31 27.54 -16.61
CA ALA B 14 20.58 26.11 -16.45
C ALA B 14 19.35 25.33 -16.94
N ILE B 15 19.55 24.52 -17.98
CA ILE B 15 18.47 23.76 -18.63
C ILE B 15 18.59 22.26 -18.34
N ALA B 16 17.47 21.64 -17.99
CA ALA B 16 17.34 20.19 -17.98
C ALA B 16 16.77 19.77 -19.33
N TRP B 17 17.61 19.14 -20.14
CA TRP B 17 17.20 18.71 -21.49
C TRP B 17 16.36 17.44 -21.46
N GLU B 18 16.61 16.60 -20.45
CA GLU B 18 15.84 15.40 -20.24
C GLU B 18 15.96 14.97 -18.78
N ALA B 19 15.10 14.04 -18.38
CA ALA B 19 15.10 13.52 -17.01
C ALA B 19 16.35 12.69 -16.74
N GLY B 20 16.85 12.79 -15.50
CA GLY B 20 17.96 11.96 -15.02
C GLY B 20 19.35 12.38 -15.44
N LYS B 21 19.49 13.58 -15.99
CA LYS B 21 20.79 14.10 -16.44
C LYS B 21 21.12 15.41 -15.71
N PRO B 22 22.42 15.69 -15.49
CA PRO B 22 22.75 16.98 -14.92
C PRO B 22 22.27 18.18 -15.77
N LEU B 23 22.09 19.32 -15.12
CA LEU B 23 21.70 20.55 -15.80
C LEU B 23 22.86 21.06 -16.64
N CYS B 24 22.53 21.79 -17.71
CA CYS B 24 23.50 22.37 -18.62
C CYS B 24 23.29 23.88 -18.70
N ILE B 25 24.36 24.64 -18.51
CA ILE B 25 24.34 26.09 -18.70
C ILE B 25 24.24 26.37 -20.19
N GLU B 26 23.21 27.13 -20.59
CA GLU B 26 22.97 27.45 -21.99
C GLU B 26 22.67 28.93 -22.10
N GLU B 27 22.85 29.49 -23.31
CA GLU B 27 22.32 30.82 -23.61
C GLU B 27 20.88 30.67 -24.09
N VAL B 28 19.98 31.43 -23.46
CA VAL B 28 18.57 31.37 -23.79
C VAL B 28 18.09 32.77 -24.17
N GLU B 29 16.99 32.83 -24.90
CA GLU B 29 16.32 34.09 -25.22
C GLU B 29 15.07 34.18 -24.36
N VAL B 30 14.93 35.29 -23.63
CA VAL B 30 13.78 35.55 -22.76
C VAL B 30 12.92 36.63 -23.40
N ALA B 31 11.69 36.27 -23.77
CA ALA B 31 10.75 37.19 -24.45
C ALA B 31 10.24 38.25 -23.50
N PRO B 32 9.80 39.41 -24.04
CA PRO B 32 9.24 40.42 -23.13
C PRO B 32 7.95 39.93 -22.47
N PRO B 33 7.59 40.51 -21.32
CA PRO B 33 6.36 40.09 -20.64
C PRO B 33 5.12 40.55 -21.42
N LYS B 34 4.12 39.67 -21.51
CA LYS B 34 2.84 40.01 -22.11
C LYS B 34 1.91 40.56 -21.02
N ALA B 35 0.63 40.75 -21.34
CA ALA B 35 -0.35 41.29 -20.39
C ALA B 35 -0.34 40.52 -19.06
N HIS B 36 -0.30 41.27 -17.96
CA HIS B 36 -0.32 40.71 -16.61
C HIS B 36 0.88 39.77 -16.31
N GLU B 37 2.04 40.11 -16.89
CA GLU B 37 3.30 39.43 -16.64
C GLU B 37 4.40 40.42 -16.27
N VAL B 38 5.43 39.91 -15.59
CA VAL B 38 6.56 40.68 -15.09
C VAL B 38 7.85 39.95 -15.42
N ARG B 39 8.80 40.65 -16.03
CA ARG B 39 10.11 40.09 -16.26
C ARG B 39 11.06 40.52 -15.13
N ILE B 40 11.69 39.54 -14.51
CA ILE B 40 12.51 39.74 -13.31
C ILE B 40 13.96 39.41 -13.61
N GLN B 41 14.87 40.30 -13.20
CA GLN B 41 16.27 39.94 -13.11
C GLN B 41 16.49 39.19 -11.79
N ILE B 42 16.85 37.91 -11.88
CA ILE B 42 17.20 37.12 -10.69
C ILE B 42 18.59 37.52 -10.21
N ILE B 43 18.69 37.88 -8.93
CA ILE B 43 19.95 38.29 -8.31
C ILE B 43 20.61 37.10 -7.56
N ALA B 44 19.80 36.42 -6.75
CA ALA B 44 20.24 35.24 -6.01
C ALA B 44 19.14 34.18 -6.03
N THR B 45 19.55 32.93 -6.19
CA THR B 45 18.63 31.80 -6.17
C THR B 45 19.28 30.66 -5.38
N SER B 46 18.47 29.88 -4.67
CA SER B 46 18.98 28.72 -3.96
C SER B 46 18.33 27.43 -4.45
N LEU B 47 18.95 26.32 -4.09
CA LEU B 47 18.48 24.99 -4.49
C LEU B 47 17.63 24.35 -3.38
N CYS B 48 16.40 23.99 -3.75
CA CYS B 48 15.51 23.20 -2.94
C CYS B 48 15.50 21.76 -3.47
N HIS B 49 15.31 20.77 -2.59
CA HIS B 49 15.33 19.37 -3.02
C HIS B 49 14.32 19.08 -4.14
N THR B 50 13.20 19.79 -4.12
CA THR B 50 12.17 19.66 -5.14
C THR B 50 12.69 19.88 -6.56
N ASP B 51 13.66 20.79 -6.73
CA ASP B 51 14.28 21.04 -8.03
C ASP B 51 14.97 19.76 -8.57
N ALA B 52 15.60 19.00 -7.67
CA ALA B 52 16.23 17.72 -8.03
C ALA B 52 15.17 16.63 -8.25
N THR B 53 14.16 16.58 -7.40
CA THR B 53 13.13 15.54 -7.51
C THR B 53 12.41 15.55 -8.86
N VAL B 54 12.04 16.74 -9.33
CA VAL B 54 11.19 16.87 -10.53
C VAL B 54 11.90 16.45 -11.83
N ILE B 55 13.23 16.49 -11.82
CA ILE B 55 14.03 16.10 -12.98
C ILE B 55 14.61 14.69 -12.85
N ASP B 56 14.23 13.99 -11.78
CA ASP B 56 14.57 12.57 -11.57
C ASP B 56 13.79 11.74 -12.58
N SER B 57 14.39 10.66 -13.06
CA SER B 57 13.76 9.76 -14.02
C SER B 57 12.51 9.05 -13.47
N LYS B 58 12.42 8.92 -12.16
CA LYS B 58 11.25 8.31 -11.51
C LYS B 58 10.06 9.26 -11.34
N PHE B 59 10.30 10.56 -11.45
CA PHE B 59 9.23 11.54 -11.44
C PHE B 59 8.45 11.50 -12.75
N GLU B 60 7.12 11.54 -12.68
CA GLU B 60 6.27 11.50 -13.87
C GLU B 60 5.50 12.80 -14.05
N GLY B 61 5.38 13.23 -15.30
CA GLY B 61 4.53 14.38 -15.65
C GLY B 61 5.20 15.74 -15.85
N LEU B 62 6.53 15.80 -15.81
CA LEU B 62 7.23 17.04 -16.15
C LEU B 62 7.62 17.07 -17.64
N ALA B 63 7.35 18.20 -18.29
CA ALA B 63 7.73 18.42 -19.70
C ALA B 63 9.13 18.99 -19.81
N PHE B 64 9.92 18.41 -20.73
CA PHE B 64 11.29 18.83 -21.00
C PHE B 64 11.36 19.42 -22.42
N PRO B 65 12.35 20.28 -22.71
CA PRO B 65 13.37 20.82 -21.82
C PRO B 65 12.77 21.86 -20.90
N VAL B 66 13.40 22.03 -19.73
CA VAL B 66 12.83 22.86 -18.67
C VAL B 66 13.92 23.62 -17.89
N ILE B 67 13.55 24.83 -17.47
CA ILE B 67 14.34 25.62 -16.52
C ILE B 67 13.66 25.55 -15.16
N VAL B 68 14.29 24.87 -14.22
CA VAL B 68 13.75 24.72 -12.87
C VAL B 68 14.22 25.90 -12.02
N GLY B 69 14.13 25.78 -10.69
CA GLY B 69 14.44 26.85 -9.76
C GLY B 69 13.15 27.55 -9.35
N HIS B 70 12.92 27.66 -8.05
CA HIS B 70 11.72 28.31 -7.53
C HIS B 70 11.96 29.09 -6.24
N GLU B 71 13.21 29.19 -5.82
CA GLU B 71 13.59 29.83 -4.56
C GLU B 71 14.60 30.95 -4.90
N ALA B 72 14.11 32.18 -5.01
CA ALA B 72 14.93 33.29 -5.49
C ALA B 72 14.46 34.65 -5.00
N ALA B 73 15.31 35.66 -5.22
CA ALA B 73 14.93 37.06 -5.04
C ALA B 73 15.59 37.86 -6.15
N GLY B 74 14.90 38.90 -6.63
CA GLY B 74 15.41 39.69 -7.74
C GLY B 74 14.82 41.07 -7.82
N ILE B 75 15.01 41.68 -8.98
CA ILE B 75 14.61 43.07 -9.25
C ILE B 75 13.79 43.06 -10.53
N VAL B 76 12.68 43.79 -10.54
CA VAL B 76 11.81 43.89 -11.71
C VAL B 76 12.51 44.64 -12.83
N GLU B 77 12.65 43.97 -13.98
CA GLU B 77 13.23 44.60 -15.16
C GLU B 77 12.16 45.34 -15.98
N SER B 78 11.01 44.71 -16.17
CA SER B 78 9.90 45.33 -16.90
C SER B 78 8.55 44.66 -16.59
N ILE B 79 7.46 45.36 -16.89
CA ILE B 79 6.11 44.90 -16.64
C ILE B 79 5.31 44.91 -17.94
N GLY B 80 4.38 43.97 -18.08
CA GLY B 80 3.50 43.93 -19.24
C GLY B 80 2.27 44.78 -19.01
N PRO B 81 1.43 44.95 -20.05
CA PRO B 81 0.16 45.67 -19.96
C PRO B 81 -0.75 45.25 -18.79
N GLY B 82 -1.31 46.25 -18.10
CA GLY B 82 -2.27 46.03 -17.03
C GLY B 82 -1.69 45.71 -15.65
N VAL B 83 -0.37 45.60 -15.54
CA VAL B 83 0.29 45.34 -14.25
C VAL B 83 0.23 46.58 -13.34
N THR B 84 -0.45 46.42 -12.19
CA THR B 84 -0.66 47.50 -11.20
C THR B 84 0.14 47.34 -9.87
N ASN B 85 0.80 46.20 -9.68
CA ASN B 85 1.34 45.80 -8.35
C ASN B 85 2.85 46.00 -8.16
N VAL B 86 3.59 46.05 -9.26
CA VAL B 86 5.03 46.29 -9.22
C VAL B 86 5.41 47.22 -10.37
N LYS B 87 6.62 47.78 -10.30
CA LYS B 87 7.18 48.62 -11.35
C LYS B 87 8.66 48.29 -11.49
N PRO B 88 9.28 48.65 -12.63
CA PRO B 88 10.71 48.42 -12.80
C PRO B 88 11.52 48.90 -11.58
N GLY B 89 12.48 48.08 -11.14
CA GLY B 89 13.36 48.45 -10.03
C GLY B 89 12.93 47.92 -8.68
N ASP B 90 11.67 47.53 -8.55
CA ASP B 90 11.17 46.95 -7.30
C ASP B 90 11.86 45.64 -7.00
N LYS B 91 12.20 45.43 -5.73
CA LYS B 91 12.68 44.14 -5.27
C LYS B 91 11.50 43.18 -5.11
N VAL B 92 11.68 41.96 -5.61
CA VAL B 92 10.61 40.95 -5.66
C VAL B 92 11.09 39.56 -5.27
N ILE B 93 10.16 38.74 -4.78
CA ILE B 93 10.36 37.30 -4.64
C ILE B 93 9.34 36.61 -5.54
N PRO B 94 9.82 35.80 -6.52
CA PRO B 94 8.90 35.02 -7.34
C PRO B 94 8.22 33.96 -6.51
N LEU B 95 6.94 33.73 -6.77
CA LEU B 95 6.09 32.85 -5.97
C LEU B 95 5.52 31.73 -6.83
N TYR B 96 5.81 30.48 -6.46
CA TYR B 96 5.22 29.34 -7.15
C TYR B 96 3.77 29.10 -6.70
N ALA B 97 3.44 29.61 -5.51
CA ALA B 97 2.09 29.54 -4.97
C ALA B 97 1.41 30.85 -5.32
N PRO B 98 0.54 30.84 -6.34
CA PRO B 98 -0.11 32.10 -6.72
C PRO B 98 -1.22 32.54 -5.76
N LEU B 99 -1.58 33.82 -5.85
CA LEU B 99 -2.73 34.34 -5.12
C LEU B 99 -3.56 35.21 -6.07
N CYS B 100 -4.53 34.58 -6.71
CA CYS B 100 -5.40 35.27 -7.68
C CYS B 100 -6.49 36.10 -7.00
N ARG B 101 -6.84 35.72 -5.78
CA ARG B 101 -7.80 36.47 -4.96
C ARG B 101 -9.25 36.35 -5.42
N LYS B 102 -9.52 35.58 -6.47
CA LYS B 102 -10.87 35.45 -7.04
C LYS B 102 -11.54 34.10 -6.72
N CYS B 103 -10.74 33.05 -6.66
CA CYS B 103 -11.30 31.71 -6.56
C CYS B 103 -11.71 31.37 -5.12
N LYS B 104 -12.44 30.26 -5.01
CA LYS B 104 -12.95 29.75 -3.75
C LYS B 104 -11.85 29.48 -2.71
N PHE B 105 -10.65 29.15 -3.18
CA PHE B 105 -9.53 28.86 -2.29
C PHE B 105 -8.90 30.14 -1.77
N CYS B 106 -8.66 31.10 -2.64
CA CYS B 106 -8.10 32.39 -2.25
C CYS B 106 -8.98 33.14 -1.26
N LEU B 107 -10.30 32.99 -1.41
CA LEU B 107 -11.27 33.66 -0.56
C LEU B 107 -11.46 32.96 0.80
N SER B 108 -10.90 31.76 0.97
CA SER B 108 -11.00 31.03 2.22
C SER B 108 -9.79 31.30 3.13
N PRO B 109 -10.04 31.53 4.44
CA PRO B 109 -8.94 31.59 5.40
C PRO B 109 -8.33 30.23 5.77
N LEU B 110 -8.93 29.14 5.29
CA LEU B 110 -8.49 27.79 5.66
C LEU B 110 -7.37 27.21 4.77
N THR B 111 -7.04 27.90 3.67
CA THR B 111 -6.03 27.39 2.73
C THR B 111 -5.26 28.51 2.03
N ASN B 112 -4.04 28.21 1.61
CA ASN B 112 -3.25 29.11 0.75
C ASN B 112 -3.15 28.58 -0.68
N LEU B 113 -3.96 27.58 -1.00
CA LEU B 113 -4.06 27.04 -2.35
C LEU B 113 -4.80 28.07 -3.23
N CYS B 114 -4.52 28.04 -4.52
CA CYS B 114 -5.22 28.88 -5.50
C CYS B 114 -5.61 28.00 -6.67
N GLY B 115 -6.82 28.20 -7.15
CA GLY B 115 -7.37 27.45 -8.27
C GLY B 115 -6.63 27.57 -9.59
N LYS B 116 -5.68 28.51 -9.69
CA LYS B 116 -4.79 28.56 -10.83
C LYS B 116 -4.05 27.24 -11.02
N ILE B 117 -3.65 26.60 -9.91
CA ILE B 117 -3.07 25.25 -9.99
C ILE B 117 -4.19 24.22 -10.11
N SER B 118 -4.38 23.72 -11.31
CA SER B 118 -5.45 22.74 -11.61
C SER B 118 -4.97 21.29 -11.52
N ASN B 119 -3.65 21.07 -11.63
CA ASN B 119 -3.11 19.72 -11.46
C ASN B 119 -2.89 19.43 -9.97
N LEU B 120 -3.95 19.00 -9.31
CA LEU B 120 -3.91 18.73 -7.86
C LEU B 120 -3.22 17.42 -7.49
N LYS B 121 -3.16 16.45 -8.41
CA LYS B 121 -2.42 15.22 -8.15
C LYS B 121 -0.89 15.42 -8.18
N SER B 122 -0.42 16.46 -8.87
CA SER B 122 1.00 16.85 -8.88
C SER B 122 1.15 18.35 -9.15
N PRO B 123 0.99 19.18 -8.10
CA PRO B 123 1.15 20.63 -8.28
C PRO B 123 2.47 21.05 -8.91
N ALA B 124 3.56 20.34 -8.58
CA ALA B 124 4.90 20.67 -9.12
C ALA B 124 5.02 20.58 -10.64
N SER B 125 4.08 19.90 -11.30
CA SER B 125 4.12 19.77 -12.76
C SER B 125 3.18 20.75 -13.49
N ASP B 126 2.52 21.63 -12.74
CA ASP B 126 1.64 22.64 -13.32
C ASP B 126 2.47 23.92 -13.53
N GLN B 127 1.91 24.89 -14.27
CA GLN B 127 2.54 26.19 -14.53
C GLN B 127 3.88 26.09 -15.29
N GLN B 128 3.95 25.16 -16.23
CA GLN B 128 5.11 25.06 -17.12
C GLN B 128 4.94 25.97 -18.33
N LEU B 129 3.74 26.52 -18.48
CA LEU B 129 3.46 27.51 -19.50
C LEU B 129 2.82 28.72 -18.83
N MET B 130 2.86 29.85 -19.51
CA MET B 130 2.18 31.07 -19.07
C MET B 130 0.68 30.94 -19.36
N GLU B 131 -0.09 31.99 -19.10
CA GLU B 131 -1.56 31.97 -19.20
C GLU B 131 -2.06 31.59 -20.60
N ASP B 132 -1.43 32.15 -21.62
CA ASP B 132 -1.81 31.90 -23.01
C ASP B 132 -1.27 30.57 -23.58
N LYS B 133 -0.73 29.72 -22.73
CA LYS B 133 -0.26 28.40 -23.12
C LYS B 133 0.95 28.51 -24.03
N THR B 134 1.76 29.52 -23.78
CA THR B 134 3.05 29.64 -24.44
C THR B 134 4.14 29.85 -23.41
N SER B 135 5.38 29.71 -23.87
CA SER B 135 6.58 29.88 -23.04
C SER B 135 7.31 31.15 -23.43
N ARG B 136 8.00 31.76 -22.47
CA ARG B 136 8.80 32.96 -22.73
C ARG B 136 10.27 32.62 -22.98
N PHE B 137 10.61 31.32 -22.98
CA PHE B 137 11.99 30.86 -23.13
C PHE B 137 12.23 30.17 -24.47
N THR B 138 13.37 30.46 -25.08
CA THR B 138 13.80 29.82 -26.31
C THR B 138 15.27 29.41 -26.18
N CYS B 139 15.61 28.22 -26.65
CA CYS B 139 16.99 27.78 -26.68
C CYS B 139 17.22 26.86 -27.88
N LYS B 140 18.23 27.21 -28.67
CA LYS B 140 18.57 26.47 -29.89
C LYS B 140 17.36 26.35 -30.83
N GLY B 141 16.64 27.46 -30.97
CA GLY B 141 15.50 27.55 -31.87
C GLY B 141 14.22 26.87 -31.40
N LYS B 142 14.22 26.32 -30.18
CA LYS B 142 13.08 25.58 -29.65
C LYS B 142 12.60 26.16 -28.33
N PRO B 143 11.29 26.02 -28.03
CA PRO B 143 10.77 26.40 -26.72
C PRO B 143 11.38 25.61 -25.55
N VAL B 144 11.52 26.29 -24.41
CA VAL B 144 11.92 25.66 -23.16
C VAL B 144 10.83 25.94 -22.14
N TYR B 145 10.39 24.90 -21.44
CA TYR B 145 9.28 25.01 -20.50
C TYR B 145 9.68 25.72 -19.21
N HIS B 146 8.69 26.36 -18.60
CA HIS B 146 8.84 26.94 -17.28
C HIS B 146 8.69 25.86 -16.22
N PHE B 147 9.01 26.20 -14.98
CA PHE B 147 8.81 25.33 -13.84
C PHE B 147 8.16 26.08 -12.68
N PHE B 148 7.04 25.54 -12.20
CA PHE B 148 6.34 26.03 -11.00
C PHE B 148 5.97 27.53 -11.12
N GLY B 149 5.83 28.00 -12.35
CA GLY B 149 5.54 29.42 -12.61
C GLY B 149 6.67 30.40 -12.31
N THR B 150 7.89 29.91 -12.04
CA THR B 150 8.98 30.75 -11.53
C THR B 150 10.26 30.66 -12.37
N SER B 151 10.76 29.44 -12.61
CA SER B 151 12.00 29.21 -13.41
C SER B 151 13.14 30.18 -13.03
N THR B 152 13.62 30.06 -11.80
CA THR B 152 14.58 31.01 -11.26
C THR B 152 16.05 30.66 -11.59
N PHE B 153 16.28 29.56 -12.29
CA PHE B 153 17.63 29.20 -12.79
C PHE B 153 17.94 29.78 -14.18
N SER B 154 17.32 30.93 -14.47
CA SER B 154 17.63 31.77 -15.61
C SER B 154 17.87 33.16 -15.04
N GLN B 155 18.85 33.89 -15.59
CA GLN B 155 19.17 35.21 -15.03
C GLN B 155 17.99 36.16 -15.15
N TYR B 156 17.22 36.00 -16.22
CA TYR B 156 15.95 36.70 -16.37
C TYR B 156 14.84 35.67 -16.52
N THR B 157 13.74 35.88 -15.80
CA THR B 157 12.57 35.03 -15.92
C THR B 157 11.32 35.89 -16.06
N VAL B 158 10.22 35.28 -16.51
CA VAL B 158 8.95 35.97 -16.64
C VAL B 158 7.90 35.20 -15.85
N VAL B 159 7.19 35.91 -14.98
CA VAL B 159 6.15 35.33 -14.13
C VAL B 159 4.86 36.15 -14.27
N SER B 160 3.73 35.53 -13.96
CA SER B 160 2.47 36.29 -13.91
C SER B 160 2.49 37.27 -12.73
N ASP B 161 1.63 38.28 -12.82
CA ASP B 161 1.56 39.32 -11.78
C ASP B 161 0.89 38.83 -10.48
N ILE B 162 0.41 37.59 -10.46
CA ILE B 162 -0.05 36.95 -9.21
C ILE B 162 0.93 35.88 -8.70
N ASN B 163 2.13 35.84 -9.31
CA ASN B 163 3.20 34.90 -8.91
C ASN B 163 4.45 35.65 -8.45
N LEU B 164 4.27 36.75 -7.75
CA LEU B 164 5.39 37.43 -7.12
C LEU B 164 4.89 38.36 -6.02
N ALA B 165 5.78 38.69 -5.11
CA ALA B 165 5.52 39.64 -4.05
C ALA B 165 6.56 40.74 -4.11
N LYS B 166 6.10 41.98 -4.07
CA LYS B 166 6.98 43.13 -3.89
C LYS B 166 7.42 43.16 -2.43
N ILE B 167 8.72 43.39 -2.20
CA ILE B 167 9.27 43.38 -0.85
C ILE B 167 10.02 44.68 -0.55
N ASP B 168 10.45 44.81 0.70
CA ASP B 168 11.15 46.00 1.19
C ASP B 168 12.34 46.36 0.29
N ASP B 169 12.48 47.66 -0.02
CA ASP B 169 13.58 48.16 -0.85
C ASP B 169 14.96 47.84 -0.26
N ASP B 170 15.02 47.76 1.06
CA ASP B 170 16.27 47.49 1.78
C ASP B 170 16.58 46.00 1.96
N ALA B 171 15.76 45.10 1.40
CA ALA B 171 15.95 43.66 1.62
C ALA B 171 17.28 43.11 1.10
N ASN B 172 17.91 42.22 1.86
CA ASN B 172 19.10 41.48 1.42
C ASN B 172 18.69 40.30 0.51
N LEU B 173 18.88 40.48 -0.80
CA LEU B 173 18.41 39.52 -1.80
C LEU B 173 19.12 38.17 -1.73
N GLU B 174 20.35 38.15 -1.21
CA GLU B 174 21.09 36.90 -1.02
C GLU B 174 20.64 36.10 0.22
N ARG B 175 19.72 36.65 1.01
CA ARG B 175 19.12 35.88 2.12
C ARG B 175 17.62 35.69 2.02
N VAL B 176 16.88 36.72 1.61
CA VAL B 176 15.41 36.64 1.54
C VAL B 176 14.93 35.70 0.43
N CYS B 177 15.81 35.34 -0.51
CA CYS B 177 15.52 34.27 -1.48
C CYS B 177 15.07 32.94 -0.83
N LEU B 178 15.55 32.70 0.40
CA LEU B 178 15.17 31.51 1.16
C LEU B 178 13.70 31.49 1.55
N LEU B 179 13.08 32.67 1.63
CA LEU B 179 11.63 32.78 1.88
C LEU B 179 10.79 32.35 0.68
N GLY B 180 11.43 32.19 -0.48
CA GLY B 180 10.79 31.72 -1.70
C GLY B 180 10.31 30.28 -1.66
N CYS B 181 10.86 29.48 -0.74
CA CYS B 181 10.31 28.14 -0.51
C CYS B 181 10.66 27.53 0.85
N GLY B 182 11.92 27.18 1.04
CA GLY B 182 12.37 26.35 2.15
C GLY B 182 12.09 26.85 3.55
N PHE B 183 12.51 28.08 3.86
CA PHE B 183 12.21 28.62 5.18
C PHE B 183 10.73 28.75 5.40
N SER B 184 10.04 29.40 4.48
CA SER B 184 8.61 29.68 4.61
C SER B 184 7.79 28.41 4.80
N THR B 185 8.19 27.36 4.10
CA THR B 185 7.50 26.07 4.16
C THR B 185 7.65 25.37 5.52
N GLY B 186 8.90 25.25 5.99
CA GLY B 186 9.16 24.60 7.28
C GLY B 186 8.60 25.39 8.46
N TYR B 187 8.85 26.69 8.45
CA TYR B 187 8.41 27.59 9.50
C TYR B 187 6.88 27.64 9.57
N GLY B 188 6.28 27.86 8.41
CA GLY B 188 4.84 27.88 8.27
C GLY B 188 4.16 26.56 8.52
N ALA B 189 4.79 25.44 8.17
CA ALA B 189 4.20 24.11 8.42
C ALA B 189 3.95 23.89 9.92
N ALA B 190 4.90 24.33 10.75
CA ALA B 190 4.78 24.23 12.21
C ALA B 190 3.70 25.15 12.77
N ILE B 191 3.68 26.39 12.30
CA ILE B 191 2.76 27.41 12.81
C ILE B 191 1.34 27.26 12.23
N ASN B 192 1.25 27.11 10.92
CA ASN B 192 -0.05 27.16 10.22
C ASN B 192 -0.72 25.81 10.02
N ASN B 193 0.06 24.81 9.61
CA ASN B 193 -0.52 23.54 9.20
C ASN B 193 -0.61 22.58 10.37
N ALA B 194 0.53 22.32 11.02
CA ALA B 194 0.56 21.48 12.21
C ALA B 194 -0.19 22.14 13.38
N LYS B 195 -0.06 23.47 13.47
CA LYS B 195 -0.60 24.30 14.56
C LYS B 195 -0.04 23.88 15.92
N VAL B 196 1.29 23.81 15.97
CA VAL B 196 2.03 23.49 17.17
C VAL B 196 1.60 24.43 18.31
N THR B 197 1.35 23.86 19.48
CA THR B 197 0.82 24.60 20.62
C THR B 197 1.90 24.79 21.69
N PRO B 198 1.78 25.84 22.53
CA PRO B 198 2.70 26.07 23.66
C PRO B 198 2.79 24.89 24.63
N GLY B 199 4.03 24.51 24.99
CA GLY B 199 4.26 23.39 25.91
C GLY B 199 4.30 22.01 25.28
N SER B 200 4.08 21.93 23.96
CA SER B 200 3.95 20.64 23.28
C SER B 200 5.30 20.01 23.00
N THR B 201 5.26 18.73 22.63
CA THR B 201 6.43 18.00 22.17
C THR B 201 6.30 17.73 20.66
N CYS B 202 7.42 17.93 19.95
CA CYS B 202 7.48 17.84 18.48
C CYS B 202 8.62 16.93 18.03
N ALA B 203 8.43 16.26 16.89
CA ALA B 203 9.46 15.54 16.17
C ALA B 203 9.54 16.10 14.75
N VAL B 204 10.74 16.45 14.31
CA VAL B 204 11.00 16.94 12.96
C VAL B 204 11.93 15.94 12.29
N PHE B 205 11.44 15.28 11.24
CA PHE B 205 12.23 14.30 10.48
C PHE B 205 12.84 15.02 9.28
N GLY B 206 14.17 14.97 9.18
CA GLY B 206 14.88 15.67 8.13
C GLY B 206 15.27 17.05 8.61
N LEU B 207 16.58 17.28 8.71
CA LEU B 207 17.12 18.54 9.22
C LEU B 207 17.89 19.30 8.14
N GLY B 208 17.24 19.47 7.00
CA GLY B 208 17.76 20.32 5.93
C GLY B 208 17.13 21.69 6.03
N GLY B 209 17.06 22.38 4.89
CA GLY B 209 16.49 23.73 4.86
C GLY B 209 15.08 23.80 5.42
N VAL B 210 14.20 22.90 4.97
CA VAL B 210 12.82 22.85 5.45
C VAL B 210 12.72 22.42 6.93
N GLY B 211 13.42 21.36 7.28
CA GLY B 211 13.40 20.84 8.64
C GLY B 211 13.94 21.77 9.71
N LEU B 212 15.07 22.43 9.43
CA LEU B 212 15.61 23.39 10.38
C LEU B 212 14.66 24.59 10.56
N SER B 213 13.94 24.94 9.50
CA SER B 213 12.94 25.96 9.55
C SER B 213 11.71 25.54 10.34
N ALA B 214 11.35 24.26 10.25
CA ALA B 214 10.31 23.67 11.12
C ALA B 214 10.72 23.65 12.59
N VAL B 215 12.00 23.38 12.88
CA VAL B 215 12.52 23.49 14.25
C VAL B 215 12.33 24.90 14.80
N MET B 216 12.72 25.90 14.01
CA MET B 216 12.50 27.30 14.32
C MET B 216 11.03 27.67 14.51
N GLY B 217 10.16 27.06 13.69
CA GLY B 217 8.72 27.25 13.80
C GLY B 217 8.14 26.63 15.06
N CYS B 218 8.55 25.40 15.37
CA CYS B 218 8.10 24.73 16.59
C CYS B 218 8.51 25.53 17.82
N LYS B 219 9.73 26.06 17.82
CA LYS B 219 10.21 26.89 18.94
C LYS B 219 9.38 28.17 19.07
N ALA B 220 9.18 28.86 17.96
CA ALA B 220 8.40 30.10 17.93
C ALA B 220 6.98 29.86 18.42
N ALA B 221 6.44 28.67 18.15
CA ALA B 221 5.07 28.33 18.59
C ALA B 221 4.96 27.95 20.07
N GLY B 222 6.10 27.80 20.75
CA GLY B 222 6.12 27.53 22.19
C GLY B 222 6.35 26.09 22.60
N ALA B 223 6.77 25.25 21.66
CA ALA B 223 7.06 23.85 21.95
C ALA B 223 8.10 23.77 23.07
N SER B 224 7.88 22.85 24.01
CA SER B 224 8.80 22.66 25.15
C SER B 224 9.84 21.57 24.86
N ARG B 225 9.57 20.71 23.90
CA ARG B 225 10.53 19.70 23.47
C ARG B 225 10.49 19.54 21.97
N ILE B 226 11.66 19.56 21.34
CA ILE B 226 11.76 19.45 19.89
C ILE B 226 12.83 18.42 19.57
N ILE B 227 12.41 17.28 19.05
CA ILE B 227 13.31 16.19 18.69
C ILE B 227 13.60 16.23 17.17
N GLY B 228 14.85 16.46 16.82
CA GLY B 228 15.31 16.43 15.43
C GLY B 228 15.83 15.05 15.04
N ILE B 229 15.36 14.54 13.90
CA ILE B 229 15.76 13.25 13.40
C ILE B 229 16.43 13.42 12.02
N ASP B 230 17.64 12.89 11.89
CA ASP B 230 18.32 12.82 10.60
C ASP B 230 19.25 11.62 10.53
N ILE B 231 19.35 11.03 9.34
CA ILE B 231 20.29 9.96 9.06
C ILE B 231 21.72 10.49 8.95
N ASN B 232 21.85 11.81 8.85
CA ASN B 232 23.13 12.51 8.85
C ASN B 232 23.31 13.29 10.17
N SER B 233 24.18 12.81 11.05
CA SER B 233 24.37 13.41 12.40
C SER B 233 25.12 14.74 12.41
N GLU B 234 25.76 15.11 11.30
CA GLU B 234 26.41 16.40 11.16
C GLU B 234 25.42 17.57 11.20
N LYS B 235 24.13 17.29 11.00
CA LYS B 235 23.09 18.33 11.02
C LYS B 235 22.63 18.73 12.43
N PHE B 236 23.08 17.97 13.43
CA PHE B 236 22.59 18.10 14.81
C PHE B 236 23.04 19.36 15.57
N VAL B 237 24.26 19.82 15.34
CA VAL B 237 24.74 21.07 15.97
C VAL B 237 23.86 22.27 15.58
N LYS B 238 23.60 22.44 14.28
CA LYS B 238 22.70 23.48 13.80
C LYS B 238 21.27 23.35 14.36
N ALA B 239 20.73 22.14 14.35
CA ALA B 239 19.36 21.91 14.83
C ALA B 239 19.22 22.33 16.30
N LYS B 240 20.17 21.92 17.13
CA LYS B 240 20.17 22.28 18.55
C LYS B 240 20.34 23.78 18.76
N ALA B 241 21.21 24.40 17.98
CA ALA B 241 21.39 25.84 17.99
C ALA B 241 20.10 26.56 17.66
N LEU B 242 19.29 25.99 16.76
CA LEU B 242 18.05 26.66 16.35
C LEU B 242 16.82 26.24 17.19
N GLY B 243 16.99 25.36 18.18
CA GLY B 243 15.92 25.03 19.12
C GLY B 243 15.64 23.57 19.44
N ALA B 244 16.28 22.64 18.73
CA ALA B 244 16.11 21.21 19.02
C ALA B 244 16.63 20.90 20.42
N THR B 245 15.81 20.23 21.23
CA THR B 245 16.21 19.81 22.57
C THR B 245 16.86 18.41 22.57
N ASP B 246 16.58 17.62 21.53
CA ASP B 246 17.09 16.27 21.38
C ASP B 246 17.34 16.01 19.91
N CYS B 247 18.36 15.20 19.60
CA CYS B 247 18.61 14.78 18.22
C CYS B 247 18.92 13.29 18.17
N LEU B 248 18.30 12.60 17.20
CA LEU B 248 18.40 11.16 17.08
C LEU B 248 18.69 10.78 15.62
N ASN B 249 19.64 9.86 15.45
CA ASN B 249 19.91 9.21 14.16
C ASN B 249 19.31 7.80 14.17
N PRO B 250 18.38 7.50 13.24
CA PRO B 250 17.72 6.19 13.17
C PRO B 250 18.69 5.01 12.96
N ARG B 251 19.83 5.29 12.33
CA ARG B 251 20.84 4.29 12.07
C ARG B 251 21.62 3.88 13.32
N ASP B 252 21.49 4.63 14.41
CA ASP B 252 22.28 4.32 15.64
C ASP B 252 21.78 3.12 16.45
N LEU B 253 20.53 2.73 16.27
CA LEU B 253 19.98 1.58 17.01
C LEU B 253 19.20 0.68 16.07
N HIS B 254 19.15 -0.61 16.39
CA HIS B 254 18.32 -1.58 15.65
C HIS B 254 16.83 -1.34 15.91
N LYS B 255 16.50 -0.83 17.10
CA LYS B 255 15.14 -0.43 17.44
C LYS B 255 14.64 0.67 16.51
N PRO B 256 13.47 0.49 15.88
CA PRO B 256 12.94 1.50 14.96
C PRO B 256 12.83 2.87 15.63
N ILE B 257 13.20 3.93 14.90
CA ILE B 257 13.25 5.29 15.46
C ILE B 257 11.92 5.73 16.10
N GLN B 258 10.78 5.37 15.51
CA GLN B 258 9.47 5.69 16.13
C GLN B 258 9.30 5.09 17.54
N GLU B 259 9.82 3.90 17.76
CA GLU B 259 9.78 3.26 19.08
C GLU B 259 10.75 3.93 20.07
N VAL B 260 11.90 4.39 19.56
CA VAL B 260 12.85 5.15 20.38
C VAL B 260 12.18 6.46 20.86
N ILE B 261 11.45 7.10 19.96
CA ILE B 261 10.75 8.35 20.25
C ILE B 261 9.60 8.14 21.25
N ILE B 262 8.82 7.09 21.04
CA ILE B 262 7.73 6.73 21.96
C ILE B 262 8.25 6.45 23.39
N GLU B 263 9.35 5.70 23.49
CA GLU B 263 9.93 5.39 24.80
C GLU B 263 10.46 6.67 25.47
N LEU B 264 11.14 7.50 24.68
CA LEU B 264 11.73 8.74 25.17
C LEU B 264 10.70 9.74 25.69
N THR B 265 9.56 9.82 25.01
CA THR B 265 8.49 10.75 25.36
C THR B 265 7.37 10.09 26.18
N LYS B 266 7.52 8.80 26.47
CA LYS B 266 6.53 8.00 27.19
C LYS B 266 5.14 8.03 26.53
N GLY B 267 5.10 7.69 25.26
CA GLY B 267 3.83 7.52 24.55
C GLY B 267 3.73 8.21 23.20
N GLY B 268 4.74 9.00 22.85
CA GLY B 268 4.81 9.65 21.55
C GLY B 268 4.69 11.16 21.63
N VAL B 269 5.02 11.83 20.52
CA VAL B 269 5.00 13.29 20.48
C VAL B 269 3.63 13.82 20.10
N ASP B 270 3.38 15.08 20.42
CA ASP B 270 2.12 15.75 20.05
C ASP B 270 2.05 16.07 18.53
N PHE B 271 3.18 16.50 17.96
CA PHE B 271 3.27 16.92 16.57
C PHE B 271 4.53 16.34 15.92
N ALA B 272 4.33 15.56 14.85
CA ALA B 272 5.42 15.10 13.99
C ALA B 272 5.30 15.81 12.65
N LEU B 273 6.45 16.18 12.10
CA LEU B 273 6.56 16.81 10.78
C LEU B 273 7.62 16.06 9.98
N ASP B 274 7.20 15.51 8.83
CA ASP B 274 8.11 14.83 7.90
C ASP B 274 8.65 15.83 6.86
N CYS B 275 9.88 16.30 7.11
CA CYS B 275 10.57 17.26 6.24
C CYS B 275 11.69 16.62 5.43
N ALA B 276 11.59 15.30 5.23
CA ALA B 276 12.56 14.50 4.45
C ALA B 276 11.84 13.93 3.23
N GLY B 277 10.88 13.04 3.47
CA GLY B 277 10.05 12.49 2.40
C GLY B 277 10.33 11.03 2.08
N GLY B 278 9.29 10.34 1.63
CA GLY B 278 9.38 8.93 1.30
C GLY B 278 8.59 8.08 2.28
N SER B 279 8.49 6.80 1.97
CA SER B 279 7.69 5.84 2.72
C SER B 279 8.16 5.65 4.17
N GLU B 280 9.48 5.61 4.37
CA GLU B 280 10.04 5.34 5.68
C GLU B 280 9.84 6.48 6.66
N THR B 281 10.09 7.70 6.21
CA THR B 281 9.89 8.86 7.06
C THR B 281 8.40 9.11 7.33
N MET B 282 7.54 8.90 6.34
CA MET B 282 6.09 9.04 6.55
C MET B 282 5.59 8.08 7.62
N LYS B 283 6.02 6.82 7.55
CA LYS B 283 5.67 5.79 8.54
C LYS B 283 6.17 6.15 9.93
N ALA B 284 7.43 6.56 10.02
CA ALA B 284 8.03 6.89 11.32
C ALA B 284 7.35 8.11 11.95
N ALA B 285 7.05 9.10 11.11
CA ALA B 285 6.35 10.32 11.55
C ALA B 285 4.95 10.03 12.12
N LEU B 286 4.17 9.22 11.42
CA LEU B 286 2.84 8.85 11.91
C LEU B 286 2.97 8.00 13.19
N ASP B 287 3.83 6.98 13.14
CA ASP B 287 3.93 6.01 14.27
C ASP B 287 4.38 6.65 15.57
N CYS B 288 5.24 7.66 15.49
CA CYS B 288 5.83 8.27 16.69
C CYS B 288 4.89 9.23 17.44
N THR B 289 3.73 9.53 16.83
CA THR B 289 2.77 10.44 17.42
C THR B 289 1.96 9.75 18.52
N THR B 290 1.63 10.50 19.55
CA THR B 290 0.76 10.02 20.60
C THR B 290 -0.62 9.60 20.07
N ALA B 291 -1.18 8.59 20.71
CA ALA B 291 -2.59 8.31 20.63
C ALA B 291 -3.34 9.49 21.28
N GLY B 292 -4.66 9.52 21.09
CA GLY B 292 -5.49 10.56 21.68
C GLY B 292 -5.60 11.77 20.78
N TRP B 293 -4.48 12.47 20.57
CA TRP B 293 -4.47 13.74 19.84
C TRP B 293 -3.22 13.95 18.96
N GLY B 294 -2.47 12.88 18.67
CA GLY B 294 -1.26 13.00 17.83
C GLY B 294 -1.55 13.60 16.47
N SER B 295 -0.66 14.47 16.02
CA SER B 295 -0.76 15.12 14.72
C SER B 295 0.49 14.82 13.90
N CYS B 296 0.28 14.40 12.67
CA CYS B 296 1.35 14.13 11.72
C CYS B 296 1.14 14.99 10.47
N THR B 297 2.14 15.82 10.16
CA THR B 297 2.12 16.70 9.00
C THR B 297 3.16 16.25 7.96
N PHE B 298 2.68 15.92 6.76
CA PHE B 298 3.56 15.56 5.65
C PHE B 298 4.00 16.79 4.86
N ILE B 299 5.31 16.92 4.64
CA ILE B 299 5.89 18.01 3.87
C ILE B 299 6.73 17.43 2.72
N GLY B 300 7.65 16.52 3.07
CA GLY B 300 8.58 15.95 2.11
C GLY B 300 7.93 15.01 1.12
N VAL B 301 8.51 14.96 -0.08
CA VAL B 301 8.10 14.06 -1.14
C VAL B 301 9.35 13.36 -1.70
N ALA B 302 9.19 12.16 -2.26
CA ALA B 302 10.31 11.46 -2.88
C ALA B 302 9.90 10.94 -4.25
N ALA B 303 10.76 11.12 -5.25
CA ALA B 303 10.48 10.62 -6.61
C ALA B 303 10.25 9.11 -6.59
N GLY B 304 9.15 8.68 -7.20
CA GLY B 304 8.83 7.26 -7.29
C GLY B 304 8.41 6.58 -5.99
N SER B 305 8.12 7.35 -4.95
CA SER B 305 7.68 6.77 -3.68
C SER B 305 6.31 6.10 -3.81
N LYS B 306 6.14 5.01 -3.07
CA LYS B 306 4.87 4.28 -2.98
C LYS B 306 4.00 4.80 -1.82
N GLY B 307 4.38 5.93 -1.22
CA GLY B 307 3.61 6.55 -0.13
C GLY B 307 3.54 5.69 1.12
N LEU B 308 2.45 5.83 1.87
CA LEU B 308 2.28 5.15 3.15
C LEU B 308 0.97 4.41 3.19
N THR B 309 1.02 3.12 3.56
CA THR B 309 -0.19 2.35 3.81
C THR B 309 -0.65 2.63 5.24
N VAL B 310 -1.88 3.11 5.38
CA VAL B 310 -2.45 3.47 6.68
C VAL B 310 -3.69 2.61 6.95
N PHE B 311 -3.75 2.06 8.17
CA PHE B 311 -4.90 1.31 8.64
C PHE B 311 -5.81 2.27 9.41
N PRO B 312 -7.14 2.07 9.33
CA PRO B 312 -8.08 2.98 9.99
C PRO B 312 -7.85 3.02 11.52
N GLU B 313 -7.40 1.91 12.10
CA GLU B 313 -7.08 1.87 13.53
C GLU B 313 -6.04 2.92 13.93
N GLU B 314 -5.12 3.24 13.02
CA GLU B 314 -4.10 4.26 13.29
C GLU B 314 -4.71 5.66 13.48
N LEU B 315 -5.89 5.91 12.90
CA LEU B 315 -6.62 7.18 13.09
C LEU B 315 -7.68 7.08 14.19
N ILE B 316 -8.31 5.92 14.28
CA ILE B 316 -9.34 5.65 15.29
C ILE B 316 -8.81 5.90 16.72
N ILE B 317 -7.55 5.58 16.97
CA ILE B 317 -6.93 5.81 18.29
C ILE B 317 -6.57 7.29 18.57
N GLY B 318 -6.82 8.15 17.59
CA GLY B 318 -6.86 9.60 17.80
C GLY B 318 -5.71 10.34 17.14
N ARG B 319 -5.40 10.00 15.90
CA ARG B 319 -4.42 10.74 15.10
C ARG B 319 -5.13 11.64 14.09
N THR B 320 -4.46 12.74 13.78
CA THR B 320 -4.81 13.60 12.65
C THR B 320 -3.63 13.63 11.69
N ILE B 321 -3.91 13.51 10.40
CA ILE B 321 -2.89 13.63 9.36
C ILE B 321 -3.24 14.79 8.43
N ASN B 322 -2.25 15.65 8.18
CA ASN B 322 -2.43 16.75 7.24
C ASN B 322 -1.12 17.01 6.49
N GLY B 323 -1.07 18.09 5.72
CA GLY B 323 0.12 18.42 4.93
C GLY B 323 0.27 19.91 4.76
N THR B 324 1.34 20.32 4.08
CA THR B 324 1.59 21.74 3.85
C THR B 324 1.87 21.97 2.38
N PHE B 325 1.45 23.14 1.89
CA PHE B 325 1.89 23.69 0.61
C PHE B 325 2.44 25.08 0.89
N PHE B 326 3.76 25.25 0.71
CA PHE B 326 4.41 26.54 0.98
C PHE B 326 4.04 27.09 2.37
N GLY B 327 4.06 26.22 3.39
CA GLY B 327 3.89 26.63 4.79
C GLY B 327 2.56 27.23 5.19
N GLY B 328 1.56 27.09 4.34
CA GLY B 328 0.24 27.63 4.64
C GLY B 328 0.08 29.12 4.50
N TRP B 329 1.09 29.79 3.92
CA TRP B 329 1.06 31.25 3.79
C TRP B 329 0.29 31.69 2.56
N LYS B 330 -0.66 32.62 2.72
CA LYS B 330 -1.22 33.39 1.59
C LYS B 330 -0.04 34.16 0.98
N SER B 331 0.46 33.69 -0.16
CA SER B 331 1.82 33.98 -0.59
C SER B 331 2.12 35.47 -0.74
N VAL B 332 1.33 36.15 -1.57
CA VAL B 332 1.58 37.55 -1.93
C VAL B 332 1.49 38.49 -0.71
N ASP B 333 0.58 38.19 0.22
CA ASP B 333 0.39 39.00 1.43
C ASP B 333 1.41 38.70 2.52
N SER B 334 1.75 37.43 2.69
CA SER B 334 2.55 37.01 3.83
C SER B 334 4.06 37.17 3.63
N ILE B 335 4.53 37.02 2.40
CA ILE B 335 5.97 37.04 2.14
C ILE B 335 6.63 38.38 2.48
N PRO B 336 6.03 39.51 2.05
CA PRO B 336 6.53 40.82 2.50
C PRO B 336 6.61 40.99 4.03
N LYS B 337 5.63 40.45 4.75
CA LYS B 337 5.64 40.47 6.22
C LYS B 337 6.77 39.60 6.79
N LEU B 338 7.05 38.47 6.14
CA LEU B 338 8.16 37.61 6.55
C LEU B 338 9.50 38.28 6.28
N VAL B 339 9.59 39.05 5.20
CA VAL B 339 10.78 39.87 4.91
C VAL B 339 11.01 40.91 6.02
N THR B 340 9.94 41.57 6.46
CA THR B 340 10.00 42.52 7.58
C THR B 340 10.41 41.84 8.89
N ASP B 341 9.81 40.68 9.18
CA ASP B 341 10.19 39.90 10.37
C ASP B 341 11.68 39.62 10.40
N TYR B 342 12.24 39.25 9.25
CA TYR B 342 13.67 38.94 9.14
C TYR B 342 14.53 40.16 9.44
N LYS B 343 14.12 41.31 8.89
CA LYS B 343 14.75 42.59 9.19
C LYS B 343 14.73 42.88 10.70
N ASN B 344 13.64 42.50 11.36
CA ASN B 344 13.49 42.66 12.81
C ASN B 344 14.04 41.49 13.63
N LYS B 345 14.82 40.61 13.00
CA LYS B 345 15.53 39.53 13.69
C LYS B 345 14.60 38.52 14.38
N LYS B 346 13.44 38.25 13.78
CA LYS B 346 12.47 37.32 14.37
C LYS B 346 12.94 35.88 14.28
N PHE B 347 13.74 35.57 13.26
CA PHE B 347 14.27 34.22 13.06
C PHE B 347 15.62 34.28 12.35
N ASN B 348 16.36 33.16 12.41
CA ASN B 348 17.73 33.09 11.90
C ASN B 348 17.83 32.44 10.50
N LEU B 349 17.72 33.25 9.45
CA LEU B 349 17.89 32.76 8.06
C LEU B 349 19.34 32.44 7.71
N ASP B 350 20.27 33.19 8.27
CA ASP B 350 21.69 32.99 7.98
C ASP B 350 22.18 31.60 8.34
N ALA B 351 21.62 31.02 9.40
CA ALA B 351 21.97 29.67 9.82
C ALA B 351 21.70 28.63 8.74
N LEU B 352 20.74 28.90 7.85
CA LEU B 352 20.43 27.97 6.76
C LEU B 352 21.48 27.96 5.64
N VAL B 353 22.26 29.04 5.49
CA VAL B 353 23.23 29.16 4.40
C VAL B 353 24.58 28.59 4.82
N THR B 354 24.98 27.51 4.14
CA THR B 354 26.26 26.84 4.38
C THR B 354 27.29 27.14 3.27
N HIS B 355 26.80 27.49 2.08
CA HIS B 355 27.63 27.68 0.89
C HIS B 355 27.09 28.80 0.03
N THR B 356 27.98 29.52 -0.62
CA THR B 356 27.63 30.54 -1.61
C THR B 356 28.51 30.31 -2.86
N LEU B 357 27.87 30.20 -4.03
CA LEU B 357 28.60 29.91 -5.26
C LEU B 357 28.11 30.78 -6.41
N PRO B 358 28.97 30.99 -7.42
CA PRO B 358 28.50 31.66 -8.63
C PRO B 358 27.56 30.72 -9.37
N PHE B 359 26.58 31.26 -10.08
CA PHE B 359 25.58 30.44 -10.77
C PHE B 359 26.22 29.41 -11.73
N ASP B 360 27.38 29.74 -12.28
CA ASP B 360 28.13 28.83 -13.14
C ASP B 360 28.39 27.46 -12.51
N LYS B 361 28.58 27.44 -11.19
CA LYS B 361 28.85 26.19 -10.46
C LYS B 361 27.59 25.51 -9.89
N ILE B 362 26.45 25.70 -10.57
CA ILE B 362 25.18 25.13 -10.11
C ILE B 362 25.24 23.62 -9.86
N SER B 363 26.00 22.88 -10.67
CA SER B 363 26.16 21.43 -10.49
C SER B 363 26.80 21.06 -9.15
N GLU B 364 27.72 21.89 -8.68
CA GLU B 364 28.30 21.72 -7.34
C GLU B 364 27.24 21.83 -6.23
N ALA B 365 26.28 22.72 -6.40
CA ALA B 365 25.18 22.86 -5.43
C ALA B 365 24.37 21.57 -5.34
N PHE B 366 24.10 20.94 -6.49
CA PHE B 366 23.43 19.63 -6.53
C PHE B 366 24.26 18.54 -5.85
N ASP B 367 25.56 18.54 -6.13
CA ASP B 367 26.50 17.59 -5.52
C ASP B 367 26.56 17.75 -4.00
N LEU B 368 26.67 18.98 -3.51
CA LEU B 368 26.64 19.26 -2.07
C LEU B 368 25.36 18.73 -1.41
N MET B 369 24.21 18.93 -2.06
CA MET B 369 22.95 18.46 -1.51
C MET B 369 22.89 16.93 -1.51
N ASN B 370 23.29 16.33 -2.64
CA ASN B 370 23.21 14.88 -2.83
C ASN B 370 24.21 14.12 -1.94
N GLN B 371 25.33 14.76 -1.62
CA GLN B 371 26.30 14.21 -0.69
C GLN B 371 26.01 14.57 0.78
N GLY B 372 24.96 15.36 1.01
CA GLY B 372 24.58 15.77 2.35
C GLY B 372 25.50 16.77 3.02
N LYS B 373 26.21 17.58 2.22
CA LYS B 373 27.23 18.51 2.78
C LYS B 373 26.74 19.96 2.99
N SER B 374 25.57 20.29 2.46
CA SER B 374 25.01 21.63 2.59
C SER B 374 23.66 21.61 3.30
N ILE B 375 23.21 22.80 3.70
CA ILE B 375 21.81 23.02 4.02
C ILE B 375 21.23 23.78 2.82
N ARG B 376 21.49 25.07 2.73
CA ARG B 376 21.19 25.83 1.51
C ARG B 376 22.46 26.43 0.93
N THR B 377 22.57 26.31 -0.39
CA THR B 377 23.59 26.98 -1.18
C THR B 377 22.94 28.15 -1.92
N ILE B 378 23.49 29.35 -1.74
CA ILE B 378 23.05 30.54 -2.48
C ILE B 378 23.85 30.63 -3.77
N LEU B 379 23.16 30.65 -4.90
CA LEU B 379 23.80 30.83 -6.21
C LEU B 379 23.63 32.27 -6.68
N ILE B 380 24.75 32.90 -7.05
CA ILE B 380 24.79 34.31 -7.43
C ILE B 380 25.03 34.48 -8.93
N PHE B 381 24.10 35.15 -9.60
CA PHE B 381 24.23 35.41 -11.03
C PHE B 381 25.26 36.51 -11.29
N GLY C 3 14.76 -44.49 35.00
CA GLY C 3 14.40 -44.05 33.62
C GLY C 3 13.28 -43.01 33.61
N THR C 4 13.24 -42.22 32.54
CA THR C 4 12.26 -41.15 32.39
C THR C 4 11.07 -41.53 31.49
N LYS C 5 11.12 -42.71 30.88
CA LYS C 5 10.06 -43.17 29.98
C LYS C 5 8.72 -43.27 30.71
N GLY C 6 7.71 -42.61 30.16
CA GLY C 6 6.38 -42.58 30.77
C GLY C 6 6.24 -41.59 31.93
N LYS C 7 7.32 -40.88 32.25
CA LYS C 7 7.36 -39.95 33.39
C LYS C 7 7.39 -38.50 32.93
N VAL C 8 6.83 -37.61 33.75
CA VAL C 8 7.00 -36.18 33.57
C VAL C 8 8.48 -35.82 33.81
N ILE C 9 9.07 -35.03 32.91
CA ILE C 9 10.44 -34.55 33.07
C ILE C 9 10.42 -33.09 33.53
N LYS C 10 11.19 -32.79 34.57
CA LYS C 10 11.43 -31.42 35.01
C LYS C 10 12.75 -30.97 34.40
N CYS C 11 12.75 -29.81 33.76
CA CYS C 11 13.96 -29.28 33.11
C CYS C 11 13.88 -27.76 32.99
N LYS C 12 14.94 -27.14 32.45
CA LYS C 12 14.94 -25.71 32.14
C LYS C 12 14.40 -25.41 30.73
N ALA C 13 13.68 -24.29 30.62
CA ALA C 13 13.27 -23.75 29.34
C ALA C 13 13.29 -22.22 29.42
N ALA C 14 13.43 -21.57 28.26
CA ALA C 14 13.27 -20.11 28.16
C ALA C 14 11.83 -19.80 27.74
N ILE C 15 11.10 -19.09 28.60
CA ILE C 15 9.69 -18.79 28.39
C ILE C 15 9.48 -17.31 28.07
N ALA C 16 8.68 -17.02 27.05
CA ALA C 16 8.13 -15.69 26.82
C ALA C 16 6.78 -15.61 27.51
N TRP C 17 6.71 -14.86 28.60
CA TRP C 17 5.48 -14.72 29.37
C TRP C 17 4.48 -13.78 28.68
N GLU C 18 5.00 -12.79 27.96
CA GLU C 18 4.17 -11.85 27.21
C GLU C 18 5.00 -11.25 26.09
N ALA C 19 4.32 -10.61 25.14
CA ALA C 19 4.99 -9.95 24.00
C ALA C 19 5.84 -8.77 24.46
N GLY C 20 6.98 -8.59 23.80
CA GLY C 20 7.81 -7.40 23.99
C GLY C 20 8.70 -7.42 25.22
N LYS C 21 8.85 -8.58 25.85
CA LYS C 21 9.72 -8.72 27.03
C LYS C 21 10.79 -9.77 26.81
N PRO C 22 11.94 -9.61 27.48
CA PRO C 22 12.96 -10.66 27.34
C PRO C 22 12.48 -12.02 27.86
N LEU C 23 13.09 -13.08 27.36
CA LEU C 23 12.79 -14.44 27.79
C LEU C 23 13.25 -14.65 29.20
N CYS C 24 12.59 -15.58 29.91
CA CYS C 24 12.96 -15.94 31.28
C CYS C 24 13.23 -17.42 31.39
N ILE C 25 14.39 -17.76 31.94
CA ILE C 25 14.72 -19.16 32.23
C ILE C 25 13.84 -19.64 33.39
N GLU C 26 13.07 -20.68 33.15
CA GLU C 26 12.15 -21.23 34.17
C GLU C 26 12.30 -22.75 34.25
N GLU C 27 11.89 -23.33 35.36
CA GLU C 27 11.73 -24.77 35.43
C GLU C 27 10.34 -25.12 34.90
N VAL C 28 10.31 -26.06 33.95
CA VAL C 28 9.06 -26.50 33.35
C VAL C 28 8.89 -28.01 33.53
N GLU C 29 7.66 -28.47 33.44
CA GLU C 29 7.34 -29.90 33.40
C GLU C 29 6.98 -30.28 31.98
N VAL C 30 7.69 -31.27 31.43
CA VAL C 30 7.42 -31.80 30.10
C VAL C 30 6.75 -33.16 30.23
N ALA C 31 5.49 -33.24 29.77
CA ALA C 31 4.69 -34.46 29.83
C ALA C 31 5.21 -35.53 28.86
N PRO C 32 4.95 -36.81 29.15
CA PRO C 32 5.37 -37.85 28.21
C PRO C 32 4.65 -37.71 26.86
N PRO C 33 5.23 -38.24 25.79
CA PRO C 33 4.62 -38.17 24.48
C PRO C 33 3.38 -39.09 24.39
N LYS C 34 2.33 -38.59 23.77
CA LYS C 34 1.12 -39.37 23.51
C LYS C 34 1.27 -40.06 22.16
N ALA C 35 0.18 -40.63 21.64
CA ALA C 35 0.20 -41.33 20.35
C ALA C 35 0.82 -40.45 19.25
N HIS C 36 1.72 -41.04 18.47
CA HIS C 36 2.36 -40.35 17.34
C HIS C 36 3.11 -39.08 17.74
N GLU C 37 3.71 -39.12 18.93
CA GLU C 37 4.57 -38.06 19.44
C GLU C 37 5.92 -38.60 19.92
N VAL C 38 6.92 -37.72 19.90
CA VAL C 38 8.29 -38.07 20.25
C VAL C 38 8.80 -37.02 21.21
N ARG C 39 9.35 -37.46 22.34
CA ARG C 39 10.02 -36.54 23.24
C ARG C 39 11.51 -36.56 22.96
N ILE C 40 12.06 -35.36 22.76
CA ILE C 40 13.44 -35.17 22.30
C ILE C 40 14.23 -34.43 23.37
N GLN C 41 15.42 -34.91 23.68
CA GLN C 41 16.39 -34.15 24.44
C GLN C 41 17.15 -33.24 23.47
N ILE C 42 16.94 -31.94 23.57
CA ILE C 42 17.66 -30.96 22.76
C ILE C 42 19.09 -30.86 23.27
N ILE C 43 20.04 -31.03 22.35
CA ILE C 43 21.46 -30.94 22.66
C ILE C 43 22.00 -29.53 22.34
N ALA C 44 21.69 -29.05 21.15
CA ALA C 44 22.13 -27.74 20.67
C ALA C 44 20.98 -27.08 19.91
N THR C 45 20.80 -25.79 20.14
CA THR C 45 19.77 -25.00 19.45
C THR C 45 20.36 -23.63 19.10
N SER C 46 19.95 -23.06 17.97
CA SER C 46 20.41 -21.72 17.60
C SER C 46 19.22 -20.78 17.44
N LEU C 47 19.54 -19.49 17.41
CA LEU C 47 18.55 -18.44 17.31
C LEU C 47 18.38 -17.96 15.87
N CYS C 48 17.15 -18.06 15.37
CA CYS C 48 16.73 -17.46 14.10
C CYS C 48 15.98 -16.15 14.39
N HIS C 49 16.04 -15.18 13.47
CA HIS C 49 15.34 -13.91 13.66
C HIS C 49 13.84 -14.08 13.90
N THR C 50 13.25 -15.10 13.29
CA THR C 50 11.83 -15.40 13.48
C THR C 50 11.45 -15.60 14.96
N ASP C 51 12.33 -16.21 15.73
CA ASP C 51 12.08 -16.40 17.17
C ASP C 51 11.88 -15.05 17.89
N ALA C 52 12.64 -14.02 17.48
CA ALA C 52 12.50 -12.65 17.99
C ALA C 52 11.24 -11.94 17.44
N THR C 53 11.00 -12.11 16.14
CA THR C 53 9.86 -11.47 15.49
C THR C 53 8.52 -11.83 16.15
N VAL C 54 8.34 -13.13 16.42
CA VAL C 54 7.01 -13.63 16.85
C VAL C 54 6.63 -13.16 18.26
N ILE C 55 7.63 -12.81 19.05
CA ILE C 55 7.42 -12.31 20.42
C ILE C 55 7.48 -10.77 20.54
N ASP C 56 7.65 -10.09 19.41
CA ASP C 56 7.61 -8.65 19.32
C ASP C 56 6.17 -8.20 19.53
N SER C 57 5.99 -7.02 20.15
CA SER C 57 4.66 -6.50 20.45
C SER C 57 3.85 -6.16 19.20
N LYS C 58 4.52 -5.93 18.08
CA LYS C 58 3.86 -5.63 16.82
C LYS C 58 3.37 -6.87 16.07
N PHE C 59 3.88 -8.05 16.42
CA PHE C 59 3.39 -9.29 15.85
C PHE C 59 2.01 -9.61 16.42
N GLU C 60 1.09 -10.08 15.58
CA GLU C 60 -0.26 -10.47 16.05
C GLU C 60 -0.52 -11.95 15.84
N GLY C 61 -1.24 -12.55 16.79
CA GLY C 61 -1.71 -13.94 16.68
C GLY C 61 -0.92 -15.03 17.38
N LEU C 62 0.11 -14.66 18.16
CA LEU C 62 0.81 -15.65 18.99
C LEU C 62 0.21 -15.72 20.39
N ALA C 63 -0.02 -16.94 20.87
CA ALA C 63 -0.53 -17.16 22.22
C ALA C 63 0.64 -17.26 23.19
N PHE C 64 0.49 -16.61 24.33
CA PHE C 64 1.46 -16.62 25.42
C PHE C 64 0.81 -17.30 26.65
N PRO C 65 1.63 -17.82 27.57
CA PRO C 65 3.08 -17.90 27.54
C PRO C 65 3.54 -18.98 26.57
N VAL C 66 4.75 -18.82 26.04
CA VAL C 66 5.22 -19.65 24.94
C VAL C 66 6.73 -19.98 25.04
N ILE C 67 7.10 -21.19 24.62
CA ILE C 67 8.49 -21.56 24.44
C ILE C 67 8.78 -21.59 22.95
N VAL C 68 9.60 -20.64 22.51
CA VAL C 68 9.97 -20.54 21.09
C VAL C 68 11.23 -21.38 20.84
N GLY C 69 11.91 -21.14 19.73
CA GLY C 69 13.03 -21.97 19.29
C GLY C 69 12.54 -22.99 18.27
N HIS C 70 13.18 -23.01 17.10
CA HIS C 70 12.80 -23.95 16.05
C HIS C 70 13.99 -24.49 15.24
N GLU C 71 15.22 -24.16 15.66
CA GLU C 71 16.43 -24.51 14.95
C GLU C 71 17.28 -25.30 15.94
N ALA C 72 17.25 -26.64 15.85
CA ALA C 72 17.90 -27.50 16.85
C ALA C 72 18.29 -28.88 16.33
N ALA C 73 19.08 -29.57 17.14
CA ALA C 73 19.38 -30.98 16.95
C ALA C 73 19.40 -31.66 18.31
N GLY C 74 18.97 -32.91 18.36
CA GLY C 74 18.91 -33.63 19.62
C GLY C 74 18.88 -35.13 19.50
N ILE C 75 18.52 -35.76 20.61
CA ILE C 75 18.49 -37.23 20.72
C ILE C 75 17.11 -37.62 21.23
N VAL C 76 16.52 -38.66 20.64
CA VAL C 76 15.20 -39.12 21.05
C VAL C 76 15.27 -39.74 22.45
N GLU C 77 14.47 -39.19 23.38
CA GLU C 77 14.38 -39.71 24.73
C GLU C 77 13.33 -40.83 24.82
N SER C 78 12.16 -40.62 24.24
CA SER C 78 11.09 -41.61 24.23
C SER C 78 10.08 -41.36 23.12
N ILE C 79 9.31 -42.40 22.79
CA ILE C 79 8.34 -42.34 21.70
C ILE C 79 6.96 -42.74 22.23
N GLY C 80 5.90 -42.17 21.67
CA GLY C 80 4.54 -42.53 22.05
C GLY C 80 4.04 -43.73 21.25
N PRO C 81 2.83 -44.21 21.57
CA PRO C 81 2.20 -45.30 20.81
C PRO C 81 2.12 -45.03 19.30
N GLY C 82 2.42 -46.05 18.50
CA GLY C 82 2.27 -45.99 17.05
C GLY C 82 3.41 -45.34 16.29
N VAL C 83 4.43 -44.89 17.01
CA VAL C 83 5.61 -44.28 16.38
C VAL C 83 6.54 -45.38 15.86
N THR C 84 6.88 -45.32 14.58
CA THR C 84 7.76 -46.33 13.98
C THR C 84 8.96 -45.73 13.24
N ASN C 85 9.04 -44.40 13.17
CA ASN C 85 10.07 -43.75 12.35
C ASN C 85 11.37 -43.44 13.11
N VAL C 86 11.29 -43.39 14.43
CA VAL C 86 12.45 -43.19 15.30
C VAL C 86 12.32 -44.07 16.55
N LYS C 87 13.43 -44.23 17.26
CA LYS C 87 13.46 -44.96 18.53
C LYS C 87 14.37 -44.20 19.51
N PRO C 88 14.28 -44.51 20.82
CA PRO C 88 15.17 -43.85 21.79
C PRO C 88 16.64 -43.94 21.41
N GLY C 89 17.35 -42.81 21.50
CA GLY C 89 18.78 -42.75 21.17
C GLY C 89 19.08 -42.25 19.77
N ASP C 90 18.10 -42.25 18.87
CA ASP C 90 18.31 -41.73 17.52
C ASP C 90 18.62 -40.24 17.56
N LYS C 91 19.56 -39.81 16.71
CA LYS C 91 19.77 -38.37 16.50
C LYS C 91 18.70 -37.85 15.57
N VAL C 92 18.13 -36.71 15.93
CA VAL C 92 17.01 -36.11 15.21
C VAL C 92 17.14 -34.59 15.09
N ILE C 93 16.51 -34.04 14.05
CA ILE C 93 16.32 -32.62 13.87
C ILE C 93 14.80 -32.35 13.89
N PRO C 94 14.32 -31.60 14.90
CA PRO C 94 12.90 -31.22 14.88
C PRO C 94 12.58 -30.29 13.69
N LEU C 95 11.39 -30.47 13.13
CA LEU C 95 10.98 -29.82 11.90
C LEU C 95 9.69 -29.06 12.12
N TYR C 96 9.72 -27.75 11.88
CA TYR C 96 8.53 -26.93 11.91
C TYR C 96 7.65 -27.10 10.68
N ALA C 97 8.27 -27.54 9.59
CA ALA C 97 7.58 -27.83 8.35
C ALA C 97 7.29 -29.33 8.37
N PRO C 98 6.02 -29.71 8.62
CA PRO C 98 5.73 -31.13 8.68
C PRO C 98 5.65 -31.78 7.31
N LEU C 99 5.72 -33.11 7.29
CA LEU C 99 5.48 -33.89 6.08
C LEU C 99 4.56 -35.07 6.45
N CYS C 100 3.25 -34.87 6.29
CA CYS C 100 2.28 -35.91 6.60
C CYS C 100 2.17 -36.94 5.47
N ARG C 101 2.56 -36.52 4.27
CA ARG C 101 2.64 -37.35 3.06
C ARG C 101 1.31 -37.64 2.37
N LYS C 102 0.19 -37.26 3.00
CA LYS C 102 -1.14 -37.68 2.56
C LYS C 102 -2.03 -36.53 2.05
N CYS C 103 -1.64 -35.29 2.33
CA CYS C 103 -2.50 -34.16 1.95
C CYS C 103 -2.18 -33.73 0.51
N LYS C 104 -3.01 -32.87 -0.06
CA LYS C 104 -2.81 -32.43 -1.45
C LYS C 104 -1.44 -31.76 -1.69
N PHE C 105 -0.91 -31.12 -0.66
CA PHE C 105 0.38 -30.44 -0.76
C PHE C 105 1.57 -31.40 -0.68
N CYS C 106 1.53 -32.34 0.27
CA CYS C 106 2.59 -33.34 0.39
C CYS C 106 2.75 -34.22 -0.86
N LEU C 107 1.63 -34.51 -1.52
CA LEU C 107 1.62 -35.32 -2.73
C LEU C 107 2.11 -34.61 -3.98
N SER C 108 2.21 -33.27 -3.92
CA SER C 108 2.64 -32.47 -5.06
C SER C 108 4.16 -32.24 -5.03
N PRO C 109 4.84 -32.43 -6.18
CA PRO C 109 6.25 -32.06 -6.28
C PRO C 109 6.49 -30.54 -6.32
N LEU C 110 5.43 -29.75 -6.44
CA LEU C 110 5.57 -28.29 -6.59
C LEU C 110 5.70 -27.51 -5.27
N THR C 111 5.53 -28.19 -4.14
CA THR C 111 5.56 -27.50 -2.85
C THR C 111 6.03 -28.40 -1.72
N ASN C 112 6.57 -27.78 -0.66
CA ASN C 112 6.91 -28.47 0.57
C ASN C 112 5.98 -28.09 1.73
N LEU C 113 4.89 -27.41 1.40
CA LEU C 113 3.85 -27.10 2.38
C LEU C 113 3.08 -28.40 2.71
N CYS C 114 2.52 -28.43 3.90
CA CYS C 114 1.70 -29.53 4.35
C CYS C 114 0.44 -28.95 4.94
N GLY C 115 -0.70 -29.57 4.62
CA GLY C 115 -2.02 -29.16 5.11
C GLY C 115 -2.23 -29.23 6.62
N LYS C 116 -1.30 -29.81 7.36
CA LYS C 116 -1.32 -29.71 8.82
C LYS C 116 -1.30 -28.24 9.27
N ILE C 117 -0.57 -27.39 8.56
CA ILE C 117 -0.58 -25.96 8.80
C ILE C 117 -1.81 -25.36 8.12
N SER C 118 -2.82 -25.03 8.92
CA SER C 118 -4.08 -24.46 8.42
C SER C 118 -4.08 -22.94 8.44
N ASN C 119 -3.28 -22.33 9.30
CA ASN C 119 -3.20 -20.87 9.35
C ASN C 119 -2.24 -20.35 8.28
N LEU C 120 -2.76 -20.17 7.08
CA LEU C 120 -1.93 -19.77 5.93
C LEU C 120 -1.62 -18.29 5.89
N LYS C 121 -2.43 -17.47 6.55
CA LYS C 121 -2.09 -16.05 6.66
C LYS C 121 -0.91 -15.79 7.60
N SER C 122 -0.66 -16.72 8.53
CA SER C 122 0.47 -16.62 9.43
C SER C 122 0.90 -18.00 9.93
N PRO C 123 1.68 -18.72 9.10
CA PRO C 123 2.16 -20.06 9.46
C PRO C 123 2.89 -20.13 10.81
N ALA C 124 3.66 -19.08 11.13
CA ALA C 124 4.42 -19.02 12.38
C ALA C 124 3.56 -19.03 13.66
N SER C 125 2.26 -18.78 13.55
CA SER C 125 1.39 -18.81 14.72
C SER C 125 0.54 -20.07 14.82
N ASP C 126 0.79 -21.04 13.94
CA ASP C 126 0.11 -22.34 13.98
C ASP C 126 1.02 -23.32 14.75
N GLN C 127 0.46 -24.47 15.11
CA GLN C 127 1.18 -25.53 15.83
C GLN C 127 1.67 -25.08 17.21
N GLN C 128 0.86 -24.29 17.90
CA GLN C 128 1.14 -23.95 19.30
C GLN C 128 0.57 -24.98 20.26
N LEU C 129 -0.21 -25.92 19.72
CA LEU C 129 -0.70 -27.06 20.46
C LEU C 129 -0.37 -28.33 19.69
N MET C 130 -0.39 -29.46 20.40
CA MET C 130 -0.20 -30.74 19.76
C MET C 130 -1.47 -31.10 18.98
N GLU C 131 -1.38 -32.20 18.23
CA GLU C 131 -2.46 -32.59 17.31
C GLU C 131 -3.79 -32.86 18.05
N ASP C 132 -3.73 -33.25 19.32
CA ASP C 132 -4.95 -33.36 20.17
C ASP C 132 -5.39 -32.05 20.86
N LYS C 133 -4.78 -30.92 20.49
CA LYS C 133 -5.19 -29.59 20.98
C LYS C 133 -4.91 -29.34 22.49
N THR C 134 -3.87 -30.00 23.00
CA THR C 134 -3.34 -29.75 24.33
C THR C 134 -1.84 -29.48 24.20
N SER C 135 -1.25 -29.03 25.30
CA SER C 135 0.18 -28.71 25.39
C SER C 135 0.89 -29.72 26.29
N ARG C 136 2.16 -29.99 26.02
CA ARG C 136 2.97 -30.89 26.84
C ARG C 136 3.80 -30.15 27.89
N PHE C 137 3.62 -28.83 27.97
CA PHE C 137 4.41 -27.99 28.86
C PHE C 137 3.56 -27.37 29.96
N THR C 138 4.12 -27.35 31.16
CA THR C 138 3.51 -26.72 32.32
C THR C 138 4.57 -25.89 33.02
N CYS C 139 4.17 -24.71 33.51
CA CYS C 139 5.04 -23.88 34.33
C CYS C 139 4.19 -23.10 35.32
N LYS C 140 4.57 -23.19 36.59
CA LYS C 140 3.86 -22.53 37.69
C LYS C 140 2.37 -22.90 37.70
N GLY C 141 2.10 -24.18 37.48
CA GLY C 141 0.73 -24.72 37.49
C GLY C 141 -0.12 -24.40 36.28
N LYS C 142 0.46 -23.74 35.27
CA LYS C 142 -0.29 -23.30 34.11
C LYS C 142 0.31 -23.86 32.80
N PRO C 143 -0.54 -24.08 31.79
CA PRO C 143 -0.02 -24.52 30.49
C PRO C 143 0.89 -23.47 29.84
N VAL C 144 1.89 -23.95 29.10
CA VAL C 144 2.75 -23.10 28.27
C VAL C 144 2.59 -23.60 26.84
N TYR C 145 2.37 -22.67 25.91
CA TYR C 145 2.20 -23.02 24.50
C TYR C 145 3.49 -23.41 23.81
N HIS C 146 3.34 -24.25 22.78
CA HIS C 146 4.42 -24.60 21.89
C HIS C 146 4.57 -23.49 20.82
N PHE C 147 5.65 -23.61 20.05
CA PHE C 147 5.92 -22.70 18.95
C PHE C 147 6.40 -23.49 17.73
N PHE C 148 5.71 -23.29 16.61
CA PHE C 148 6.08 -23.86 15.33
C PHE C 148 6.19 -25.39 15.38
N GLY C 149 5.47 -26.02 16.32
CA GLY C 149 5.52 -27.46 16.53
C GLY C 149 6.83 -28.02 17.06
N THR C 150 7.75 -27.16 17.52
CA THR C 150 9.11 -27.57 17.85
C THR C 150 9.56 -27.17 19.27
N SER C 151 9.41 -25.89 19.62
CA SER C 151 9.74 -25.39 20.96
C SER C 151 11.11 -25.88 21.44
N THR C 152 12.16 -25.50 20.72
CA THR C 152 13.49 -26.03 20.99
C THR C 152 14.26 -25.29 22.10
N PHE C 153 13.67 -24.23 22.67
CA PHE C 153 14.27 -23.51 23.82
C PHE C 153 13.83 -24.14 25.17
N SER C 154 13.57 -25.44 25.15
CA SER C 154 13.38 -26.26 26.32
C SER C 154 14.34 -27.44 26.18
N GLN C 155 14.94 -27.89 27.29
CA GLN C 155 15.92 -28.99 27.18
C GLN C 155 15.26 -30.28 26.69
N TYR C 156 14.01 -30.47 27.06
CA TYR C 156 13.18 -31.55 26.52
C TYR C 156 11.96 -30.92 25.84
N THR C 157 11.66 -31.40 24.63
CA THR C 157 10.46 -30.96 23.93
C THR C 157 9.71 -32.18 23.40
N VAL C 158 8.46 -31.99 23.03
CA VAL C 158 7.66 -33.03 22.43
C VAL C 158 7.13 -32.54 21.07
N VAL C 159 7.32 -33.37 20.05
CA VAL C 159 6.90 -33.03 18.68
C VAL C 159 6.11 -34.19 18.10
N SER C 160 5.28 -33.93 17.09
CA SER C 160 4.63 -35.04 16.37
C SER C 160 5.66 -35.83 15.56
N ASP C 161 5.32 -37.08 15.24
CA ASP C 161 6.22 -37.95 14.49
C ASP C 161 6.34 -37.58 13.01
N ILE C 162 5.60 -36.57 12.54
CA ILE C 162 5.80 -35.99 11.21
C ILE C 162 6.50 -34.62 11.27
N ASN C 163 6.97 -34.25 12.46
CA ASN C 163 7.71 -33.02 12.71
C ASN C 163 9.15 -33.29 13.20
N LEU C 164 9.77 -34.34 12.67
CA LEU C 164 11.18 -34.57 12.91
C LEU C 164 11.76 -35.48 11.83
N ALA C 165 13.06 -35.40 11.67
CA ALA C 165 13.79 -36.26 10.75
C ALA C 165 14.86 -36.97 11.55
N LYS C 166 14.95 -38.29 11.38
CA LYS C 166 16.05 -39.08 11.89
C LYS C 166 17.25 -38.82 10.98
N ILE C 167 18.43 -38.61 11.59
CA ILE C 167 19.64 -38.29 10.86
C ILE C 167 20.78 -39.24 11.21
N ASP C 168 21.88 -39.11 10.49
CA ASP C 168 23.07 -39.93 10.67
C ASP C 168 23.52 -40.01 12.13
N ASP C 169 23.83 -41.22 12.59
CA ASP C 169 24.32 -41.46 13.96
C ASP C 169 25.59 -40.69 14.29
N ASP C 170 26.40 -40.41 13.27
CA ASP C 170 27.65 -39.68 13.44
C ASP C 170 27.55 -38.15 13.29
N ALA C 171 26.32 -37.62 13.15
CA ALA C 171 26.11 -36.17 12.92
C ALA C 171 26.58 -35.30 14.10
N ASN C 172 27.22 -34.18 13.77
CA ASN C 172 27.65 -33.19 14.76
C ASN C 172 26.47 -32.29 15.11
N LEU C 173 25.85 -32.54 16.27
CA LEU C 173 24.62 -31.86 16.69
C LEU C 173 24.78 -30.35 16.91
N GLU C 174 25.99 -29.92 17.21
CA GLU C 174 26.30 -28.48 17.35
C GLU C 174 26.40 -27.73 16.02
N ARG C 175 26.36 -28.46 14.91
CA ARG C 175 26.37 -27.82 13.60
C ARG C 175 25.14 -28.12 12.75
N VAL C 176 24.66 -29.36 12.77
CA VAL C 176 23.49 -29.73 11.93
C VAL C 176 22.19 -29.11 12.43
N CYS C 177 22.19 -28.57 13.64
CA CYS C 177 21.05 -27.78 14.13
C CYS C 177 20.69 -26.61 13.19
N LEU C 178 21.69 -26.07 12.50
CA LEU C 178 21.48 -24.97 11.53
C LEU C 178 20.62 -25.39 10.33
N LEU C 179 20.60 -26.69 10.04
CA LEU C 179 19.72 -27.22 8.99
C LEU C 179 18.24 -27.19 9.39
N GLY C 180 17.97 -26.95 10.67
CA GLY C 180 16.62 -26.84 11.18
C GLY C 180 15.85 -25.62 10.70
N CYS C 181 16.57 -24.59 10.24
CA CYS C 181 15.89 -23.48 9.57
C CYS C 181 16.77 -22.68 8.64
N GLY C 182 17.71 -21.93 9.22
CA GLY C 182 18.44 -20.86 8.53
C GLY C 182 19.19 -21.28 7.29
N PHE C 183 20.09 -22.26 7.41
CA PHE C 183 20.84 -22.74 6.24
C PHE C 183 19.92 -23.32 5.18
N SER C 184 19.06 -24.23 5.59
CA SER C 184 18.17 -24.93 4.68
C SER C 184 17.29 -23.96 3.90
N THR C 185 16.81 -22.92 4.58
CA THR C 185 15.95 -21.90 3.97
C THR C 185 16.67 -21.08 2.89
N GLY C 186 17.81 -20.51 3.25
CA GLY C 186 18.57 -19.67 2.31
C GLY C 186 19.13 -20.44 1.12
N TYR C 187 19.73 -21.59 1.42
CA TYR C 187 20.32 -22.48 0.42
C TYR C 187 19.22 -23.00 -0.52
N GLY C 188 18.15 -23.50 0.07
CA GLY C 188 17.00 -23.97 -0.70
C GLY C 188 16.23 -22.91 -1.45
N ALA C 189 16.17 -21.71 -0.90
CA ALA C 189 15.48 -20.59 -1.59
C ALA C 189 16.13 -20.33 -2.96
N ALA C 190 17.47 -20.33 -2.99
CA ALA C 190 18.23 -20.12 -4.23
C ALA C 190 18.02 -21.27 -5.24
N ILE C 191 18.11 -22.49 -4.74
CA ILE C 191 18.07 -23.67 -5.57
C ILE C 191 16.67 -24.08 -5.96
N ASN C 192 15.74 -24.11 -5.01
CA ASN C 192 14.40 -24.67 -5.24
C ASN C 192 13.32 -23.61 -5.63
N ASN C 193 13.35 -22.46 -4.98
CA ASN C 193 12.27 -21.48 -5.16
C ASN C 193 12.61 -20.45 -6.23
N ALA C 194 13.76 -19.79 -6.08
CA ALA C 194 14.23 -18.85 -7.08
C ALA C 194 14.60 -19.61 -8.37
N LYS C 195 15.19 -20.79 -8.21
CA LYS C 195 15.69 -21.63 -9.32
C LYS C 195 16.78 -20.88 -10.10
N VAL C 196 17.76 -20.38 -9.34
CA VAL C 196 18.92 -19.71 -9.90
C VAL C 196 19.61 -20.63 -10.95
N THR C 197 19.95 -20.04 -12.09
CA THR C 197 20.47 -20.78 -13.25
C THR C 197 21.98 -20.52 -13.44
N PRO C 198 22.69 -21.47 -14.09
CA PRO C 198 24.11 -21.26 -14.37
C PRO C 198 24.39 -19.99 -15.20
N GLY C 199 25.40 -19.23 -14.78
CA GLY C 199 25.78 -18.02 -15.48
C GLY C 199 25.00 -16.76 -15.10
N SER C 200 24.02 -16.89 -14.21
CA SER C 200 23.13 -15.78 -13.88
C SER C 200 23.75 -14.76 -12.92
N THR C 201 23.07 -13.61 -12.79
CA THR C 201 23.41 -12.62 -11.77
C THR C 201 22.35 -12.60 -10.67
N CYS C 202 22.81 -12.51 -9.43
CA CYS C 202 21.94 -12.54 -8.26
C CYS C 202 22.22 -11.39 -7.30
N ALA C 203 21.17 -10.94 -6.61
CA ALA C 203 21.30 -10.02 -5.49
C ALA C 203 20.67 -10.67 -4.26
N VAL C 204 21.41 -10.67 -3.15
CA VAL C 204 20.93 -11.20 -1.87
C VAL C 204 20.89 -10.05 -0.87
N PHE C 205 19.69 -9.71 -0.40
CA PHE C 205 19.50 -8.62 0.55
C PHE C 205 19.45 -9.23 1.93
N GLY C 206 20.37 -8.80 2.81
CA GLY C 206 20.50 -9.35 4.15
C GLY C 206 21.51 -10.48 4.15
N LEU C 207 22.61 -10.29 4.88
CA LEU C 207 23.70 -11.24 4.91
C LEU C 207 23.88 -11.85 6.30
N GLY C 208 22.77 -12.33 6.86
CA GLY C 208 22.75 -13.07 8.10
C GLY C 208 22.80 -14.56 7.81
N GLY C 209 22.24 -15.35 8.71
CA GLY C 209 22.24 -16.80 8.57
C GLY C 209 21.59 -17.26 7.28
N VAL C 210 20.40 -16.75 7.02
CA VAL C 210 19.64 -17.06 5.82
C VAL C 210 20.33 -16.52 4.54
N GLY C 211 20.74 -15.25 4.58
CA GLY C 211 21.36 -14.60 3.43
C GLY C 211 22.68 -15.21 3.00
N LEU C 212 23.56 -15.50 3.96
CA LEU C 212 24.82 -16.14 3.63
C LEU C 212 24.59 -17.51 3.01
N SER C 213 23.56 -18.22 3.48
CA SER C 213 23.18 -19.51 2.94
C SER C 213 22.59 -19.41 1.53
N ALA C 214 21.88 -18.32 1.25
CA ALA C 214 21.45 -17.98 -0.12
C ALA C 214 22.64 -17.69 -1.03
N VAL C 215 23.66 -17.00 -0.53
CA VAL C 215 24.89 -16.79 -1.29
C VAL C 215 25.54 -18.13 -1.66
N MET C 216 25.66 -19.02 -0.67
CA MET C 216 26.15 -20.40 -0.91
C MET C 216 25.27 -21.14 -1.92
N GLY C 217 23.96 -20.93 -1.88
CA GLY C 217 23.04 -21.54 -2.82
C GLY C 217 23.20 -21.03 -4.24
N CYS C 218 23.27 -19.71 -4.37
CA CYS C 218 23.49 -19.07 -5.67
C CYS C 218 24.78 -19.56 -6.32
N LYS C 219 25.82 -19.68 -5.51
CA LYS C 219 27.11 -20.17 -6.00
C LYS C 219 27.01 -21.62 -6.46
N ALA C 220 26.38 -22.48 -5.64
CA ALA C 220 26.16 -23.90 -5.98
C ALA C 220 25.36 -24.05 -7.26
N ALA C 221 24.40 -23.15 -7.48
CA ALA C 221 23.53 -23.17 -8.67
C ALA C 221 24.23 -22.69 -9.97
N GLY C 222 25.41 -22.11 -9.83
CA GLY C 222 26.22 -21.71 -10.98
C GLY C 222 26.20 -20.23 -11.31
N ALA C 223 25.68 -19.40 -10.40
CA ALA C 223 25.64 -17.95 -10.60
C ALA C 223 27.04 -17.41 -10.90
N SER C 224 27.13 -16.53 -11.88
CA SER C 224 28.42 -15.94 -12.25
C SER C 224 28.70 -14.64 -11.47
N ARG C 225 27.63 -14.01 -10.98
CA ARG C 225 27.78 -12.81 -10.18
C ARG C 225 26.78 -12.85 -9.03
N ILE C 226 27.27 -12.55 -7.82
CA ILE C 226 26.44 -12.56 -6.63
C ILE C 226 26.68 -11.29 -5.83
N ILE C 227 25.68 -10.42 -5.78
CA ILE C 227 25.82 -9.14 -5.10
C ILE C 227 25.17 -9.24 -3.72
N GLY C 228 25.96 -9.07 -2.68
CA GLY C 228 25.45 -9.06 -1.31
C GLY C 228 25.14 -7.65 -0.86
N ILE C 229 23.96 -7.48 -0.25
CA ILE C 229 23.52 -6.16 0.24
C ILE C 229 23.21 -6.25 1.74
N ASP C 230 23.88 -5.40 2.51
CA ASP C 230 23.54 -5.25 3.93
C ASP C 230 23.78 -3.82 4.38
N ILE C 231 22.98 -3.38 5.35
CA ILE C 231 23.21 -2.10 6.02
C ILE C 231 24.33 -2.19 7.08
N ASN C 232 24.79 -3.41 7.35
CA ASN C 232 25.93 -3.68 8.21
C ASN C 232 27.09 -4.18 7.35
N SER C 233 28.00 -3.26 7.05
CA SER C 233 29.16 -3.54 6.22
C SER C 233 30.07 -4.59 6.84
N GLU C 234 29.97 -4.79 8.16
CA GLU C 234 30.74 -5.83 8.85
C GLU C 234 30.36 -7.24 8.36
N LYS C 235 29.19 -7.38 7.74
CA LYS C 235 28.75 -8.66 7.18
C LYS C 235 29.45 -8.99 5.85
N PHE C 236 30.14 -8.03 5.23
CA PHE C 236 30.67 -8.23 3.89
C PHE C 236 31.84 -9.22 3.78
N VAL C 237 32.71 -9.26 4.80
CA VAL C 237 33.86 -10.19 4.76
C VAL C 237 33.37 -11.64 4.59
N LYS C 238 32.47 -12.06 5.47
CA LYS C 238 31.97 -13.42 5.42
C LYS C 238 31.22 -13.70 4.11
N ALA C 239 30.48 -12.72 3.60
CA ALA C 239 29.73 -12.89 2.34
C ALA C 239 30.66 -13.13 1.15
N LYS C 240 31.73 -12.36 1.07
CA LYS C 240 32.71 -12.52 -0.01
C LYS C 240 33.44 -13.86 0.09
N ALA C 241 33.77 -14.28 1.31
CA ALA C 241 34.38 -15.59 1.55
C ALA C 241 33.52 -16.82 1.13
N LEU C 242 32.19 -16.68 1.10
CA LEU C 242 31.24 -17.76 0.72
C LEU C 242 30.71 -17.68 -0.73
N GLY C 243 31.15 -16.68 -1.51
CA GLY C 243 30.85 -16.61 -2.93
C GLY C 243 30.34 -15.28 -3.49
N ALA C 244 30.08 -14.29 -2.63
CA ALA C 244 29.66 -12.97 -3.13
C ALA C 244 30.80 -12.36 -3.96
N THR C 245 30.48 -11.90 -5.16
CA THR C 245 31.45 -11.23 -6.02
C THR C 245 31.49 -9.71 -5.75
N ASP C 246 30.38 -9.18 -5.22
CA ASP C 246 30.24 -7.75 -4.92
C ASP C 246 29.48 -7.58 -3.62
N CYS C 247 29.79 -6.54 -2.87
CA CYS C 247 29.01 -6.21 -1.67
C CYS C 247 28.74 -4.72 -1.58
N LEU C 248 27.50 -4.38 -1.27
CA LEU C 248 27.04 -2.98 -1.26
C LEU C 248 26.27 -2.66 0.02
N ASN C 249 26.56 -1.50 0.61
CA ASN C 249 25.77 -0.98 1.72
C ASN C 249 24.89 0.16 1.21
N PRO C 250 23.55 0.02 1.33
CA PRO C 250 22.64 1.09 0.87
C PRO C 250 22.89 2.46 1.49
N ARG C 251 23.44 2.47 2.70
CA ARG C 251 23.72 3.72 3.40
C ARG C 251 24.89 4.48 2.83
N ASP C 252 25.70 3.84 1.97
CA ASP C 252 26.92 4.49 1.45
C ASP C 252 26.67 5.57 0.39
N LEU C 253 25.52 5.55 -0.27
CA LEU C 253 25.19 6.53 -1.30
C LEU C 253 23.77 7.05 -1.13
N HIS C 254 23.53 8.29 -1.55
CA HIS C 254 22.17 8.86 -1.60
C HIS C 254 21.30 8.17 -2.67
N LYS C 255 21.93 7.71 -3.75
CA LYS C 255 21.23 6.94 -4.78
C LYS C 255 20.63 5.64 -4.20
N PRO C 256 19.33 5.39 -4.44
CA PRO C 256 18.72 4.17 -3.92
C PRO C 256 19.47 2.91 -4.38
N ILE C 257 19.63 1.95 -3.47
CA ILE C 257 20.42 0.74 -3.74
C ILE C 257 19.98 -0.01 -5.01
N GLN C 258 18.67 -0.11 -5.25
CA GLN C 258 18.18 -0.73 -6.47
C GLN C 258 18.71 -0.07 -7.76
N GLU C 259 18.88 1.25 -7.75
CA GLU C 259 19.42 1.96 -8.91
C GLU C 259 20.92 1.76 -9.06
N VAL C 260 21.63 1.62 -7.93
CA VAL C 260 23.06 1.27 -7.92
C VAL C 260 23.26 -0.11 -8.56
N ILE C 261 22.40 -1.05 -8.17
CA ILE C 261 22.46 -2.40 -8.71
C ILE C 261 22.15 -2.44 -10.21
N ILE C 262 21.10 -1.70 -10.63
CA ILE C 262 20.73 -1.60 -12.05
C ILE C 262 21.85 -1.02 -12.92
N GLU C 263 22.52 0.02 -12.43
CA GLU C 263 23.63 0.62 -13.14
C GLU C 263 24.83 -0.35 -13.21
N LEU C 264 25.12 -1.00 -12.10
CA LEU C 264 26.24 -1.92 -12.00
C LEU C 264 26.10 -3.13 -12.94
N THR C 265 24.87 -3.64 -13.05
CA THR C 265 24.54 -4.80 -13.88
C THR C 265 24.01 -4.42 -15.27
N LYS C 266 23.95 -3.13 -15.56
CA LYS C 266 23.38 -2.61 -16.82
C LYS C 266 21.99 -3.17 -17.11
N GLY C 267 21.08 -3.04 -16.15
CA GLY C 267 19.69 -3.40 -16.38
C GLY C 267 19.01 -4.12 -15.26
N GLY C 268 19.78 -4.58 -14.28
CA GLY C 268 19.23 -5.31 -13.14
C GLY C 268 19.70 -6.74 -13.12
N VAL C 269 19.47 -7.40 -11.99
CA VAL C 269 19.89 -8.81 -11.81
C VAL C 269 18.82 -9.79 -12.30
N ASP C 270 19.24 -11.03 -12.55
CA ASP C 270 18.33 -12.09 -12.95
C ASP C 270 17.46 -12.57 -11.78
N PHE C 271 18.08 -12.68 -10.60
CA PHE C 271 17.42 -13.20 -9.39
C PHE C 271 17.75 -12.31 -8.19
N ALA C 272 16.72 -11.79 -7.53
CA ALA C 272 16.88 -11.10 -6.23
C ALA C 272 16.21 -11.94 -5.14
N LEU C 273 16.87 -12.03 -3.99
CA LEU C 273 16.33 -12.74 -2.82
C LEU C 273 16.41 -11.79 -1.62
N ASP C 274 15.25 -11.52 -1.03
CA ASP C 274 15.14 -10.70 0.16
C ASP C 274 15.21 -11.58 1.43
N CYS C 275 16.41 -11.64 2.02
CA CYS C 275 16.70 -12.42 3.22
C CYS C 275 16.87 -11.52 4.46
N ALA C 276 16.22 -10.35 4.43
CA ALA C 276 16.20 -9.41 5.54
C ALA C 276 14.76 -9.23 6.00
N GLY C 277 13.93 -8.66 5.13
CA GLY C 277 12.51 -8.51 5.43
C GLY C 277 12.08 -7.09 5.73
N GLY C 278 10.83 -6.78 5.42
CA GLY C 278 10.27 -5.44 5.60
C GLY C 278 10.04 -4.79 4.24
N SER C 279 9.37 -3.64 4.28
CA SER C 279 8.94 -2.94 3.07
C SER C 279 10.07 -2.45 2.19
N GLU C 280 11.15 -1.96 2.81
CA GLU C 280 12.24 -1.36 2.04
C GLU C 280 13.07 -2.40 1.30
N THR C 281 13.34 -3.53 1.94
CA THR C 281 14.06 -4.61 1.26
C THR C 281 13.21 -5.27 0.17
N MET C 282 11.91 -5.43 0.44
CA MET C 282 10.99 -5.99 -0.56
C MET C 282 10.94 -5.13 -1.83
N LYS C 283 10.82 -3.81 -1.63
CA LYS C 283 10.82 -2.84 -2.74
CA LYS C 283 10.82 -2.86 -2.74
C LYS C 283 12.14 -2.88 -3.53
N ALA C 284 13.26 -2.85 -2.82
CA ALA C 284 14.57 -2.82 -3.45
C ALA C 284 14.83 -4.13 -4.20
N ALA C 285 14.44 -5.26 -3.60
CA ALA C 285 14.59 -6.58 -4.24
C ALA C 285 13.81 -6.68 -5.56
N LEU C 286 12.55 -6.27 -5.55
CA LEU C 286 11.76 -6.24 -6.78
C LEU C 286 12.35 -5.25 -7.82
N ASP C 287 12.65 -4.03 -7.38
CA ASP C 287 13.09 -2.95 -8.29
C ASP C 287 14.41 -3.28 -9.00
N CYS C 288 15.31 -3.99 -8.31
CA CYS C 288 16.64 -4.26 -8.84
C CYS C 288 16.68 -5.38 -9.88
N THR C 289 15.59 -6.11 -10.06
CA THR C 289 15.54 -7.20 -11.03
C THR C 289 15.34 -6.65 -12.45
N THR C 290 15.96 -7.34 -13.40
CA THR C 290 15.83 -7.02 -14.81
C THR C 290 14.37 -7.16 -15.29
N ALA C 291 13.98 -6.29 -16.21
CA ALA C 291 12.80 -6.49 -17.00
C ALA C 291 13.01 -7.75 -17.87
N GLY C 292 11.94 -8.23 -18.48
CA GLY C 292 12.01 -9.41 -19.34
C GLY C 292 11.80 -10.71 -18.58
N TRP C 293 12.73 -11.01 -17.67
CA TRP C 293 12.72 -12.29 -16.96
C TRP C 293 13.17 -12.20 -15.50
N GLY C 294 13.19 -11.00 -14.92
CA GLY C 294 13.59 -10.83 -13.52
C GLY C 294 12.76 -11.65 -12.56
N SER C 295 13.42 -12.20 -11.55
CA SER C 295 12.78 -13.00 -10.52
C SER C 295 13.11 -12.43 -9.15
N CYS C 296 12.08 -12.23 -8.35
CA CYS C 296 12.21 -11.74 -6.98
C CYS C 296 11.59 -12.76 -6.02
N THR C 297 12.41 -13.26 -5.08
CA THR C 297 11.96 -14.22 -4.06
C THR C 297 11.96 -13.57 -2.68
N PHE C 298 10.79 -13.54 -2.06
CA PHE C 298 10.64 -13.05 -0.68
C PHE C 298 10.86 -14.16 0.34
N ILE C 299 11.74 -13.89 1.31
CA ILE C 299 12.04 -14.82 2.40
C ILE C 299 11.82 -14.15 3.75
N GLY C 300 12.42 -12.98 3.93
CA GLY C 300 12.35 -12.24 5.18
C GLY C 300 10.99 -11.65 5.48
N VAL C 301 10.69 -11.55 6.77
CA VAL C 301 9.47 -10.93 7.28
C VAL C 301 9.88 -9.93 8.38
N ALA C 302 9.03 -8.92 8.63
CA ALA C 302 9.28 -7.99 9.73
C ALA C 302 7.99 -7.78 10.50
N ALA C 303 8.07 -7.80 11.83
CA ALA C 303 6.90 -7.57 12.70
C ALA C 303 6.29 -6.20 12.39
N GLY C 304 4.97 -6.18 12.16
CA GLY C 304 4.25 -4.94 11.90
C GLY C 304 4.52 -4.28 10.55
N SER C 305 5.15 -5.01 9.63
CA SER C 305 5.39 -4.46 8.30
C SER C 305 4.08 -4.38 7.52
N LYS C 306 3.98 -3.38 6.65
CA LYS C 306 2.85 -3.24 5.75
C LYS C 306 3.15 -3.85 4.38
N GLY C 307 4.30 -4.52 4.26
CA GLY C 307 4.65 -5.24 3.05
C GLY C 307 4.97 -4.30 1.92
N LEU C 308 4.59 -4.67 0.71
CA LEU C 308 4.99 -3.94 -0.50
C LEU C 308 3.77 -3.65 -1.35
N THR C 309 3.62 -2.41 -1.78
CA THR C 309 2.65 -2.06 -2.82
C THR C 309 3.25 -2.37 -4.20
N VAL C 310 2.50 -3.19 -4.95
CA VAL C 310 2.90 -3.67 -6.27
C VAL C 310 1.93 -3.11 -7.31
N PHE C 311 2.50 -2.57 -8.39
CA PHE C 311 1.73 -2.13 -9.51
C PHE C 311 1.84 -3.13 -10.64
N PRO C 312 0.75 -3.30 -11.41
CA PRO C 312 0.77 -4.31 -12.46
C PRO C 312 1.86 -4.12 -13.48
N GLU C 313 2.20 -2.86 -13.79
CA GLU C 313 3.27 -2.54 -14.74
C GLU C 313 4.58 -3.18 -14.34
N GLU C 314 4.83 -3.30 -13.03
CA GLU C 314 6.04 -3.93 -12.51
C GLU C 314 6.17 -5.41 -12.90
N LEU C 315 5.03 -6.08 -13.10
CA LEU C 315 4.99 -7.49 -13.56
C LEU C 315 4.84 -7.61 -15.07
N ILE C 316 4.04 -6.70 -15.66
CA ILE C 316 3.83 -6.64 -17.11
C ILE C 316 5.15 -6.56 -17.89
N ILE C 317 6.15 -5.83 -17.37
CA ILE C 317 7.46 -5.75 -18.05
C ILE C 317 8.31 -7.01 -17.92
N GLY C 318 7.81 -8.00 -17.18
CA GLY C 318 8.36 -9.35 -17.21
C GLY C 318 9.07 -9.75 -15.94
N ARG C 319 8.46 -9.48 -14.79
CA ARG C 319 8.97 -9.97 -13.52
C ARG C 319 8.11 -11.13 -13.03
N THR C 320 8.75 -11.98 -12.22
CA THR C 320 8.08 -13.04 -11.49
C THR C 320 8.40 -12.80 -10.03
N ILE C 321 7.38 -12.93 -9.16
CA ILE C 321 7.53 -12.85 -7.71
C ILE C 321 7.11 -14.18 -7.07
N ASN C 322 7.91 -14.66 -6.15
CA ASN C 322 7.60 -15.87 -5.41
C ASN C 322 8.21 -15.79 -4.00
N GLY C 323 8.10 -16.88 -3.24
CA GLY C 323 8.58 -16.88 -1.87
C GLY C 323 9.07 -18.26 -1.49
N THR C 324 9.60 -18.40 -0.28
CA THR C 324 10.08 -19.68 0.20
C THR C 324 9.47 -19.97 1.56
N PHE C 325 9.25 -21.25 1.85
CA PHE C 325 8.97 -21.75 3.17
C PHE C 325 9.99 -22.86 3.41
N PHE C 326 10.91 -22.65 4.36
CA PHE C 326 11.93 -23.65 4.67
C PHE C 326 12.70 -24.12 3.42
N GLY C 327 13.02 -23.18 2.53
CA GLY C 327 13.85 -23.45 1.36
C GLY C 327 13.27 -24.40 0.31
N GLY C 328 11.96 -24.67 0.37
CA GLY C 328 11.32 -25.57 -0.58
C GLY C 328 11.63 -27.04 -0.40
N TRP C 329 12.26 -27.43 0.72
CA TRP C 329 12.63 -28.83 0.96
C TRP C 329 11.45 -29.62 1.55
N LYS C 330 11.15 -30.76 0.95
CA LYS C 330 10.26 -31.76 1.59
C LYS C 330 11.00 -32.25 2.82
N SER C 331 10.56 -31.77 3.98
CA SER C 331 11.40 -31.67 5.16
C SER C 331 11.98 -32.99 5.63
N VAL C 332 11.12 -33.97 5.89
CA VAL C 332 11.50 -35.24 6.51
C VAL C 332 12.45 -36.03 5.59
N ASP C 333 12.24 -35.93 4.27
CA ASP C 333 13.07 -36.63 3.29
C ASP C 333 14.39 -35.94 2.95
N SER C 334 14.37 -34.61 2.90
CA SER C 334 15.52 -33.84 2.45
C SER C 334 16.57 -33.59 3.52
N ILE C 335 16.14 -33.42 4.77
CA ILE C 335 17.05 -33.03 5.84
C ILE C 335 18.15 -34.06 6.11
N PRO C 336 17.79 -35.35 6.18
CA PRO C 336 18.84 -36.37 6.29
C PRO C 336 19.85 -36.35 5.13
N LYS C 337 19.40 -36.02 3.92
CA LYS C 337 20.30 -35.86 2.76
C LYS C 337 21.20 -34.63 2.89
N LEU C 338 20.68 -33.55 3.46
CA LEU C 338 21.48 -32.35 3.71
C LEU C 338 22.53 -32.61 4.80
N VAL C 339 22.16 -33.42 5.80
CA VAL C 339 23.11 -33.88 6.82
C VAL C 339 24.28 -34.65 6.18
N THR C 340 23.95 -35.57 5.26
CA THR C 340 24.96 -36.31 4.51
C THR C 340 25.83 -35.40 3.63
N ASP C 341 25.21 -34.44 2.93
CA ASP C 341 25.96 -33.45 2.13
C ASP C 341 26.98 -32.69 2.98
N TYR C 342 26.56 -32.29 4.19
CA TYR C 342 27.45 -31.59 5.12
C TYR C 342 28.67 -32.45 5.53
N LYS C 343 28.41 -33.72 5.83
CA LYS C 343 29.46 -34.70 6.10
C LYS C 343 30.44 -34.79 4.92
N ASN C 344 29.91 -34.70 3.70
CA ASN C 344 30.72 -34.73 2.47
C ASN C 344 31.25 -33.36 2.04
N LYS C 345 31.16 -32.36 2.92
CA LYS C 345 31.75 -31.04 2.71
C LYS C 345 31.18 -30.30 1.49
N LYS C 346 29.89 -30.50 1.23
CA LYS C 346 29.25 -29.89 0.07
C LYS C 346 29.08 -28.38 0.26
N PHE C 347 28.95 -27.95 1.52
CA PHE C 347 28.79 -26.54 1.85
C PHE C 347 29.36 -26.24 3.24
N ASN C 348 29.60 -24.97 3.50
CA ASN C 348 30.28 -24.51 4.71
C ASN C 348 29.32 -24.01 5.81
N LEU C 349 28.87 -24.93 6.67
CA LEU C 349 28.02 -24.57 7.81
C LEU C 349 28.75 -23.86 8.93
N ASP C 350 30.03 -24.22 9.12
CA ASP C 350 30.87 -23.66 10.18
C ASP C 350 31.03 -22.15 10.06
N ALA C 351 31.03 -21.65 8.83
CA ALA C 351 31.12 -20.22 8.56
C ALA C 351 29.97 -19.44 9.20
N LEU C 352 28.81 -20.09 9.33
CA LEU C 352 27.63 -19.42 9.90
C LEU C 352 27.70 -19.21 11.42
N VAL C 353 28.53 -19.99 12.11
CA VAL C 353 28.67 -19.93 13.56
C VAL C 353 29.74 -18.91 13.98
N THR C 354 29.29 -17.84 14.65
CA THR C 354 30.16 -16.78 15.16
C THR C 354 30.32 -16.85 16.68
N HIS C 355 29.36 -17.48 17.37
CA HIS C 355 29.33 -17.55 18.83
C HIS C 355 28.77 -18.88 19.31
N THR C 356 29.24 -19.35 20.46
CA THR C 356 28.69 -20.54 21.13
C THR C 356 28.54 -20.21 22.62
N LEU C 357 27.36 -20.47 23.18
CA LEU C 357 27.08 -20.10 24.57
C LEU C 357 26.34 -21.19 25.29
N PRO C 358 26.45 -21.23 26.62
CA PRO C 358 25.56 -22.10 27.39
C PRO C 358 24.12 -21.57 27.31
N PHE C 359 23.14 -22.46 27.33
CA PHE C 359 21.75 -22.05 27.15
C PHE C 359 21.29 -20.95 28.12
N ASP C 360 21.80 -20.94 29.35
CA ASP C 360 21.37 -19.92 30.32
C ASP C 360 21.80 -18.49 29.96
N LYS C 361 22.72 -18.33 29.00
CA LYS C 361 23.04 -17.03 28.43
C LYS C 361 22.23 -16.67 27.17
N ILE C 362 21.03 -17.27 27.00
CA ILE C 362 20.18 -17.07 25.80
C ILE C 362 19.90 -15.60 25.46
N SER C 363 19.73 -14.78 26.48
CA SER C 363 19.49 -13.35 26.29
C SER C 363 20.65 -12.65 25.56
N GLU C 364 21.88 -13.08 25.82
CA GLU C 364 23.05 -12.55 25.10
C GLU C 364 23.00 -12.90 23.61
N ALA C 365 22.44 -14.05 23.27
CA ALA C 365 22.26 -14.42 21.85
C ALA C 365 21.30 -13.44 21.15
N PHE C 366 20.21 -13.07 21.83
CA PHE C 366 19.28 -12.05 21.32
C PHE C 366 19.96 -10.68 21.16
N ASP C 367 20.76 -10.31 22.17
CA ASP C 367 21.51 -9.05 22.15
C ASP C 367 22.50 -9.03 20.98
N LEU C 368 23.26 -10.11 20.81
CA LEU C 368 24.21 -10.22 19.70
C LEU C 368 23.53 -10.06 18.33
N MET C 369 22.35 -10.66 18.18
CA MET C 369 21.58 -10.55 16.96
C MET C 369 21.04 -9.13 16.74
N ASN C 370 20.43 -8.55 17.78
CA ASN C 370 19.97 -7.16 17.75
C ASN C 370 21.10 -6.19 17.42
N GLN C 371 22.29 -6.44 17.94
CA GLN C 371 23.43 -5.54 17.71
C GLN C 371 24.19 -5.77 16.40
N GLY C 372 23.83 -6.81 15.64
CA GLY C 372 24.49 -7.10 14.37
C GLY C 372 25.88 -7.69 14.51
N LYS C 373 26.12 -8.34 15.65
CA LYS C 373 27.44 -8.87 15.99
C LYS C 373 27.59 -10.35 15.67
N SER C 374 26.47 -11.05 15.52
CA SER C 374 26.51 -12.46 15.27
C SER C 374 25.93 -12.80 13.89
N ILE C 375 26.22 -14.01 13.44
CA ILE C 375 25.43 -14.64 12.38
C ILE C 375 24.55 -15.66 13.04
N ARG C 376 25.11 -16.79 13.45
CA ARG C 376 24.39 -17.75 14.28
C ARG C 376 25.13 -18.01 15.58
N THR C 377 24.39 -17.94 16.68
CA THR C 377 24.89 -18.34 18.00
C THR C 377 24.35 -19.73 18.33
N ILE C 378 25.24 -20.67 18.63
CA ILE C 378 24.84 -22.00 19.07
C ILE C 378 24.70 -21.99 20.60
N LEU C 379 23.51 -22.35 21.06
CA LEU C 379 23.24 -22.48 22.49
C LEU C 379 23.30 -23.95 22.90
N ILE C 380 24.11 -24.23 23.93
CA ILE C 380 24.37 -25.58 24.43
C ILE C 380 23.68 -25.83 25.77
N PHE C 381 22.81 -26.82 25.81
CA PHE C 381 22.14 -27.20 27.06
C PHE C 381 23.07 -27.97 28.01
N SER D 1 -1.63 4.26 -53.48
CA SER D 1 -1.78 4.88 -54.82
C SER D 1 -0.43 5.20 -55.44
N MET D 2 -0.37 5.19 -56.77
CA MET D 2 0.71 5.87 -57.50
C MET D 2 0.71 7.32 -57.01
N GLY D 3 -0.47 7.90 -57.02
CA GLY D 3 -0.69 9.27 -56.56
C GLY D 3 -0.09 9.67 -55.23
N THR D 4 -0.22 8.83 -54.18
CA THR D 4 0.06 9.32 -52.84
C THR D 4 1.51 9.11 -52.37
N LYS D 5 2.26 8.28 -53.10
CA LYS D 5 3.65 7.96 -52.72
C LYS D 5 4.52 9.21 -52.69
N GLY D 6 5.17 9.43 -51.55
CA GLY D 6 6.02 10.61 -51.35
C GLY D 6 5.26 11.90 -51.04
N LYS D 7 3.93 11.80 -50.96
CA LYS D 7 3.06 12.96 -50.76
C LYS D 7 2.44 12.96 -49.37
N VAL D 8 2.18 14.15 -48.83
CA VAL D 8 1.35 14.29 -47.63
C VAL D 8 -0.07 13.81 -47.93
N ILE D 9 -0.63 12.98 -47.04
CA ILE D 9 -2.04 12.55 -47.17
C ILE D 9 -2.89 13.31 -46.18
N LYS D 10 -4.00 13.87 -46.66
CA LYS D 10 -5.03 14.45 -45.81
C LYS D 10 -6.11 13.41 -45.57
N CYS D 11 -6.46 13.19 -44.31
CA CYS D 11 -7.48 12.19 -43.97
C CYS D 11 -8.16 12.54 -42.63
N LYS D 12 -9.10 11.69 -42.22
CA LYS D 12 -9.73 11.82 -40.91
C LYS D 12 -8.99 11.04 -39.82
N ALA D 13 -8.96 11.61 -38.62
CA ALA D 13 -8.47 10.93 -37.43
C ALA D 13 -9.30 11.38 -36.22
N ALA D 14 -9.35 10.53 -35.19
CA ALA D 14 -9.90 10.90 -33.89
C ALA D 14 -8.78 11.37 -32.97
N ILE D 15 -8.84 12.64 -32.55
CA ILE D 15 -7.80 13.26 -31.74
C ILE D 15 -8.26 13.51 -30.30
N ALA D 16 -7.42 13.13 -29.34
CA ALA D 16 -7.57 13.58 -27.96
C ALA D 16 -6.74 14.85 -27.79
N TRP D 17 -7.42 15.98 -27.65
CA TRP D 17 -6.76 17.28 -27.50
C TRP D 17 -6.22 17.47 -26.08
N GLU D 18 -6.90 16.88 -25.11
CA GLU D 18 -6.45 16.92 -23.72
C GLU D 18 -7.05 15.75 -22.96
N ALA D 19 -6.52 15.49 -21.76
CA ALA D 19 -6.97 14.37 -20.93
C ALA D 19 -8.37 14.64 -20.37
N GLY D 20 -9.19 13.58 -20.31
CA GLY D 20 -10.52 13.63 -19.71
C GLY D 20 -11.63 14.19 -20.58
N LYS D 21 -11.39 14.34 -21.89
CA LYS D 21 -12.40 14.82 -22.82
C LYS D 21 -12.65 13.77 -23.90
N PRO D 22 -13.88 13.75 -24.46
CA PRO D 22 -14.10 12.87 -25.59
C PRO D 22 -13.18 13.18 -26.78
N LEU D 23 -12.96 12.19 -27.63
CA LEU D 23 -12.18 12.34 -28.86
C LEU D 23 -12.96 13.20 -29.86
N CYS D 24 -12.22 13.89 -30.73
CA CYS D 24 -12.79 14.72 -31.78
C CYS D 24 -12.29 14.25 -33.13
N ILE D 25 -13.23 14.07 -34.06
CA ILE D 25 -12.89 13.76 -35.45
C ILE D 25 -12.33 15.04 -36.08
N GLU D 26 -11.11 14.96 -36.61
CA GLU D 26 -10.43 16.10 -37.21
C GLU D 26 -9.84 15.67 -38.53
N GLU D 27 -9.56 16.63 -39.40
CA GLU D 27 -8.75 16.40 -40.58
C GLU D 27 -7.29 16.57 -40.18
N VAL D 28 -6.47 15.57 -40.50
CA VAL D 28 -5.05 15.60 -40.19
C VAL D 28 -4.23 15.45 -41.47
N GLU D 29 -2.97 15.89 -41.43
CA GLU D 29 -2.03 15.64 -42.50
C GLU D 29 -1.06 14.56 -42.03
N VAL D 30 -0.92 13.49 -42.82
CA VAL D 30 0.00 12.40 -42.55
C VAL D 30 1.20 12.48 -43.51
N ALA D 31 2.39 12.69 -42.95
CA ALA D 31 3.62 12.84 -43.73
C ALA D 31 4.05 11.50 -44.32
N PRO D 32 4.80 11.53 -45.43
CA PRO D 32 5.29 10.26 -45.98
C PRO D 32 6.25 9.57 -45.00
N PRO D 33 6.41 8.24 -45.13
CA PRO D 33 7.32 7.51 -44.25
C PRO D 33 8.78 7.84 -44.54
N LYS D 34 9.58 7.98 -43.49
CA LYS D 34 11.02 8.21 -43.64
C LYS D 34 11.70 6.84 -43.62
N ALA D 35 13.03 6.82 -43.51
CA ALA D 35 13.79 5.56 -43.53
C ALA D 35 13.26 4.58 -42.47
N HIS D 36 13.09 3.33 -42.89
CA HIS D 36 12.62 2.25 -42.01
C HIS D 36 11.24 2.50 -41.39
N GLU D 37 10.37 3.15 -42.17
CA GLU D 37 8.98 3.41 -41.79
C GLU D 37 8.01 3.01 -42.92
N VAL D 38 6.78 2.74 -42.51
CA VAL D 38 5.74 2.22 -43.38
C VAL D 38 4.48 3.02 -43.14
N ARG D 39 3.87 3.54 -44.20
CA ARG D 39 2.58 4.19 -44.09
C ARG D 39 1.48 3.19 -44.45
N ILE D 40 0.51 3.07 -43.54
CA ILE D 40 -0.53 2.04 -43.62
C ILE D 40 -1.89 2.69 -43.73
N GLN D 41 -2.69 2.23 -44.69
CA GLN D 41 -4.10 2.56 -44.70
C GLN D 41 -4.83 1.61 -43.76
N ILE D 42 -5.37 2.16 -42.68
CA ILE D 42 -6.16 1.38 -41.73
C ILE D 42 -7.54 1.10 -42.34
N ILE D 43 -7.89 -0.17 -42.36
CA ILE D 43 -9.18 -0.63 -42.90
C ILE D 43 -10.21 -0.81 -41.78
N ALA D 44 -9.80 -1.50 -40.73
CA ALA D 44 -10.63 -1.72 -39.54
C ALA D 44 -9.79 -1.59 -38.27
N THR D 45 -10.37 -0.95 -37.26
CA THR D 45 -9.73 -0.82 -35.94
C THR D 45 -10.79 -1.04 -34.86
N SER D 46 -10.38 -1.61 -33.73
CA SER D 46 -11.27 -1.77 -32.58
C SER D 46 -10.76 -1.05 -31.35
N LEU D 47 -11.67 -0.87 -30.40
CA LEU D 47 -11.36 -0.19 -29.17
C LEU D 47 -10.97 -1.18 -28.07
N CYS D 48 -9.77 -0.99 -27.52
CA CYS D 48 -9.30 -1.66 -26.32
C CYS D 48 -9.43 -0.71 -25.11
N HIS D 49 -9.65 -1.24 -23.92
CA HIS D 49 -9.85 -0.39 -22.73
C HIS D 49 -8.66 0.51 -22.49
N THR D 50 -7.45 0.05 -22.85
CA THR D 50 -6.23 0.85 -22.71
C THR D 50 -6.33 2.20 -23.43
N ASP D 51 -6.99 2.23 -24.59
CA ASP D 51 -7.19 3.51 -25.31
C ASP D 51 -7.92 4.55 -24.46
N ALA D 52 -8.92 4.09 -23.70
CA ALA D 52 -9.66 4.93 -22.76
C ALA D 52 -8.82 5.30 -21.54
N THR D 53 -8.09 4.33 -20.99
CA THR D 53 -7.28 4.55 -19.79
C THR D 53 -6.24 5.65 -19.98
N VAL D 54 -5.54 5.62 -21.11
CA VAL D 54 -4.40 6.53 -21.28
C VAL D 54 -4.82 8.00 -21.46
N ILE D 55 -6.07 8.23 -21.85
CA ILE D 55 -6.60 9.59 -21.99
C ILE D 55 -7.42 10.07 -20.78
N ASP D 56 -7.51 9.24 -19.75
CA ASP D 56 -8.17 9.57 -18.49
C ASP D 56 -7.31 10.61 -17.76
N SER D 57 -7.97 11.51 -17.04
CA SER D 57 -7.30 12.56 -16.28
C SER D 57 -6.38 12.04 -15.20
N LYS D 58 -6.66 10.84 -14.69
CA LYS D 58 -5.87 10.21 -13.65
C LYS D 58 -4.62 9.51 -14.18
N PHE D 59 -4.55 9.25 -15.47
CA PHE D 59 -3.35 8.68 -16.09
C PHE D 59 -2.27 9.77 -16.18
N GLU D 60 -1.03 9.43 -15.84
CA GLU D 60 0.09 10.37 -15.90
C GLU D 60 1.12 9.95 -16.96
N GLY D 61 1.68 10.94 -17.65
CA GLY D 61 2.80 10.71 -18.59
C GLY D 61 2.47 10.59 -20.08
N LEU D 62 1.22 10.83 -20.48
CA LEU D 62 0.89 10.88 -21.91
C LEU D 62 0.96 12.34 -22.42
N ALA D 63 1.59 12.53 -23.58
CA ALA D 63 1.66 13.84 -24.22
C ALA D 63 0.46 14.03 -25.16
N PHE D 64 -0.14 15.22 -25.09
CA PHE D 64 -1.29 15.61 -25.91
C PHE D 64 -0.86 16.74 -26.82
N PRO D 65 -1.54 16.93 -27.97
CA PRO D 65 -2.65 16.14 -28.50
C PRO D 65 -2.14 14.82 -29.05
N VAL D 66 -3.01 13.82 -29.08
CA VAL D 66 -2.60 12.47 -29.43
C VAL D 66 -3.69 11.70 -30.20
N ILE D 67 -3.25 10.86 -31.13
CA ILE D 67 -4.10 9.91 -31.82
C ILE D 67 -3.83 8.53 -31.23
N VAL D 68 -4.83 8.00 -30.52
CA VAL D 68 -4.68 6.68 -29.88
C VAL D 68 -5.14 5.59 -30.86
N GLY D 69 -5.44 4.41 -30.35
CA GLY D 69 -5.74 3.26 -31.18
C GLY D 69 -4.52 2.40 -31.38
N HIS D 70 -4.64 1.12 -31.08
CA HIS D 70 -3.54 0.19 -31.26
C HIS D 70 -3.95 -1.22 -31.72
N GLU D 71 -5.23 -1.40 -32.03
CA GLU D 71 -5.80 -2.70 -32.38
C GLU D 71 -6.45 -2.54 -33.77
N ALA D 72 -5.71 -2.89 -34.82
CA ALA D 72 -6.14 -2.65 -36.22
C ALA D 72 -5.56 -3.64 -37.21
N ALA D 73 -6.10 -3.58 -38.44
CA ALA D 73 -5.53 -4.26 -39.59
C ALA D 73 -5.71 -3.35 -40.80
N GLY D 74 -4.76 -3.42 -41.73
CA GLY D 74 -4.78 -2.54 -42.88
C GLY D 74 -3.94 -3.02 -44.04
N ILE D 75 -3.69 -2.10 -44.96
CA ILE D 75 -2.98 -2.35 -46.21
C ILE D 75 -1.86 -1.33 -46.32
N VAL D 76 -0.67 -1.79 -46.69
CA VAL D 76 0.48 -0.89 -46.85
C VAL D 76 0.23 0.02 -48.03
N GLU D 77 0.30 1.32 -47.78
CA GLU D 77 0.19 2.34 -48.82
C GLU D 77 1.55 2.67 -49.43
N SER D 78 2.59 2.82 -48.61
CA SER D 78 3.95 3.09 -49.08
C SER D 78 5.00 2.77 -48.03
N ILE D 79 6.24 2.62 -48.46
CA ILE D 79 7.36 2.25 -47.59
C ILE D 79 8.49 3.27 -47.73
N GLY D 80 9.23 3.50 -46.65
CA GLY D 80 10.37 4.40 -46.68
C GLY D 80 11.62 3.69 -47.16
N PRO D 81 12.72 4.44 -47.34
CA PRO D 81 14.04 3.86 -47.64
C PRO D 81 14.47 2.73 -46.69
N GLY D 82 15.00 1.66 -47.26
CA GLY D 82 15.58 0.56 -46.49
C GLY D 82 14.62 -0.50 -46.02
N VAL D 83 13.33 -0.30 -46.27
CA VAL D 83 12.30 -1.24 -45.86
C VAL D 83 12.27 -2.44 -46.81
N THR D 84 12.46 -3.66 -46.27
CA THR D 84 12.46 -4.88 -47.08
C THR D 84 11.40 -5.90 -46.68
N ASN D 85 10.69 -5.65 -45.58
CA ASN D 85 9.81 -6.69 -45.02
C ASN D 85 8.37 -6.64 -45.55
N VAL D 86 7.98 -5.49 -46.10
CA VAL D 86 6.65 -5.32 -46.69
C VAL D 86 6.78 -4.46 -47.94
N LYS D 87 5.74 -4.49 -48.76
CA LYS D 87 5.65 -3.65 -49.96
C LYS D 87 4.22 -3.13 -50.09
N PRO D 88 4.02 -2.06 -50.90
CA PRO D 88 2.67 -1.55 -51.07
C PRO D 88 1.66 -2.63 -51.46
N GLY D 89 0.49 -2.62 -50.83
CA GLY D 89 -0.56 -3.59 -51.09
C GLY D 89 -0.62 -4.76 -50.12
N ASP D 90 0.47 -4.99 -49.38
CA ASP D 90 0.51 -6.07 -48.39
C ASP D 90 -0.50 -5.81 -47.27
N LYS D 91 -1.18 -6.87 -46.83
CA LYS D 91 -2.01 -6.79 -45.62
C LYS D 91 -1.13 -6.86 -44.39
N VAL D 92 -1.38 -5.97 -43.44
CA VAL D 92 -0.55 -5.81 -42.25
C VAL D 92 -1.37 -5.59 -40.95
N ILE D 93 -0.77 -6.00 -39.84
CA ILE D 93 -1.29 -5.66 -38.52
C ILE D 93 -0.22 -4.80 -37.82
N PRO D 94 -0.57 -3.55 -37.48
CA PRO D 94 0.37 -2.70 -36.73
C PRO D 94 0.58 -3.28 -35.33
N LEU D 95 1.82 -3.18 -34.84
CA LEU D 95 2.22 -3.81 -33.59
C LEU D 95 2.78 -2.77 -32.65
N TYR D 96 2.19 -2.65 -31.46
CA TYR D 96 2.72 -1.78 -30.41
C TYR D 96 3.91 -2.40 -29.70
N ALA D 97 4.02 -3.72 -29.76
CA ALA D 97 5.12 -4.46 -29.18
C ALA D 97 6.10 -4.71 -30.33
N PRO D 98 7.20 -3.94 -30.39
CA PRO D 98 8.15 -4.16 -31.49
C PRO D 98 8.98 -5.43 -31.35
N LEU D 99 9.62 -5.80 -32.45
CA LEU D 99 10.58 -6.90 -32.46
C LEU D 99 11.80 -6.48 -33.30
N CYS D 100 12.79 -5.86 -32.66
CA CYS D 100 14.00 -5.41 -33.37
C CYS D 100 14.93 -6.59 -33.71
N ARG D 101 14.72 -7.72 -33.02
CA ARG D 101 15.44 -9.00 -33.23
C ARG D 101 16.87 -9.08 -32.71
N LYS D 102 17.42 -7.95 -32.25
CA LYS D 102 18.85 -7.84 -31.97
C LYS D 102 19.18 -7.49 -30.52
N CYS D 103 18.22 -6.97 -29.77
CA CYS D 103 18.49 -6.54 -28.40
C CYS D 103 18.48 -7.77 -27.48
N LYS D 104 18.88 -7.56 -26.23
CA LYS D 104 18.98 -8.66 -25.25
C LYS D 104 17.64 -9.33 -24.99
N PHE D 105 16.55 -8.54 -25.02
CA PHE D 105 15.21 -9.07 -24.80
C PHE D 105 14.72 -9.84 -26.03
N CYS D 106 14.91 -9.29 -27.23
CA CYS D 106 14.52 -9.98 -28.46
C CYS D 106 15.27 -11.30 -28.65
N LEU D 107 16.51 -11.35 -28.21
CA LEU D 107 17.31 -12.58 -28.35
C LEU D 107 16.96 -13.65 -27.31
N SER D 108 16.19 -13.29 -26.28
CA SER D 108 15.79 -14.25 -25.23
C SER D 108 14.46 -14.94 -25.53
N PRO D 109 14.40 -16.27 -25.34
CA PRO D 109 13.12 -16.97 -25.43
C PRO D 109 12.19 -16.71 -24.25
N LEU D 110 12.68 -16.05 -23.20
CA LEU D 110 11.91 -15.84 -21.98
C LEU D 110 11.00 -14.63 -21.98
N THR D 111 11.09 -13.78 -23.00
CA THR D 111 10.31 -12.53 -23.05
C THR D 111 9.97 -12.12 -24.47
N ASN D 112 8.87 -11.36 -24.62
CA ASN D 112 8.54 -10.69 -25.88
C ASN D 112 8.75 -9.18 -25.83
N LEU D 113 9.38 -8.71 -24.76
CA LEU D 113 9.73 -7.30 -24.63
C LEU D 113 10.86 -6.99 -25.61
N CYS D 114 10.95 -5.73 -26.01
CA CYS D 114 12.03 -5.23 -26.86
C CYS D 114 12.55 -3.97 -26.21
N GLY D 115 13.88 -3.82 -26.24
CA GLY D 115 14.57 -2.66 -25.72
C GLY D 115 14.21 -1.32 -26.34
N LYS D 116 13.52 -1.33 -27.48
CA LYS D 116 12.99 -0.10 -28.06
C LYS D 116 12.10 0.65 -27.07
N ILE D 117 11.32 -0.10 -26.28
CA ILE D 117 10.52 0.51 -25.20
C ILE D 117 11.45 0.74 -24.00
N SER D 118 11.82 1.99 -23.77
CA SER D 118 12.71 2.36 -22.68
C SER D 118 11.95 2.81 -21.43
N ASN D 119 10.70 3.26 -21.59
CA ASN D 119 9.89 3.65 -20.45
C ASN D 119 9.23 2.42 -19.83
N LEU D 120 9.96 1.74 -18.96
CA LEU D 120 9.48 0.49 -18.36
C LEU D 120 8.48 0.70 -17.22
N LYS D 121 8.50 1.86 -16.58
CA LYS D 121 7.48 2.15 -15.55
C LYS D 121 6.09 2.40 -16.16
N SER D 122 6.04 2.82 -17.43
CA SER D 122 4.79 2.97 -18.17
C SER D 122 5.00 2.79 -19.68
N PRO D 123 4.97 1.51 -20.15
CA PRO D 123 5.17 1.24 -21.57
C PRO D 123 4.17 1.94 -22.49
N ALA D 124 2.92 2.09 -22.03
CA ALA D 124 1.87 2.74 -22.82
C ALA D 124 2.11 4.23 -23.12
N SER D 125 3.06 4.87 -22.44
CA SER D 125 3.40 6.27 -22.74
C SER D 125 4.70 6.44 -23.55
N ASP D 126 5.26 5.32 -24.02
CA ASP D 126 6.44 5.32 -24.89
C ASP D 126 5.98 5.30 -26.35
N GLN D 127 6.89 5.57 -27.28
CA GLN D 127 6.60 5.52 -28.73
C GLN D 127 5.53 6.54 -29.18
N GLN D 128 5.55 7.71 -28.57
CA GLN D 128 4.69 8.80 -29.02
C GLN D 128 5.33 9.58 -30.16
N LEU D 129 6.61 9.30 -30.41
CA LEU D 129 7.32 9.87 -31.53
C LEU D 129 7.99 8.74 -32.31
N MET D 130 8.35 9.01 -33.56
CA MET D 130 9.08 8.06 -34.37
C MET D 130 10.57 8.03 -33.91
N GLU D 131 11.39 7.21 -34.57
CA GLU D 131 12.78 6.96 -34.13
C GLU D 131 13.65 8.21 -34.14
N ASP D 132 13.40 9.09 -35.11
CA ASP D 132 14.07 10.40 -35.18
C ASP D 132 13.41 11.48 -34.30
N LYS D 133 12.59 11.06 -33.35
CA LYS D 133 11.98 11.96 -32.36
C LYS D 133 11.16 13.11 -32.97
N THR D 134 10.48 12.80 -34.07
CA THR D 134 9.47 13.69 -34.65
C THR D 134 8.20 12.89 -34.89
N SER D 135 7.13 13.60 -35.21
CA SER D 135 5.81 13.03 -35.45
C SER D 135 5.46 13.14 -36.93
N ARG D 136 4.67 12.20 -37.43
CA ARG D 136 4.19 12.20 -38.81
C ARG D 136 2.80 12.83 -38.94
N PHE D 137 2.25 13.34 -37.84
CA PHE D 137 0.90 13.90 -37.83
C PHE D 137 0.90 15.41 -37.59
N THR D 138 0.03 16.11 -38.31
CA THR D 138 -0.18 17.54 -38.14
C THR D 138 -1.67 17.81 -38.12
N CYS D 139 -2.09 18.70 -37.24
CA CYS D 139 -3.49 19.15 -37.21
C CYS D 139 -3.54 20.59 -36.75
N LYS D 140 -4.22 21.43 -37.53
CA LYS D 140 -4.34 22.86 -37.27
C LYS D 140 -2.97 23.51 -37.08
N GLY D 141 -2.04 23.15 -37.96
CA GLY D 141 -0.69 23.71 -37.98
C GLY D 141 0.24 23.26 -36.87
N LYS D 142 -0.20 22.31 -36.05
CA LYS D 142 0.60 21.84 -34.92
C LYS D 142 0.81 20.33 -34.97
N PRO D 143 1.93 19.84 -34.40
CA PRO D 143 2.14 18.39 -34.34
C PRO D 143 1.11 17.68 -33.45
N VAL D 144 0.80 16.44 -33.81
CA VAL D 144 -0.02 15.56 -33.00
C VAL D 144 0.82 14.32 -32.68
N TYR D 145 0.82 13.92 -31.42
CA TYR D 145 1.63 12.78 -30.99
C TYR D 145 1.04 11.43 -31.41
N HIS D 146 1.94 10.46 -31.58
CA HIS D 146 1.56 9.08 -31.79
C HIS D 146 1.21 8.43 -30.46
N PHE D 147 0.63 7.24 -30.54
CA PHE D 147 0.34 6.43 -29.37
C PHE D 147 0.78 4.98 -29.62
N PHE D 148 1.61 4.49 -28.70
CA PHE D 148 2.05 3.09 -28.65
C PHE D 148 2.73 2.63 -29.96
N GLY D 149 3.29 3.57 -30.70
CA GLY D 149 3.89 3.30 -32.01
C GLY D 149 2.93 2.96 -33.14
N THR D 150 1.61 3.11 -32.92
CA THR D 150 0.58 2.59 -33.84
C THR D 150 -0.42 3.65 -34.33
N SER D 151 -1.04 4.39 -33.41
CA SER D 151 -2.04 5.43 -33.73
C SER D 151 -3.05 4.99 -34.82
N THR D 152 -3.83 3.95 -34.51
CA THR D 152 -4.72 3.33 -35.50
C THR D 152 -6.08 4.01 -35.63
N PHE D 153 -6.30 5.10 -34.86
CA PHE D 153 -7.50 5.94 -35.00
C PHE D 153 -7.29 7.11 -36.00
N SER D 154 -6.40 6.91 -36.96
CA SER D 154 -6.22 7.77 -38.12
C SER D 154 -6.34 6.83 -39.32
N GLN D 155 -6.97 7.28 -40.41
CA GLN D 155 -7.19 6.40 -41.56
C GLN D 155 -5.87 5.97 -42.17
N TYR D 156 -4.89 6.88 -42.12
CA TYR D 156 -3.53 6.57 -42.48
C TYR D 156 -2.64 6.80 -41.27
N THR D 157 -1.76 5.84 -40.99
CA THR D 157 -0.79 5.99 -39.94
C THR D 157 0.60 5.61 -40.47
N VAL D 158 1.63 6.02 -39.74
CA VAL D 158 3.01 5.66 -40.08
C VAL D 158 3.62 4.95 -38.86
N VAL D 159 4.21 3.77 -39.10
CA VAL D 159 4.84 2.96 -38.07
C VAL D 159 6.25 2.57 -38.50
N SER D 160 7.11 2.24 -37.54
CA SER D 160 8.44 1.71 -37.90
C SER D 160 8.28 0.32 -38.52
N ASP D 161 9.30 -0.09 -39.29
CA ASP D 161 9.26 -1.39 -39.96
C ASP D 161 9.48 -2.59 -39.00
N ILE D 162 9.74 -2.33 -37.72
CA ILE D 162 9.71 -3.38 -36.68
C ILE D 162 8.43 -3.32 -35.82
N ASN D 163 7.48 -2.48 -36.23
CA ASN D 163 6.18 -2.31 -35.55
C ASN D 163 4.99 -2.73 -36.43
N LEU D 164 5.19 -3.76 -37.23
CA LEU D 164 4.10 -4.35 -38.01
C LEU D 164 4.45 -5.75 -38.44
N ALA D 165 3.42 -6.55 -38.72
CA ALA D 165 3.59 -7.88 -39.26
C ALA D 165 2.81 -7.95 -40.56
N LYS D 166 3.47 -8.49 -41.58
CA LYS D 166 2.81 -8.86 -42.84
C LYS D 166 2.02 -10.13 -42.61
N ILE D 167 0.79 -10.15 -43.09
CA ILE D 167 -0.11 -11.28 -42.87
C ILE D 167 -0.65 -11.85 -44.19
N ASP D 168 -1.34 -12.97 -44.09
CA ASP D 168 -1.96 -13.68 -45.22
C ASP D 168 -2.76 -12.71 -46.12
N ASP D 169 -2.53 -12.82 -47.43
CA ASP D 169 -3.23 -12.00 -48.44
C ASP D 169 -4.75 -12.18 -48.40
N ASP D 170 -5.20 -13.35 -47.95
CA ASP D 170 -6.64 -13.67 -47.81
C ASP D 170 -7.26 -13.26 -46.48
N ALA D 171 -6.51 -12.63 -45.58
CA ALA D 171 -7.00 -12.32 -44.23
C ALA D 171 -8.23 -11.41 -44.25
N ASN D 172 -9.21 -11.72 -43.39
CA ASN D 172 -10.36 -10.83 -43.15
C ASN D 172 -9.96 -9.71 -42.19
N LEU D 173 -9.73 -8.52 -42.73
CA LEU D 173 -9.23 -7.36 -41.98
C LEU D 173 -10.20 -6.84 -40.90
N GLU D 174 -11.50 -7.08 -41.10
CA GLU D 174 -12.56 -6.78 -40.12
C GLU D 174 -12.56 -7.72 -38.90
N ARG D 175 -11.78 -8.80 -38.92
CA ARG D 175 -11.66 -9.70 -37.78
C ARG D 175 -10.25 -9.85 -37.22
N VAL D 176 -9.24 -9.93 -38.10
CA VAL D 176 -7.85 -10.10 -37.63
C VAL D 176 -7.30 -8.88 -36.90
N CYS D 177 -7.96 -7.74 -37.02
CA CYS D 177 -7.62 -6.55 -36.24
C CYS D 177 -7.62 -6.80 -34.72
N LEU D 178 -8.46 -7.75 -34.28
CA LEU D 178 -8.53 -8.16 -32.88
C LEU D 178 -7.24 -8.80 -32.36
N LEU D 179 -6.43 -9.38 -33.27
CA LEU D 179 -5.13 -9.94 -32.92
C LEU D 179 -4.10 -8.86 -32.62
N GLY D 180 -4.42 -7.60 -32.95
CA GLY D 180 -3.58 -6.45 -32.66
C GLY D 180 -3.42 -6.13 -31.17
N CYS D 181 -4.34 -6.61 -30.34
CA CYS D 181 -4.14 -6.53 -28.90
C CYS D 181 -4.95 -7.56 -28.09
N GLY D 182 -6.26 -7.37 -28.06
CA GLY D 182 -7.15 -8.02 -27.11
C GLY D 182 -7.14 -9.53 -27.11
N PHE D 183 -7.39 -10.13 -28.26
CA PHE D 183 -7.36 -11.58 -28.34
C PHE D 183 -5.97 -12.13 -28.04
N SER D 184 -4.96 -11.60 -28.72
CA SER D 184 -3.60 -12.10 -28.54
C SER D 184 -3.12 -12.01 -27.09
N THR D 185 -3.50 -10.94 -26.40
CA THR D 185 -3.11 -10.73 -25.03
C THR D 185 -3.74 -11.77 -24.10
N GLY D 186 -5.05 -11.92 -24.15
CA GLY D 186 -5.74 -12.87 -23.26
C GLY D 186 -5.38 -14.32 -23.56
N TYR D 187 -5.42 -14.68 -24.84
CA TYR D 187 -5.12 -16.03 -25.28
C TYR D 187 -3.69 -16.38 -24.90
N GLY D 188 -2.76 -15.49 -25.23
CA GLY D 188 -1.37 -15.63 -24.88
C GLY D 188 -1.04 -15.59 -23.41
N ALA D 189 -1.75 -14.77 -22.63
CA ALA D 189 -1.51 -14.70 -21.19
C ALA D 189 -1.71 -16.09 -20.54
N ALA D 190 -2.75 -16.80 -20.97
CA ALA D 190 -3.06 -18.14 -20.46
C ALA D 190 -2.00 -19.16 -20.87
N ILE D 191 -1.61 -19.14 -22.14
CA ILE D 191 -0.70 -20.11 -22.69
C ILE D 191 0.77 -19.84 -22.38
N ASN D 192 1.20 -18.58 -22.53
CA ASN D 192 2.61 -18.22 -22.43
C ASN D 192 3.05 -17.70 -21.07
N ASN D 193 2.23 -16.87 -20.44
CA ASN D 193 2.65 -16.19 -19.21
C ASN D 193 2.22 -16.99 -17.97
N ALA D 194 0.93 -17.29 -17.87
CA ALA D 194 0.39 -18.13 -16.80
C ALA D 194 0.91 -19.56 -16.94
N LYS D 195 1.02 -20.03 -18.19
CA LYS D 195 1.41 -21.41 -18.51
C LYS D 195 0.43 -22.42 -17.90
N VAL D 196 -0.85 -22.18 -18.17
CA VAL D 196 -1.93 -23.08 -17.74
C VAL D 196 -1.64 -24.51 -18.20
N THR D 197 -1.83 -25.46 -17.30
CA THR D 197 -1.48 -26.84 -17.52
C THR D 197 -2.77 -27.65 -17.72
N PRO D 198 -2.67 -28.79 -18.42
CA PRO D 198 -3.79 -29.73 -18.58
C PRO D 198 -4.36 -30.23 -17.25
N GLY D 199 -5.69 -30.22 -17.14
CA GLY D 199 -6.39 -30.68 -15.93
C GLY D 199 -6.53 -29.63 -14.83
N SER D 200 -6.00 -28.44 -15.05
CA SER D 200 -5.94 -27.42 -14.00
C SER D 200 -7.26 -26.66 -13.83
N THR D 201 -7.36 -25.93 -12.73
CA THR D 201 -8.46 -25.02 -12.47
C THR D 201 -8.00 -23.57 -12.61
N CYS D 202 -8.83 -22.77 -13.29
CA CYS D 202 -8.51 -21.38 -13.60
C CYS D 202 -9.63 -20.43 -13.18
N ALA D 203 -9.26 -19.22 -12.77
CA ALA D 203 -10.20 -18.12 -12.58
C ALA D 203 -9.79 -16.97 -13.50
N VAL D 204 -10.75 -16.43 -14.25
CA VAL D 204 -10.52 -15.28 -15.12
C VAL D 204 -11.41 -14.14 -14.64
N PHE D 205 -10.78 -13.06 -14.18
CA PHE D 205 -11.49 -11.87 -13.68
C PHE D 205 -11.64 -10.84 -14.81
N GLY D 206 -12.89 -10.52 -15.14
CA GLY D 206 -13.18 -9.65 -16.27
C GLY D 206 -13.39 -10.47 -17.53
N LEU D 207 -14.59 -10.35 -18.09
CA LEU D 207 -14.98 -11.12 -19.25
C LEU D 207 -15.29 -10.18 -20.41
N GLY D 208 -14.34 -9.31 -20.71
CA GLY D 208 -14.39 -8.50 -21.92
C GLY D 208 -13.54 -9.14 -22.98
N GLY D 209 -13.00 -8.33 -23.88
CA GLY D 209 -12.21 -8.84 -25.00
C GLY D 209 -11.04 -9.69 -24.58
N VAL D 210 -10.25 -9.14 -23.65
CA VAL D 210 -9.10 -9.85 -23.11
C VAL D 210 -9.52 -11.09 -22.31
N GLY D 211 -10.47 -10.95 -21.41
CA GLY D 211 -10.86 -12.05 -20.54
C GLY D 211 -11.50 -13.23 -21.25
N LEU D 212 -12.37 -12.93 -22.23
CA LEU D 212 -12.98 -14.01 -23.02
C LEU D 212 -11.89 -14.76 -23.81
N SER D 213 -10.85 -14.04 -24.23
CA SER D 213 -9.73 -14.63 -24.94
C SER D 213 -8.87 -15.47 -24.02
N ALA D 214 -8.71 -15.06 -22.77
CA ALA D 214 -8.10 -15.87 -21.70
C ALA D 214 -8.89 -17.17 -21.43
N VAL D 215 -10.23 -17.08 -21.43
CA VAL D 215 -11.06 -18.30 -21.31
C VAL D 215 -10.73 -19.29 -22.44
N MET D 216 -10.72 -18.79 -23.67
CA MET D 216 -10.33 -19.57 -24.84
C MET D 216 -8.91 -20.14 -24.71
N GLY D 217 -7.99 -19.37 -24.14
CA GLY D 217 -6.62 -19.82 -23.91
C GLY D 217 -6.51 -20.90 -22.85
N CYS D 218 -7.20 -20.71 -21.72
CA CYS D 218 -7.25 -21.74 -20.66
C CYS D 218 -7.81 -23.05 -21.20
N LYS D 219 -8.88 -22.96 -21.99
CA LYS D 219 -9.48 -24.13 -22.59
C LYS D 219 -8.51 -24.84 -23.53
N ALA D 220 -7.88 -24.07 -24.42
CA ALA D 220 -6.90 -24.62 -25.35
C ALA D 220 -5.71 -25.29 -24.62
N ALA D 221 -5.34 -24.75 -23.46
CA ALA D 221 -4.25 -25.31 -22.65
C ALA D 221 -4.62 -26.58 -21.88
N GLY D 222 -5.90 -26.94 -21.85
CA GLY D 222 -6.36 -28.18 -21.22
C GLY D 222 -6.95 -28.04 -19.83
N ALA D 223 -7.27 -26.81 -19.43
CA ALA D 223 -7.91 -26.57 -18.12
C ALA D 223 -9.21 -27.39 -18.01
N SER D 224 -9.42 -28.01 -16.86
CA SER D 224 -10.60 -28.83 -16.64
C SER D 224 -11.71 -28.02 -16.00
N ARG D 225 -11.37 -26.90 -15.37
CA ARG D 225 -12.34 -25.99 -14.81
C ARG D 225 -11.93 -24.54 -15.05
N ILE D 226 -12.86 -23.74 -15.54
CA ILE D 226 -12.59 -22.34 -15.84
C ILE D 226 -13.72 -21.51 -15.26
N ILE D 227 -13.41 -20.73 -14.23
CA ILE D 227 -14.37 -19.87 -13.55
C ILE D 227 -14.23 -18.46 -14.09
N GLY D 228 -15.29 -17.95 -14.72
CA GLY D 228 -15.33 -16.55 -15.16
C GLY D 228 -15.97 -15.66 -14.12
N ILE D 229 -15.35 -14.51 -13.84
CA ILE D 229 -15.83 -13.54 -12.86
C ILE D 229 -16.06 -12.19 -13.56
N ASP D 230 -17.26 -11.65 -13.40
CA ASP D 230 -17.55 -10.29 -13.85
C ASP D 230 -18.64 -9.67 -13.00
N ILE D 231 -18.56 -8.35 -12.80
CA ILE D 231 -19.61 -7.56 -12.14
C ILE D 231 -20.83 -7.37 -13.06
N ASN D 232 -20.66 -7.69 -14.33
CA ASN D 232 -21.75 -7.70 -15.31
C ASN D 232 -22.11 -9.15 -15.73
N SER D 233 -23.20 -9.69 -15.20
CA SER D 233 -23.56 -11.12 -15.41
C SER D 233 -24.03 -11.46 -16.84
N GLU D 234 -24.36 -10.45 -17.62
CA GLU D 234 -24.70 -10.62 -19.03
C GLU D 234 -23.57 -11.24 -19.86
N LYS D 235 -22.33 -11.06 -19.40
CA LYS D 235 -21.14 -11.59 -20.05
C LYS D 235 -20.97 -13.11 -19.88
N PHE D 236 -21.79 -13.74 -19.04
CA PHE D 236 -21.61 -15.16 -18.72
C PHE D 236 -21.98 -16.11 -19.88
N VAL D 237 -22.97 -15.73 -20.69
CA VAL D 237 -23.43 -16.57 -21.80
C VAL D 237 -22.27 -16.81 -22.80
N LYS D 238 -21.60 -15.75 -23.22
CA LYS D 238 -20.45 -15.87 -24.11
C LYS D 238 -19.29 -16.63 -23.48
N ALA D 239 -18.99 -16.33 -22.21
CA ALA D 239 -17.88 -16.98 -21.50
C ALA D 239 -18.07 -18.49 -21.47
N LYS D 240 -19.27 -18.93 -21.13
CA LYS D 240 -19.63 -20.35 -21.11
C LYS D 240 -19.52 -20.99 -22.49
N ALA D 241 -20.05 -20.31 -23.50
CA ALA D 241 -19.96 -20.79 -24.86
C ALA D 241 -18.50 -20.95 -25.27
N LEU D 242 -17.63 -20.10 -24.72
CA LEU D 242 -16.22 -20.14 -25.06
C LEU D 242 -15.35 -21.01 -24.16
N GLY D 243 -15.95 -21.62 -23.13
CA GLY D 243 -15.26 -22.59 -22.31
C GLY D 243 -15.38 -22.48 -20.79
N ALA D 244 -15.96 -21.40 -20.28
CA ALA D 244 -16.14 -21.26 -18.84
C ALA D 244 -17.09 -22.34 -18.34
N THR D 245 -16.68 -23.05 -17.30
CA THR D 245 -17.49 -24.08 -16.66
C THR D 245 -18.35 -23.49 -15.53
N ASP D 246 -17.95 -22.36 -14.97
CA ASP D 246 -18.64 -21.69 -13.86
C ASP D 246 -18.52 -20.19 -14.07
N CYS D 247 -19.52 -19.43 -13.66
CA CYS D 247 -19.47 -17.96 -13.70
C CYS D 247 -20.03 -17.37 -12.42
N LEU D 248 -19.35 -16.37 -11.88
CA LEU D 248 -19.71 -15.75 -10.62
C LEU D 248 -19.68 -14.24 -10.75
N ASN D 249 -20.69 -13.59 -10.17
CA ASN D 249 -20.71 -12.14 -10.01
C ASN D 249 -20.43 -11.81 -8.54
N PRO D 250 -19.36 -11.04 -8.26
CA PRO D 250 -18.99 -10.66 -6.88
C PRO D 250 -20.09 -9.93 -6.10
N ARG D 251 -20.94 -9.20 -6.82
CA ARG D 251 -22.05 -8.45 -6.22
C ARG D 251 -23.18 -9.34 -5.72
N ASP D 252 -23.18 -10.62 -6.09
CA ASP D 252 -24.29 -11.52 -5.71
C ASP D 252 -24.28 -11.96 -4.24
N LEU D 253 -23.13 -11.89 -3.57
CA LEU D 253 -23.03 -12.31 -2.18
C LEU D 253 -22.21 -11.30 -1.38
N HIS D 254 -22.50 -11.19 -0.08
CA HIS D 254 -21.69 -10.38 0.83
C HIS D 254 -20.31 -11.00 1.07
N LYS D 255 -20.23 -12.34 1.00
CA LYS D 255 -18.94 -13.03 1.07
C LYS D 255 -18.02 -12.60 -0.08
N PRO D 256 -16.79 -12.16 0.24
CA PRO D 256 -15.84 -11.79 -0.79
C PRO D 256 -15.67 -12.88 -1.87
N ILE D 257 -15.58 -12.45 -3.14
CA ILE D 257 -15.53 -13.39 -4.26
C ILE D 257 -14.36 -14.39 -4.14
N GLN D 258 -13.20 -13.95 -3.66
CA GLN D 258 -12.06 -14.87 -3.45
C GLN D 258 -12.39 -16.02 -2.48
N GLU D 259 -13.20 -15.74 -1.46
CA GLU D 259 -13.65 -16.77 -0.51
C GLU D 259 -14.69 -17.72 -1.12
N VAL D 260 -15.55 -17.19 -2.00
CA VAL D 260 -16.52 -18.01 -2.73
C VAL D 260 -15.75 -19.00 -3.61
N ILE D 261 -14.70 -18.50 -4.25
CA ILE D 261 -13.89 -19.30 -5.15
C ILE D 261 -13.10 -20.37 -4.40
N ILE D 262 -12.52 -20.00 -3.27
CA ILE D 262 -11.80 -20.94 -2.41
C ILE D 262 -12.70 -22.08 -1.93
N GLU D 263 -13.92 -21.74 -1.51
CA GLU D 263 -14.87 -22.74 -1.04
C GLU D 263 -15.33 -23.65 -2.17
N LEU D 264 -15.61 -23.06 -3.32
CA LEU D 264 -16.06 -23.81 -4.50
C LEU D 264 -15.00 -24.81 -5.00
N THR D 265 -13.73 -24.42 -4.95
CA THR D 265 -12.62 -25.22 -5.44
C THR D 265 -11.91 -25.99 -4.33
N LYS D 266 -12.39 -25.86 -3.09
CA LYS D 266 -11.80 -26.48 -1.90
C LYS D 266 -10.32 -26.16 -1.76
N GLY D 267 -10.01 -24.85 -1.76
CA GLY D 267 -8.67 -24.37 -1.45
C GLY D 267 -8.10 -23.34 -2.40
N GLY D 268 -8.78 -23.09 -3.51
CA GLY D 268 -8.32 -22.09 -4.46
C GLY D 268 -7.98 -22.68 -5.82
N VAL D 269 -7.87 -21.80 -6.81
CA VAL D 269 -7.57 -22.21 -8.18
C VAL D 269 -6.07 -22.31 -8.42
N ASP D 270 -5.68 -23.09 -9.43
CA ASP D 270 -4.25 -23.21 -9.82
C ASP D 270 -3.71 -21.93 -10.50
N PHE D 271 -4.55 -21.33 -11.34
CA PHE D 271 -4.18 -20.16 -12.14
C PHE D 271 -5.30 -19.12 -12.09
N ALA D 272 -4.96 -17.92 -11.59
CA ALA D 272 -5.86 -16.77 -11.68
C ALA D 272 -5.28 -15.75 -12.66
N LEU D 273 -6.14 -15.15 -13.47
CA LEU D 273 -5.76 -14.10 -14.42
C LEU D 273 -6.69 -12.90 -14.24
N ASP D 274 -6.11 -11.74 -13.91
CA ASP D 274 -6.84 -10.48 -13.76
C ASP D 274 -6.90 -9.73 -15.10
N CYS D 275 -8.01 -9.89 -15.81
CA CYS D 275 -8.25 -9.24 -17.11
C CYS D 275 -9.23 -8.07 -17.00
N ALA D 276 -9.29 -7.47 -15.80
CA ALA D 276 -10.15 -6.30 -15.53
C ALA D 276 -9.26 -5.12 -15.12
N GLY D 277 -8.58 -5.26 -14.00
CA GLY D 277 -7.61 -4.26 -13.55
C GLY D 277 -8.08 -3.45 -12.35
N GLY D 278 -7.12 -3.00 -11.56
CA GLY D 278 -7.43 -2.23 -10.36
C GLY D 278 -7.09 -3.01 -9.13
N SER D 279 -7.16 -2.33 -7.99
CA SER D 279 -6.76 -2.90 -6.70
C SER D 279 -7.63 -4.08 -6.24
N GLU D 280 -8.93 -4.00 -6.48
CA GLU D 280 -9.86 -5.01 -5.98
C GLU D 280 -9.75 -6.30 -6.76
N THR D 281 -9.61 -6.20 -8.06
CA THR D 281 -9.44 -7.40 -8.88
C THR D 281 -8.07 -8.03 -8.66
N MET D 282 -7.02 -7.20 -8.50
CA MET D 282 -5.67 -7.72 -8.20
C MET D 282 -5.69 -8.52 -6.89
N LYS D 283 -6.32 -7.97 -5.85
CA LYS D 283 -6.43 -8.64 -4.55
CA LYS D 283 -6.46 -8.64 -4.55
C LYS D 283 -7.22 -9.95 -4.63
N ALA D 284 -8.36 -9.92 -5.30
CA ALA D 284 -9.21 -11.10 -5.44
C ALA D 284 -8.50 -12.20 -6.24
N ALA D 285 -7.81 -11.81 -7.31
CA ALA D 285 -7.02 -12.74 -8.13
C ALA D 285 -5.92 -13.46 -7.35
N LEU D 286 -5.12 -12.71 -6.58
CA LEU D 286 -4.09 -13.31 -5.73
C LEU D 286 -4.69 -14.21 -4.64
N ASP D 287 -5.67 -13.68 -3.92
CA ASP D 287 -6.30 -14.35 -2.77
C ASP D 287 -6.96 -15.70 -3.14
N CYS D 288 -7.54 -15.76 -4.34
CA CYS D 288 -8.29 -16.93 -4.75
C CYS D 288 -7.43 -18.11 -5.20
N THR D 289 -6.12 -17.90 -5.35
CA THR D 289 -5.22 -18.95 -5.81
C THR D 289 -4.88 -19.85 -4.63
N THR D 290 -4.69 -21.14 -4.94
CA THR D 290 -4.25 -22.12 -3.98
C THR D 290 -2.88 -21.75 -3.37
N ALA D 291 -2.69 -22.13 -2.11
CA ALA D 291 -1.37 -22.21 -1.53
C ALA D 291 -0.63 -23.38 -2.23
N GLY D 292 0.66 -23.51 -1.95
CA GLY D 292 1.47 -24.53 -2.57
C GLY D 292 2.06 -24.12 -3.91
N TRP D 293 1.19 -23.93 -4.90
CA TRP D 293 1.62 -23.69 -6.28
C TRP D 293 0.75 -22.68 -7.04
N GLY D 294 -0.09 -21.93 -6.34
CA GLY D 294 -0.98 -20.96 -6.98
C GLY D 294 -0.23 -19.94 -7.83
N SER D 295 -0.79 -19.62 -8.98
CA SER D 295 -0.22 -18.65 -9.89
C SER D 295 -1.24 -17.55 -10.17
N CYS D 296 -0.77 -16.31 -10.05
CA CYS D 296 -1.58 -15.14 -10.34
C CYS D 296 -0.91 -14.24 -11.41
N THR D 297 -1.62 -14.06 -12.52
CA THR D 297 -1.12 -13.27 -13.65
C THR D 297 -1.89 -11.96 -13.76
N PHE D 298 -1.19 -10.85 -13.65
CA PHE D 298 -1.79 -9.52 -13.84
C PHE D 298 -1.76 -9.10 -15.32
N ILE D 299 -2.92 -8.66 -15.82
CA ILE D 299 -3.07 -8.19 -17.19
C ILE D 299 -3.66 -6.78 -17.19
N GLY D 300 -4.79 -6.62 -16.50
CA GLY D 300 -5.51 -5.38 -16.42
C GLY D 300 -4.81 -4.28 -15.64
N VAL D 301 -5.04 -3.05 -16.09
CA VAL D 301 -4.56 -1.84 -15.41
C VAL D 301 -5.73 -0.88 -15.25
N ALA D 302 -5.66 -0.01 -14.25
CA ALA D 302 -6.69 1.00 -14.05
C ALA D 302 -6.03 2.34 -13.83
N ALA D 303 -6.51 3.39 -14.50
CA ALA D 303 -5.97 4.76 -14.33
C ALA D 303 -6.06 5.21 -12.87
N GLY D 304 -4.94 5.68 -12.32
CA GLY D 304 -4.88 6.14 -10.94
C GLY D 304 -4.95 5.07 -9.86
N SER D 305 -4.83 3.81 -10.24
CA SER D 305 -4.87 2.73 -9.25
C SER D 305 -3.68 2.83 -8.33
N LYS D 306 -3.90 2.46 -7.07
CA LYS D 306 -2.82 2.39 -6.10
C LYS D 306 -2.27 0.95 -6.02
N GLY D 307 -2.63 0.11 -7.00
CA GLY D 307 -2.15 -1.26 -7.10
C GLY D 307 -2.54 -2.10 -5.90
N LEU D 308 -1.69 -3.06 -5.56
CA LEU D 308 -1.97 -4.05 -4.51
C LEU D 308 -0.85 -4.10 -3.46
N THR D 309 -1.22 -3.97 -2.20
CA THR D 309 -0.31 -4.23 -1.08
C THR D 309 -0.20 -5.73 -0.81
N VAL D 310 1.03 -6.24 -0.87
CA VAL D 310 1.32 -7.67 -0.69
C VAL D 310 2.26 -7.88 0.52
N PHE D 311 1.88 -8.85 1.35
CA PHE D 311 2.69 -9.30 2.47
C PHE D 311 3.50 -10.50 1.98
N PRO D 312 4.72 -10.69 2.52
CA PRO D 312 5.61 -11.80 2.09
C PRO D 312 4.96 -13.16 2.36
N GLU D 313 4.17 -13.25 3.42
CA GLU D 313 3.46 -14.52 3.77
C GLU D 313 2.58 -15.03 2.62
N GLU D 314 2.04 -14.12 1.84
CA GLU D 314 1.20 -14.48 0.68
C GLU D 314 1.99 -15.20 -0.42
N LEU D 315 3.32 -14.99 -0.46
CA LEU D 315 4.19 -15.70 -1.40
C LEU D 315 4.87 -16.91 -0.75
N ILE D 316 5.24 -16.78 0.54
CA ILE D 316 5.85 -17.84 1.36
C ILE D 316 5.04 -19.15 1.36
N ILE D 317 3.70 -19.02 1.36
CA ILE D 317 2.82 -20.20 1.32
C ILE D 317 2.71 -20.86 -0.07
N GLY D 318 3.38 -20.27 -1.07
CA GLY D 318 3.62 -20.93 -2.34
C GLY D 318 2.83 -20.33 -3.49
N ARG D 319 2.82 -19.02 -3.60
CA ARG D 319 2.25 -18.33 -4.75
C ARG D 319 3.35 -17.81 -5.65
N THR D 320 3.01 -17.72 -6.95
CA THR D 320 3.85 -17.05 -7.95
C THR D 320 3.01 -15.94 -8.55
N ILE D 321 3.61 -14.75 -8.69
CA ILE D 321 2.95 -13.62 -9.35
C ILE D 321 3.73 -13.23 -10.60
N ASN D 322 3.03 -13.08 -11.71
CA ASN D 322 3.64 -12.59 -12.94
C ASN D 322 2.67 -11.69 -13.72
N GLY D 323 3.03 -11.33 -14.94
CA GLY D 323 2.19 -10.45 -15.77
C GLY D 323 2.38 -10.74 -17.24
N THR D 324 1.57 -10.09 -18.08
CA THR D 324 1.69 -10.26 -19.53
C THR D 324 1.91 -8.89 -20.19
N PHE D 325 2.66 -8.91 -21.29
CA PHE D 325 2.69 -7.79 -22.24
C PHE D 325 2.36 -8.40 -23.60
N PHE D 326 1.20 -8.03 -24.17
CA PHE D 326 0.76 -8.56 -25.46
C PHE D 326 0.81 -10.10 -25.53
N GLY D 327 0.38 -10.76 -24.45
CA GLY D 327 0.23 -12.23 -24.42
C GLY D 327 1.51 -13.06 -24.51
N GLY D 328 2.66 -12.44 -24.35
CA GLY D 328 3.94 -13.12 -24.40
C GLY D 328 4.41 -13.50 -25.79
N TRP D 329 3.72 -13.00 -26.83
CA TRP D 329 4.06 -13.35 -28.22
C TRP D 329 5.19 -12.49 -28.76
N LYS D 330 6.23 -13.12 -29.32
CA LYS D 330 7.21 -12.43 -30.16
C LYS D 330 6.44 -11.91 -31.36
N SER D 331 6.17 -10.61 -31.35
CA SER D 331 5.06 -10.04 -32.11
C SER D 331 5.10 -10.30 -33.63
N VAL D 332 6.20 -9.89 -34.26
CA VAL D 332 6.31 -9.98 -35.73
C VAL D 332 6.25 -11.43 -36.24
N ASP D 333 6.81 -12.36 -35.46
CA ASP D 333 6.84 -13.77 -35.84
C ASP D 333 5.54 -14.50 -35.54
N SER D 334 4.92 -14.18 -34.42
CA SER D 334 3.76 -14.92 -33.94
C SER D 334 2.42 -14.49 -34.54
N ILE D 335 2.26 -13.21 -34.84
CA ILE D 335 0.98 -12.69 -35.32
C ILE D 335 0.54 -13.30 -36.68
N PRO D 336 1.47 -13.43 -37.66
CA PRO D 336 1.11 -14.13 -38.90
C PRO D 336 0.65 -15.58 -38.68
N LYS D 337 1.25 -16.25 -37.69
CA LYS D 337 0.84 -17.62 -37.31
C LYS D 337 -0.56 -17.65 -36.68
N LEU D 338 -0.86 -16.66 -35.86
CA LEU D 338 -2.18 -16.53 -35.27
C LEU D 338 -3.23 -16.24 -36.35
N VAL D 339 -2.87 -15.44 -37.35
CA VAL D 339 -3.75 -15.18 -38.50
C VAL D 339 -4.07 -16.49 -39.23
N THR D 340 -3.06 -17.34 -39.44
CA THR D 340 -3.25 -18.67 -40.05
C THR D 340 -4.10 -19.59 -39.16
N ASP D 341 -3.84 -19.60 -37.86
CA ASP D 341 -4.65 -20.38 -36.91
C ASP D 341 -6.12 -20.02 -37.02
N TYR D 342 -6.41 -18.72 -37.13
CA TYR D 342 -7.79 -18.23 -37.26
C TYR D 342 -8.45 -18.72 -38.55
N LYS D 343 -7.70 -18.69 -39.65
CA LYS D 343 -8.12 -19.27 -40.93
C LYS D 343 -8.48 -20.75 -40.80
N ASN D 344 -7.70 -21.45 -39.98
CA ASN D 344 -7.93 -22.87 -39.71
C ASN D 344 -8.88 -23.14 -38.56
N LYS D 345 -9.60 -22.11 -38.11
CA LYS D 345 -10.65 -22.27 -37.10
C LYS D 345 -10.16 -22.78 -35.75
N LYS D 346 -8.97 -22.37 -35.34
CA LYS D 346 -8.40 -22.82 -34.07
C LYS D 346 -9.11 -22.17 -32.88
N PHE D 347 -9.64 -20.98 -33.08
CA PHE D 347 -10.32 -20.24 -32.02
C PHE D 347 -11.40 -19.33 -32.61
N ASN D 348 -12.31 -18.90 -31.75
CA ASN D 348 -13.49 -18.14 -32.16
C ASN D 348 -13.34 -16.63 -31.95
N LEU D 349 -12.80 -15.93 -32.94
CA LEU D 349 -12.67 -14.46 -32.90
C LEU D 349 -13.98 -13.74 -33.08
N ASP D 350 -14.86 -14.31 -33.90
CA ASP D 350 -16.15 -13.70 -34.21
C ASP D 350 -17.01 -13.49 -32.96
N ALA D 351 -16.86 -14.37 -31.97
CA ALA D 351 -17.61 -14.26 -30.71
C ALA D 351 -17.25 -12.96 -29.96
N LEU D 352 -16.06 -12.43 -30.19
CA LEU D 352 -15.64 -11.17 -29.55
C LEU D 352 -16.36 -9.92 -30.11
N VAL D 353 -16.83 -10.00 -31.35
CA VAL D 353 -17.43 -8.84 -32.02
C VAL D 353 -18.94 -8.77 -31.73
N THR D 354 -19.35 -7.71 -31.01
CA THR D 354 -20.75 -7.50 -30.67
C THR D 354 -21.36 -6.35 -31.47
N HIS D 355 -20.52 -5.46 -31.99
CA HIS D 355 -20.97 -4.25 -32.65
C HIS D 355 -19.99 -3.88 -33.75
N THR D 356 -20.49 -3.20 -34.77
CA THR D 356 -19.62 -2.51 -35.73
C THR D 356 -20.21 -1.13 -35.97
N LEU D 357 -19.37 -0.17 -36.30
CA LEU D 357 -19.79 1.20 -36.49
C LEU D 357 -18.88 1.83 -37.53
N PRO D 358 -19.37 2.87 -38.25
CA PRO D 358 -18.46 3.70 -39.00
C PRO D 358 -17.55 4.47 -38.05
N PHE D 359 -16.34 4.76 -38.49
CA PHE D 359 -15.35 5.38 -37.62
C PHE D 359 -15.82 6.72 -37.01
N ASP D 360 -16.60 7.49 -37.76
CA ASP D 360 -17.14 8.77 -37.28
C ASP D 360 -17.96 8.65 -35.99
N LYS D 361 -18.53 7.46 -35.74
CA LYS D 361 -19.29 7.19 -34.53
C LYS D 361 -18.42 6.54 -33.44
N ILE D 362 -17.11 6.80 -33.49
CA ILE D 362 -16.16 6.27 -32.49
C ILE D 362 -16.60 6.54 -31.04
N SER D 363 -17.22 7.69 -30.80
CA SER D 363 -17.69 8.02 -29.46
C SER D 363 -18.74 7.03 -28.92
N GLU D 364 -19.60 6.52 -29.81
CA GLU D 364 -20.54 5.45 -29.45
C GLU D 364 -19.84 4.15 -29.01
N ALA D 365 -18.68 3.86 -29.59
CA ALA D 365 -17.87 2.70 -29.17
C ALA D 365 -17.41 2.86 -27.72
N PHE D 366 -16.92 4.06 -27.38
CA PHE D 366 -16.52 4.37 -26.00
C PHE D 366 -17.72 4.27 -25.04
N ASP D 367 -18.87 4.78 -25.48
CA ASP D 367 -20.11 4.68 -24.70
C ASP D 367 -20.53 3.24 -24.43
N LEU D 368 -20.52 2.42 -25.49
CA LEU D 368 -20.83 0.99 -25.38
C LEU D 368 -19.92 0.27 -24.41
N MET D 369 -18.61 0.58 -24.45
CA MET D 369 -17.66 -0.02 -23.52
C MET D 369 -17.97 0.43 -22.09
N ASN D 370 -18.32 1.70 -21.90
CA ASN D 370 -18.64 2.23 -20.56
C ASN D 370 -19.95 1.74 -19.96
N GLN D 371 -20.91 1.41 -20.81
CA GLN D 371 -22.19 0.88 -20.38
C GLN D 371 -22.18 -0.65 -20.28
N GLY D 372 -21.03 -1.27 -20.58
CA GLY D 372 -20.90 -2.72 -20.57
C GLY D 372 -21.79 -3.45 -21.56
N LYS D 373 -22.12 -2.79 -22.66
CA LYS D 373 -22.97 -3.38 -23.69
C LYS D 373 -22.16 -4.13 -24.76
N SER D 374 -20.87 -3.80 -24.89
CA SER D 374 -20.07 -4.40 -25.93
C SER D 374 -19.01 -5.32 -25.36
N ILE D 375 -18.46 -6.15 -26.23
CA ILE D 375 -17.18 -6.80 -25.99
C ILE D 375 -16.16 -6.05 -26.85
N ARG D 376 -16.15 -6.33 -28.15
CA ARG D 376 -15.38 -5.53 -29.08
C ARG D 376 -16.31 -4.93 -30.12
N THR D 377 -16.10 -3.64 -30.38
CA THR D 377 -16.72 -2.93 -31.49
C THR D 377 -15.69 -2.71 -32.61
N ILE D 378 -16.02 -3.15 -33.82
CA ILE D 378 -15.19 -2.93 -35.01
C ILE D 378 -15.56 -1.58 -35.62
N LEU D 379 -14.59 -0.69 -35.73
CA LEU D 379 -14.78 0.60 -36.41
C LEU D 379 -14.23 0.54 -37.83
N ILE D 380 -15.06 0.92 -38.79
CA ILE D 380 -14.76 0.83 -40.22
C ILE D 380 -14.52 2.22 -40.79
N PHE D 381 -13.34 2.42 -41.37
CA PHE D 381 -13.01 3.68 -42.04
C PHE D 381 -13.65 3.79 -43.42
#